data_7WZG
#
_entry.id   7WZG
#
_cell.length_a   245.111
_cell.length_b   245.111
_cell.length_c   81.653
_cell.angle_alpha   90.000
_cell.angle_beta   90.000
_cell.angle_gamma   120.000
#
_symmetry.space_group_name_H-M   'H 3'
#
loop_
_entity.id
_entity.type
_entity.pdbx_description
1 polymer 'Cypemycin N-terminal methyltransferase'
2 non-polymer S-ADENOSYL-L-HOMOCYSTEINE
3 water water
#
_entity_poly.entity_id   1
_entity_poly.type   'polypeptide(L)'
_entity_poly.pdbx_seq_one_letter_code
;MGSSHHHHHHSSGLVPRGSHMSDPSVYDETAIEAYDLVSSMLSPGAGLVAWVSSHRPLDGRTVLDLGCGTGVSSFALAEA
GARVVAVDASRPSLDMLEKKRLDRDVEAVEGDFRDLTFDSTFDVVTMSRNTFFLAQEQEEKIALLRGIARHLKPGGAAFL
DCTDPAEFQRAGGDARSVTYPLGRDRMVTVTQTADRAGQQILSIFLVQGATTLTAFHEQATWATLAEIRLMARIAGLEVT
GVDGSYAGEPYTARSREMLVVLERQ
;
_entity_poly.pdbx_strand_id   A,B,C,D,E,F
#
# COMPACT_ATOMS: atom_id res chain seq x y z
N THR A 30 -19.10 22.57 -26.94
CA THR A 30 -18.32 21.42 -27.42
C THR A 30 -17.79 20.59 -26.24
N ALA A 31 -17.34 21.27 -25.18
CA ALA A 31 -17.14 20.57 -23.93
C ALA A 31 -18.42 19.86 -23.49
N ILE A 32 -19.57 20.43 -23.84
CA ILE A 32 -20.84 19.78 -23.55
C ILE A 32 -20.96 18.48 -24.33
N GLU A 33 -20.59 18.50 -25.62
CA GLU A 33 -20.57 17.28 -26.42
C GLU A 33 -19.61 16.26 -25.83
N ALA A 34 -18.41 16.70 -25.45
CA ALA A 34 -17.45 15.79 -24.85
C ALA A 34 -17.97 15.22 -23.53
N TYR A 35 -18.57 16.06 -22.69
CA TYR A 35 -19.11 15.56 -21.42
C TYR A 35 -20.23 14.56 -21.67
N ASP A 36 -21.11 14.85 -22.64
CA ASP A 36 -22.20 13.93 -22.89
C ASP A 36 -21.67 12.56 -23.29
N LEU A 37 -20.61 12.53 -24.12
CA LEU A 37 -20.01 11.27 -24.54
C LEU A 37 -19.41 10.52 -23.36
N VAL A 38 -18.69 11.22 -22.49
CA VAL A 38 -18.05 10.59 -21.33
C VAL A 38 -19.12 9.98 -20.42
N SER A 39 -20.15 10.77 -20.11
CA SER A 39 -21.18 10.27 -19.21
C SER A 39 -21.97 9.13 -19.82
N SER A 40 -22.30 9.24 -21.11
CA SER A 40 -23.12 8.21 -21.75
C SER A 40 -22.43 6.86 -21.70
N MET A 41 -21.10 6.84 -21.82
CA MET A 41 -20.38 5.59 -21.89
C MET A 41 -19.78 5.14 -20.55
N LEU A 42 -19.37 6.06 -19.69
CA LEU A 42 -18.77 5.70 -18.42
C LEU A 42 -19.73 5.70 -17.25
N SER A 43 -20.86 6.41 -17.32
CA SER A 43 -21.87 6.35 -16.26
C SER A 43 -23.26 6.42 -16.88
N PRO A 44 -23.67 5.36 -17.59
CA PRO A 44 -25.02 5.32 -18.15
C PRO A 44 -26.07 5.33 -17.06
N GLY A 45 -27.27 5.74 -17.44
CA GLY A 45 -28.33 5.86 -16.45
C GLY A 45 -28.93 4.55 -15.98
N ALA A 46 -28.65 3.45 -16.68
CA ALA A 46 -29.30 2.18 -16.36
C ALA A 46 -29.04 1.76 -14.92
N GLY A 47 -27.83 2.02 -14.41
CA GLY A 47 -27.53 1.65 -13.04
C GLY A 47 -28.39 2.39 -12.03
N LEU A 48 -28.41 3.71 -12.14
CA LEU A 48 -29.27 4.53 -11.29
C LEU A 48 -30.73 4.09 -11.38
N VAL A 49 -31.20 3.82 -12.59
CA VAL A 49 -32.60 3.45 -12.79
C VAL A 49 -32.90 2.13 -12.09
N ALA A 50 -32.03 1.13 -12.28
CA ALA A 50 -32.23 -0.14 -11.58
C ALA A 50 -32.25 0.03 -10.07
N TRP A 51 -31.35 0.87 -9.53
CA TRP A 51 -31.29 1.05 -8.08
C TRP A 51 -32.55 1.73 -7.58
N VAL A 52 -32.95 2.82 -8.22
CA VAL A 52 -34.15 3.52 -7.79
C VAL A 52 -35.37 2.59 -7.90
N SER A 53 -35.44 1.81 -8.97
CA SER A 53 -36.57 0.91 -9.17
C SER A 53 -36.73 -0.06 -8.00
N SER A 54 -35.61 -0.60 -7.50
CA SER A 54 -35.65 -1.57 -6.42
C SER A 54 -36.21 -0.98 -5.12
N HIS A 55 -36.43 0.34 -5.05
CA HIS A 55 -37.00 0.96 -3.86
C HIS A 55 -38.37 1.60 -4.11
N ARG A 56 -38.63 2.11 -5.31
CA ARG A 56 -39.87 2.79 -5.66
C ARG A 56 -40.16 2.49 -7.13
N PRO A 57 -41.43 2.33 -7.50
CA PRO A 57 -41.76 2.15 -8.91
C PRO A 57 -41.68 3.47 -9.66
N LEU A 58 -41.27 3.38 -10.93
CA LEU A 58 -41.09 4.55 -11.75
C LEU A 58 -42.12 4.69 -12.86
N ASP A 59 -42.75 3.59 -13.29
CA ASP A 59 -43.71 3.63 -14.38
C ASP A 59 -44.89 4.54 -14.03
N GLY A 60 -45.03 5.63 -14.79
CA GLY A 60 -46.13 6.56 -14.60
C GLY A 60 -45.97 7.53 -13.44
N ARG A 61 -44.79 7.59 -12.83
CA ARG A 61 -44.54 8.46 -11.68
C ARG A 61 -43.83 9.74 -12.10
N THR A 62 -43.95 10.76 -11.25
CA THR A 62 -43.20 12.00 -11.42
C THR A 62 -41.81 11.86 -10.79
N VAL A 63 -40.79 12.37 -11.48
CA VAL A 63 -39.41 12.29 -11.03
C VAL A 63 -38.74 13.63 -11.25
N LEU A 64 -38.09 14.14 -10.20
CA LEU A 64 -37.29 15.36 -10.28
C LEU A 64 -35.82 14.97 -10.34
N ASP A 65 -35.17 15.21 -11.48
CA ASP A 65 -33.77 14.86 -11.71
C ASP A 65 -32.94 16.13 -11.63
N LEU A 66 -32.16 16.25 -10.55
CA LEU A 66 -31.41 17.46 -10.22
C LEU A 66 -29.98 17.34 -10.73
N GLY A 67 -29.48 18.40 -11.36
CA GLY A 67 -28.21 18.33 -12.05
C GLY A 67 -28.29 17.34 -13.20
N CYS A 68 -29.36 17.47 -13.98
CA CYS A 68 -29.66 16.51 -15.04
C CYS A 68 -28.61 16.51 -16.15
N GLY A 69 -27.84 17.59 -16.29
CA GLY A 69 -26.83 17.66 -17.33
C GLY A 69 -27.43 17.56 -18.71
N THR A 70 -26.78 16.78 -19.57
CA THR A 70 -27.30 16.52 -20.92
C THR A 70 -28.31 15.37 -20.94
N GLY A 71 -28.75 14.92 -19.77
CA GLY A 71 -29.87 14.01 -19.70
C GLY A 71 -29.57 12.53 -19.76
N VAL A 72 -28.32 12.11 -19.55
CA VAL A 72 -28.04 10.67 -19.50
C VAL A 72 -28.94 10.02 -18.44
N SER A 73 -28.98 10.61 -17.25
CA SER A 73 -29.84 10.08 -16.19
C SER A 73 -31.32 10.29 -16.51
N SER A 74 -31.67 11.51 -16.94
CA SER A 74 -33.08 11.85 -17.16
C SER A 74 -33.72 10.93 -18.19
N PHE A 75 -32.99 10.62 -19.27
CA PHE A 75 -33.59 9.81 -20.33
C PHE A 75 -33.73 8.36 -19.91
N ALA A 76 -32.77 7.83 -19.14
CA ALA A 76 -32.93 6.48 -18.61
C ALA A 76 -34.16 6.40 -17.72
N LEU A 77 -34.42 7.45 -16.93
CA LEU A 77 -35.58 7.46 -16.05
C LEU A 77 -36.87 7.54 -16.85
N ALA A 78 -36.90 8.42 -17.86
CA ALA A 78 -38.09 8.53 -18.72
C ALA A 78 -38.38 7.21 -19.41
N GLU A 79 -37.33 6.48 -19.85
CA GLU A 79 -37.55 5.22 -20.54
C GLU A 79 -38.09 4.15 -19.60
N ALA A 80 -37.93 4.34 -18.29
CA ALA A 80 -38.55 3.46 -17.31
C ALA A 80 -40.02 3.81 -17.06
N GLY A 81 -40.57 4.76 -17.81
CA GLY A 81 -41.97 5.13 -17.66
C GLY A 81 -42.25 6.33 -16.80
N ALA A 82 -41.23 7.07 -16.37
CA ALA A 82 -41.45 8.20 -15.46
C ALA A 82 -41.65 9.48 -16.24
N ARG A 83 -42.36 10.42 -15.63
CA ARG A 83 -42.50 11.78 -16.16
C ARG A 83 -41.48 12.63 -15.42
N VAL A 84 -40.49 13.12 -16.14
CA VAL A 84 -39.28 13.68 -15.53
C VAL A 84 -39.24 15.18 -15.74
N VAL A 85 -39.06 15.90 -14.64
CA VAL A 85 -38.61 17.30 -14.68
C VAL A 85 -37.12 17.28 -14.38
N ALA A 86 -36.35 17.89 -15.27
CA ALA A 86 -34.90 17.79 -15.24
C ALA A 86 -34.34 19.19 -15.07
N VAL A 87 -33.60 19.41 -13.97
CA VAL A 87 -33.09 20.73 -13.61
C VAL A 87 -31.58 20.74 -13.75
N ASP A 88 -31.05 21.78 -14.41
CA ASP A 88 -29.61 22.01 -14.44
C ASP A 88 -29.39 23.51 -14.47
N ALA A 89 -28.22 23.92 -13.99
CA ALA A 89 -27.83 25.33 -14.09
C ALA A 89 -27.10 25.64 -15.38
N SER A 90 -26.67 24.63 -16.14
CA SER A 90 -25.92 24.83 -17.38
C SER A 90 -26.89 24.87 -18.56
N ARG A 91 -27.15 26.07 -19.08
CA ARG A 91 -28.04 26.18 -20.24
C ARG A 91 -27.49 25.45 -21.47
N PRO A 92 -26.20 25.54 -21.81
CA PRO A 92 -25.68 24.71 -22.90
C PRO A 92 -25.91 23.22 -22.70
N SER A 93 -25.94 22.76 -21.45
CA SER A 93 -26.24 21.35 -21.20
C SER A 93 -27.71 21.04 -21.49
N LEU A 94 -28.61 21.93 -21.05
CA LEU A 94 -30.03 21.72 -21.32
C LEU A 94 -30.33 21.79 -22.82
N ASP A 95 -29.56 22.60 -23.56
CA ASP A 95 -29.68 22.64 -25.02
C ASP A 95 -29.42 21.26 -25.62
N MET A 96 -28.36 20.61 -25.14
CA MET A 96 -28.05 19.27 -25.62
C MET A 96 -29.15 18.28 -25.22
N LEU A 97 -29.64 18.39 -23.98
CA LEU A 97 -30.74 17.55 -23.55
C LEU A 97 -31.91 17.66 -24.50
N GLU A 98 -32.35 18.89 -24.79
CA GLU A 98 -33.53 19.08 -25.62
C GLU A 98 -33.29 18.60 -27.05
N LYS A 99 -32.06 18.79 -27.54
CA LYS A 99 -31.67 18.21 -28.82
C LYS A 99 -31.82 16.69 -28.82
N LYS A 100 -31.47 16.05 -27.72
CA LYS A 100 -31.49 14.60 -27.65
C LYS A 100 -32.86 14.02 -27.36
N ARG A 101 -33.81 14.85 -26.95
CA ARG A 101 -35.01 14.35 -26.27
C ARG A 101 -35.88 13.51 -27.19
N LEU A 102 -36.17 13.99 -28.40
CA LEU A 102 -37.13 13.34 -29.29
C LEU A 102 -38.48 13.28 -28.57
N ASP A 103 -39.08 12.11 -28.38
CA ASP A 103 -40.41 11.98 -27.79
C ASP A 103 -40.36 11.58 -26.31
N ARG A 104 -39.20 11.62 -25.67
CA ARG A 104 -39.11 11.21 -24.29
C ARG A 104 -39.76 12.25 -23.39
N ASP A 105 -40.39 11.78 -22.31
CA ASP A 105 -41.18 12.64 -21.43
C ASP A 105 -40.27 13.32 -20.40
N VAL A 106 -39.57 14.37 -20.84
CA VAL A 106 -38.62 15.09 -20.00
C VAL A 106 -38.81 16.59 -20.23
N GLU A 107 -39.08 17.33 -19.16
CA GLU A 107 -39.14 18.79 -19.19
C GLU A 107 -37.83 19.36 -18.65
N ALA A 108 -37.13 20.15 -19.48
CA ALA A 108 -35.87 20.77 -19.11
C ALA A 108 -36.10 22.11 -18.44
N VAL A 109 -35.44 22.34 -17.31
CA VAL A 109 -35.63 23.52 -16.48
C VAL A 109 -34.27 24.08 -16.07
N GLU A 110 -34.05 25.36 -16.33
CA GLU A 110 -32.86 26.02 -15.83
C GLU A 110 -33.08 26.43 -14.37
N GLY A 111 -32.15 26.07 -13.50
CA GLY A 111 -32.29 26.38 -12.08
C GLY A 111 -31.04 25.97 -11.31
N ASP A 112 -30.96 26.48 -10.09
CA ASP A 112 -29.90 26.12 -9.15
C ASP A 112 -30.50 25.23 -8.07
N PHE A 113 -30.04 23.98 -7.98
CA PHE A 113 -30.67 23.10 -7.00
C PHE A 113 -30.32 23.48 -5.54
N ARG A 114 -29.44 24.47 -5.31
CA ARG A 114 -29.30 25.01 -3.96
C ARG A 114 -30.45 25.93 -3.57
N ASP A 115 -31.31 26.29 -4.53
CA ASP A 115 -32.41 27.22 -4.28
C ASP A 115 -33.45 27.04 -5.38
N LEU A 116 -34.24 25.97 -5.31
CA LEU A 116 -35.22 25.67 -6.34
C LEU A 116 -36.43 26.57 -6.18
N THR A 117 -36.71 27.38 -7.20
CA THR A 117 -37.71 28.45 -7.11
C THR A 117 -39.02 28.11 -7.80
N PHE A 118 -39.39 26.83 -7.87
CA PHE A 118 -40.70 26.40 -8.36
C PHE A 118 -41.31 25.42 -7.37
N ASP A 119 -42.61 25.19 -7.51
CA ASP A 119 -43.42 24.68 -6.41
C ASP A 119 -43.90 23.24 -6.57
N SER A 120 -43.57 22.55 -7.67
CA SER A 120 -44.12 21.23 -7.88
C SER A 120 -43.58 20.23 -6.84
N THR A 121 -44.36 19.17 -6.66
CA THR A 121 -44.11 18.13 -5.66
C THR A 121 -43.99 16.80 -6.39
N PHE A 122 -43.00 15.98 -6.03
CA PHE A 122 -42.74 14.76 -6.84
C PHE A 122 -42.72 13.47 -6.05
N ASP A 123 -42.87 12.38 -6.78
CA ASP A 123 -42.82 11.02 -6.18
C ASP A 123 -41.36 10.65 -5.88
N VAL A 124 -40.42 10.99 -6.77
CA VAL A 124 -39.03 10.56 -6.67
C VAL A 124 -38.15 11.75 -7.05
N VAL A 125 -37.06 11.93 -6.30
CA VAL A 125 -36.04 12.92 -6.63
C VAL A 125 -34.72 12.18 -6.76
N THR A 126 -34.02 12.43 -7.87
CA THR A 126 -32.75 11.74 -8.12
C THR A 126 -31.62 12.75 -8.30
N MET A 127 -30.41 12.35 -7.87
CA MET A 127 -29.19 13.02 -8.28
C MET A 127 -28.21 11.93 -8.72
N SER A 128 -27.75 12.02 -9.97
CA SER A 128 -26.87 11.01 -10.54
C SER A 128 -25.50 11.05 -9.86
N ARG A 129 -24.69 10.04 -10.19
CA ARG A 129 -23.40 9.77 -9.53
C ARG A 129 -22.61 11.04 -9.20
N ASN A 130 -22.51 11.33 -7.90
CA ASN A 130 -21.68 12.37 -7.29
C ASN A 130 -22.16 13.79 -7.55
N THR A 131 -23.33 13.98 -8.17
CA THR A 131 -23.86 15.31 -8.37
C THR A 131 -24.17 16.00 -7.05
N PHE A 132 -24.60 15.24 -6.04
CA PHE A 132 -24.82 15.78 -4.70
C PHE A 132 -23.59 16.50 -4.16
N PHE A 133 -22.40 16.04 -4.53
CA PHE A 133 -21.17 16.66 -4.07
C PHE A 133 -20.88 17.98 -4.76
N LEU A 134 -21.69 18.39 -5.74
CA LEU A 134 -21.42 19.65 -6.42
C LEU A 134 -22.13 20.83 -5.77
N ALA A 135 -22.98 20.58 -4.79
CA ALA A 135 -23.27 21.61 -3.80
C ALA A 135 -22.09 21.58 -2.83
N GLN A 136 -21.21 22.58 -2.91
CA GLN A 136 -19.89 22.41 -2.32
C GLN A 136 -19.91 22.52 -0.80
N GLU A 137 -20.28 23.68 -0.27
CA GLU A 137 -20.23 23.89 1.18
C GLU A 137 -21.31 23.06 1.87
N GLN A 138 -21.09 22.79 3.15
CA GLN A 138 -22.08 22.05 3.91
C GLN A 138 -23.43 22.76 3.92
N GLU A 139 -23.42 24.09 4.09
CA GLU A 139 -24.68 24.85 4.11
C GLU A 139 -25.38 24.78 2.76
N GLU A 140 -24.61 24.75 1.67
CA GLU A 140 -25.19 24.54 0.35
C GLU A 140 -25.83 23.16 0.25
N LYS A 141 -25.16 22.15 0.80
CA LYS A 141 -25.76 20.83 0.79
C LYS A 141 -27.03 20.81 1.63
N ILE A 142 -27.03 21.53 2.76
CA ILE A 142 -28.25 21.62 3.57
C ILE A 142 -29.35 22.36 2.80
N ALA A 143 -29.00 23.48 2.15
CA ALA A 143 -29.99 24.16 1.31
C ALA A 143 -30.56 23.22 0.27
N LEU A 144 -29.70 22.43 -0.38
CA LEU A 144 -30.15 21.50 -1.42
C LEU A 144 -31.12 20.49 -0.84
N LEU A 145 -30.78 19.91 0.32
CA LEU A 145 -31.64 18.90 0.92
C LEU A 145 -32.95 19.50 1.40
N ARG A 146 -32.92 20.76 1.86
CA ARG A 146 -34.18 21.45 2.19
C ARG A 146 -35.07 21.58 0.97
N GLY A 147 -34.49 21.98 -0.17
CA GLY A 147 -35.25 22.01 -1.41
C GLY A 147 -35.78 20.65 -1.81
N ILE A 148 -35.01 19.59 -1.54
CA ILE A 148 -35.48 18.25 -1.86
C ILE A 148 -36.67 17.88 -0.99
N ALA A 149 -36.60 18.18 0.30
CA ALA A 149 -37.75 17.94 1.18
C ALA A 149 -38.98 18.69 0.71
N ARG A 150 -38.81 19.97 0.33
CA ARG A 150 -39.94 20.80 -0.09
C ARG A 150 -40.62 20.26 -1.35
N HIS A 151 -39.89 19.49 -2.17
CA HIS A 151 -40.40 19.02 -3.48
C HIS A 151 -40.72 17.54 -3.49
N LEU A 152 -40.82 16.94 -2.31
CA LEU A 152 -41.14 15.51 -2.19
C LEU A 152 -42.60 15.32 -1.76
N LYS A 153 -43.27 14.35 -2.34
CA LYS A 153 -44.66 14.03 -1.95
C LYS A 153 -44.62 13.17 -0.70
N PRO A 154 -45.70 13.16 0.12
CA PRO A 154 -45.81 12.32 1.32
C PRO A 154 -45.08 10.98 1.33
N GLY A 155 -45.46 9.99 0.54
CA GLY A 155 -44.66 8.74 0.58
C GLY A 155 -43.54 8.70 -0.45
N GLY A 156 -42.97 9.84 -0.82
CA GLY A 156 -41.92 9.90 -1.81
C GLY A 156 -40.53 9.61 -1.25
N ALA A 157 -39.54 9.58 -2.15
CA ALA A 157 -38.18 9.25 -1.72
C ALA A 157 -37.15 9.92 -2.63
N ALA A 158 -36.07 10.41 -2.02
CA ALA A 158 -34.94 10.98 -2.73
C ALA A 158 -33.78 10.00 -2.79
N PHE A 159 -32.97 10.13 -3.84
CA PHE A 159 -31.90 9.18 -4.12
C PHE A 159 -30.61 9.93 -4.45
N LEU A 160 -29.58 9.73 -3.62
CA LEU A 160 -28.27 10.35 -3.80
C LEU A 160 -27.33 9.22 -4.24
N ASP A 161 -27.00 9.21 -5.53
CA ASP A 161 -26.06 8.26 -6.11
C ASP A 161 -24.65 8.85 -5.96
N CYS A 162 -23.82 8.22 -5.10
CA CYS A 162 -22.50 8.75 -4.75
C CYS A 162 -21.46 7.63 -4.75
N THR A 163 -20.25 7.97 -5.19
CA THR A 163 -19.10 7.15 -4.80
C THR A 163 -18.92 7.21 -3.29
N ASP A 164 -18.48 6.11 -2.69
CA ASP A 164 -18.08 6.19 -1.28
C ASP A 164 -16.82 7.04 -1.17
N PRO A 165 -16.85 8.13 -0.41
CA PRO A 165 -15.70 9.06 -0.39
C PRO A 165 -14.39 8.45 0.07
N ALA A 166 -14.40 7.30 0.74
CA ALA A 166 -13.13 6.64 1.03
C ALA A 166 -12.36 6.32 -0.25
N GLU A 167 -13.07 6.11 -1.37
CA GLU A 167 -12.38 5.83 -2.63
C GLU A 167 -11.50 7.01 -3.07
N PHE A 168 -11.88 8.23 -2.71
CA PHE A 168 -11.13 9.42 -3.11
C PHE A 168 -9.83 9.61 -2.33
N GLN A 169 -9.63 8.89 -1.24
CA GLN A 169 -8.48 9.10 -0.37
C GLN A 169 -7.42 8.03 -0.52
N ARG A 170 -7.61 7.09 -1.44
CA ARG A 170 -6.79 5.89 -1.48
C ARG A 170 -5.33 6.18 -1.81
N ALA A 171 -5.07 7.29 -2.51
CA ALA A 171 -3.71 7.62 -2.95
C ALA A 171 -3.14 8.81 -2.17
N GLY A 172 -3.66 9.07 -0.98
CA GLY A 172 -3.33 10.32 -0.31
C GLY A 172 -3.78 11.56 -1.04
N GLY A 173 -4.70 11.44 -1.99
CA GLY A 173 -5.05 12.60 -2.78
C GLY A 173 -4.06 12.96 -3.88
N ASP A 174 -2.94 12.23 -3.99
CA ASP A 174 -1.98 12.43 -5.06
C ASP A 174 -2.66 12.24 -6.43
N ALA A 175 -2.22 13.02 -7.41
CA ALA A 175 -2.68 12.90 -8.79
C ALA A 175 -2.57 11.47 -9.30
N ARG A 176 -3.68 10.94 -9.82
CA ARG A 176 -3.70 9.66 -10.53
C ARG A 176 -4.52 9.81 -11.81
N SER A 177 -4.13 9.07 -12.85
CA SER A 177 -4.76 9.19 -14.16
C SER A 177 -5.17 7.80 -14.63
N VAL A 178 -6.40 7.67 -15.12
CA VAL A 178 -6.83 6.47 -15.80
C VAL A 178 -7.39 6.86 -17.16
N THR A 179 -7.08 6.06 -18.17
CA THR A 179 -7.51 6.33 -19.55
C THR A 179 -8.50 5.27 -20.02
N TYR A 180 -9.69 5.73 -20.48
CA TYR A 180 -10.80 4.86 -20.88
C TYR A 180 -11.06 4.98 -22.37
N PRO A 181 -11.41 3.90 -23.05
CA PRO A 181 -11.87 4.05 -24.43
C PRO A 181 -13.28 4.60 -24.45
N LEU A 182 -13.60 5.33 -25.53
CA LEU A 182 -14.94 5.83 -25.79
C LEU A 182 -15.32 5.39 -27.21
N GLY A 183 -15.64 4.12 -27.37
CA GLY A 183 -15.75 3.56 -28.71
C GLY A 183 -14.37 3.33 -29.32
N ARG A 184 -14.35 3.15 -30.64
CA ARG A 184 -13.13 2.71 -31.31
C ARG A 184 -12.17 3.84 -31.60
N ASP A 185 -12.64 5.08 -31.62
CA ASP A 185 -11.85 6.19 -32.14
C ASP A 185 -11.89 7.40 -31.23
N ARG A 186 -12.26 7.22 -29.95
CA ARG A 186 -12.17 8.29 -28.98
C ARG A 186 -11.80 7.69 -27.63
N MET A 187 -11.31 8.56 -26.74
CA MET A 187 -10.83 8.13 -25.44
C MET A 187 -10.91 9.34 -24.51
N VAL A 188 -10.92 9.07 -23.20
CA VAL A 188 -10.85 10.12 -22.20
C VAL A 188 -9.82 9.71 -21.14
N THR A 189 -8.92 10.62 -20.80
CA THR A 189 -8.05 10.47 -19.65
C THR A 189 -8.64 11.28 -18.51
N VAL A 190 -8.80 10.65 -17.35
CA VAL A 190 -9.32 11.29 -16.15
C VAL A 190 -8.20 11.41 -15.14
N THR A 191 -7.86 12.62 -14.75
CA THR A 191 -6.81 12.85 -13.77
C THR A 191 -7.46 13.45 -12.52
N GLN A 192 -7.26 12.81 -11.39
CA GLN A 192 -7.93 13.19 -10.15
C GLN A 192 -6.90 13.54 -9.10
N THR A 193 -7.16 14.62 -8.38
CA THR A 193 -6.43 15.00 -7.19
C THR A 193 -7.44 15.28 -6.09
N ALA A 194 -7.05 15.09 -4.83
CA ALA A 194 -7.95 15.33 -3.72
C ALA A 194 -7.23 16.01 -2.56
N ASP A 195 -8.01 16.65 -1.68
CA ASP A 195 -7.53 17.18 -0.41
C ASP A 195 -8.42 16.62 0.69
N ARG A 196 -7.88 15.69 1.45
CA ARG A 196 -8.62 15.03 2.52
C ARG A 196 -9.18 16.04 3.53
N ALA A 197 -8.39 17.05 3.88
CA ALA A 197 -8.81 17.96 4.95
C ALA A 197 -9.97 18.83 4.52
N GLY A 198 -9.95 19.30 3.27
CA GLY A 198 -11.09 20.01 2.73
C GLY A 198 -12.16 19.15 2.11
N GLN A 199 -11.91 17.84 1.98
CA GLN A 199 -12.85 16.90 1.36
C GLN A 199 -13.18 17.33 -0.07
N GLN A 200 -12.17 17.89 -0.74
CA GLN A 200 -12.26 18.34 -2.12
C GLN A 200 -11.68 17.30 -3.07
N ILE A 201 -12.36 17.08 -4.19
CA ILE A 201 -11.83 16.22 -5.24
C ILE A 201 -11.98 16.95 -6.57
N LEU A 202 -10.89 17.02 -7.33
CA LEU A 202 -10.86 17.66 -8.63
C LEU A 202 -10.65 16.60 -9.70
N SER A 203 -11.51 16.58 -10.70
CA SER A 203 -11.34 15.68 -11.83
C SER A 203 -11.09 16.48 -13.10
N ILE A 204 -10.00 16.17 -13.78
CA ILE A 204 -9.72 16.71 -15.12
C ILE A 204 -10.08 15.65 -16.14
N PHE A 205 -10.84 16.04 -17.16
CA PHE A 205 -11.22 15.13 -18.25
C PHE A 205 -10.56 15.60 -19.54
N LEU A 206 -9.74 14.75 -20.14
CA LEU A 206 -9.07 15.05 -21.40
C LEU A 206 -9.59 14.08 -22.46
N VAL A 207 -10.50 14.58 -23.31
CA VAL A 207 -11.19 13.76 -24.32
C VAL A 207 -10.46 13.91 -25.66
N GLN A 208 -10.08 12.78 -26.27
CA GLN A 208 -9.30 12.83 -27.51
C GLN A 208 -9.92 11.95 -28.58
N GLY A 209 -9.75 12.39 -29.83
CA GLY A 209 -9.90 11.56 -30.98
C GLY A 209 -8.62 11.67 -31.77
N ALA A 210 -8.60 11.11 -32.97
CA ALA A 210 -7.41 11.15 -33.81
C ALA A 210 -6.93 12.58 -34.04
N THR A 211 -7.86 13.53 -34.20
CA THR A 211 -7.49 14.91 -34.52
C THR A 211 -8.17 15.93 -33.61
N THR A 212 -8.62 15.54 -32.41
CA THR A 212 -9.29 16.49 -31.54
C THR A 212 -8.81 16.32 -30.10
N LEU A 213 -8.92 17.39 -29.32
CA LEU A 213 -8.63 17.33 -27.89
C LEU A 213 -9.51 18.37 -27.22
N THR A 214 -10.36 17.91 -26.31
CA THR A 214 -11.23 18.79 -25.55
C THR A 214 -11.02 18.49 -24.08
N ALA A 215 -10.77 19.52 -23.28
CA ALA A 215 -10.48 19.38 -21.86
C ALA A 215 -11.54 20.11 -21.04
N PHE A 216 -11.92 19.54 -19.90
CA PHE A 216 -12.79 20.23 -18.96
C PHE A 216 -12.59 19.61 -17.58
N HIS A 217 -13.20 20.23 -16.57
CA HIS A 217 -12.97 19.77 -15.21
C HIS A 217 -14.22 19.96 -14.37
N GLU A 218 -14.27 19.23 -13.26
CA GLU A 218 -15.32 19.37 -12.27
C GLU A 218 -14.65 19.22 -10.91
N GLN A 219 -14.94 20.14 -10.00
CA GLN A 219 -14.44 20.06 -8.63
C GLN A 219 -15.62 19.83 -7.71
N ALA A 220 -15.45 18.94 -6.73
CA ALA A 220 -16.56 18.61 -5.84
C ALA A 220 -16.08 18.56 -4.39
N THR A 221 -17.03 18.65 -3.47
CA THR A 221 -16.78 18.49 -2.04
C THR A 221 -17.58 17.31 -1.55
N TRP A 222 -16.88 16.29 -1.04
CA TRP A 222 -17.61 15.09 -0.64
C TRP A 222 -18.19 15.25 0.76
N ALA A 223 -19.12 14.35 1.09
CA ALA A 223 -19.69 14.17 2.42
C ALA A 223 -19.81 12.68 2.69
N THR A 224 -19.45 12.27 3.90
CA THR A 224 -19.62 10.88 4.31
C THR A 224 -21.07 10.62 4.70
N LEU A 225 -21.41 9.33 4.84
CA LEU A 225 -22.75 8.96 5.29
C LEU A 225 -23.10 9.65 6.60
N ALA A 226 -22.16 9.63 7.56
CA ALA A 226 -22.39 10.28 8.84
C ALA A 226 -22.75 11.75 8.67
N GLU A 227 -22.04 12.47 7.81
CA GLU A 227 -22.38 13.88 7.56
C GLU A 227 -23.78 13.99 6.96
N ILE A 228 -24.13 13.08 6.05
CA ILE A 228 -25.39 13.16 5.34
C ILE A 228 -26.56 12.94 6.31
N ARG A 229 -26.42 12.00 7.24
CA ARG A 229 -27.45 11.83 8.26
C ARG A 229 -27.72 13.14 8.99
N LEU A 230 -26.66 13.86 9.36
CA LEU A 230 -26.79 15.13 10.08
C LEU A 230 -27.41 16.21 9.21
N MET A 231 -26.89 16.36 7.98
CA MET A 231 -27.45 17.37 7.09
C MET A 231 -28.91 17.08 6.79
N ALA A 232 -29.26 15.80 6.65
CA ALA A 232 -30.65 15.43 6.36
C ALA A 232 -31.57 15.86 7.50
N ARG A 233 -31.22 15.52 8.74
CA ARG A 233 -32.09 15.90 9.85
C ARG A 233 -32.25 17.41 9.94
N ILE A 234 -31.17 18.15 9.70
CA ILE A 234 -31.26 19.61 9.70
C ILE A 234 -32.29 20.08 8.68
N ALA A 235 -32.29 19.46 7.49
CA ALA A 235 -33.11 19.93 6.38
C ALA A 235 -34.53 19.37 6.39
N GLY A 236 -34.83 18.41 7.26
CA GLY A 236 -36.16 17.84 7.36
C GLY A 236 -36.31 16.45 6.77
N LEU A 237 -35.22 15.77 6.42
CA LEU A 237 -35.28 14.43 5.87
C LEU A 237 -34.72 13.43 6.87
N GLU A 238 -34.83 12.16 6.51
CA GLU A 238 -34.25 11.08 7.28
C GLU A 238 -33.66 10.08 6.30
N VAL A 239 -32.43 9.65 6.56
CA VAL A 239 -31.84 8.57 5.77
C VAL A 239 -32.58 7.29 6.10
N THR A 240 -33.27 6.72 5.13
CA THR A 240 -34.06 5.52 5.39
C THR A 240 -33.41 4.25 4.82
N GLY A 241 -32.49 4.37 3.88
CA GLY A 241 -31.74 3.22 3.41
C GLY A 241 -30.43 3.65 2.81
N VAL A 242 -29.44 2.74 2.84
CA VAL A 242 -28.16 2.97 2.17
C VAL A 242 -27.73 1.66 1.55
N ASP A 243 -27.37 1.70 0.27
CA ASP A 243 -26.92 0.52 -0.45
C ASP A 243 -25.48 0.70 -0.92
N GLY A 244 -24.75 -0.41 -0.99
CA GLY A 244 -23.36 -0.40 -1.40
C GLY A 244 -23.11 -0.60 -2.88
N SER A 245 -24.14 -0.89 -3.66
CA SER A 245 -24.01 -1.03 -5.11
C SER A 245 -25.39 -0.96 -5.73
N TYR A 246 -25.41 -0.79 -7.06
CA TYR A 246 -26.67 -0.75 -7.78
C TYR A 246 -27.48 -2.03 -7.60
N ALA A 247 -26.81 -3.14 -7.32
CA ALA A 247 -27.48 -4.42 -7.09
C ALA A 247 -28.18 -4.50 -5.74
N GLY A 248 -28.07 -3.48 -4.90
CA GLY A 248 -28.87 -3.43 -3.68
C GLY A 248 -28.29 -4.15 -2.48
N GLU A 249 -27.02 -4.53 -2.50
CA GLU A 249 -26.34 -4.98 -1.29
C GLU A 249 -26.40 -3.91 -0.20
N PRO A 250 -26.47 -4.30 1.06
CA PRO A 250 -26.35 -3.31 2.14
C PRO A 250 -25.00 -2.59 2.14
N TYR A 251 -25.05 -1.34 2.61
CA TYR A 251 -23.84 -0.54 2.77
C TYR A 251 -23.04 -1.03 3.96
N THR A 252 -21.76 -1.35 3.73
CA THR A 252 -20.86 -1.83 4.76
C THR A 252 -19.48 -1.22 4.54
N ALA A 253 -18.54 -1.62 5.40
CA ALA A 253 -17.17 -1.11 5.33
C ALA A 253 -16.49 -1.48 4.03
N ARG A 254 -16.91 -2.56 3.39
CA ARG A 254 -16.33 -3.00 2.13
C ARG A 254 -17.01 -2.39 0.90
N SER A 255 -18.05 -1.58 1.08
CA SER A 255 -18.72 -0.99 -0.07
C SER A 255 -17.86 0.11 -0.69
N ARG A 256 -17.95 0.24 -2.02
CA ARG A 256 -17.22 1.26 -2.74
C ARG A 256 -18.13 2.34 -3.30
N GLU A 257 -19.45 2.16 -3.18
CA GLU A 257 -20.46 3.14 -3.50
C GLU A 257 -21.34 3.35 -2.28
N MET A 258 -21.99 4.50 -2.23
CA MET A 258 -22.76 4.95 -1.07
C MET A 258 -24.07 5.50 -1.66
N LEU A 259 -25.06 4.64 -1.82
CA LEU A 259 -26.29 5.04 -2.50
C LEU A 259 -27.34 5.29 -1.42
N VAL A 260 -27.76 6.54 -1.27
CA VAL A 260 -28.51 6.99 -0.10
C VAL A 260 -29.96 7.24 -0.49
N VAL A 261 -30.89 6.67 0.30
CA VAL A 261 -32.32 6.89 0.13
C VAL A 261 -32.83 7.73 1.31
N LEU A 262 -33.46 8.85 1.00
CA LEU A 262 -33.96 9.74 2.03
C LEU A 262 -35.47 9.93 1.87
N GLU A 263 -36.16 10.10 3.00
CA GLU A 263 -37.59 10.37 3.01
C GLU A 263 -37.85 11.53 3.97
N ARG A 264 -38.99 12.19 3.77
CA ARG A 264 -39.36 13.30 4.65
C ARG A 264 -39.59 12.80 6.07
N GLN A 265 -39.31 13.67 7.04
CA GLN A 265 -39.57 13.37 8.45
C GLN A 265 -41.07 13.33 8.75
N ASP B 23 -13.33 -0.09 -47.68
CA ASP B 23 -13.17 -1.53 -47.47
C ASP B 23 -13.21 -1.88 -45.98
N PRO B 24 -14.21 -2.69 -45.59
CA PRO B 24 -14.41 -2.99 -44.15
C PRO B 24 -13.20 -3.58 -43.44
N SER B 25 -12.50 -4.55 -44.05
CA SER B 25 -11.41 -5.22 -43.35
C SER B 25 -10.22 -4.31 -43.08
N VAL B 26 -10.20 -3.07 -43.60
CA VAL B 26 -9.12 -2.14 -43.31
C VAL B 26 -9.09 -1.80 -41.82
N TYR B 27 -10.26 -1.80 -41.18
CA TYR B 27 -10.34 -1.53 -39.74
C TYR B 27 -9.55 -2.58 -38.96
N ASP B 28 -9.75 -3.87 -39.28
CA ASP B 28 -8.98 -4.91 -38.61
C ASP B 28 -7.51 -4.86 -39.02
N GLU B 29 -7.22 -4.56 -40.29
CA GLU B 29 -5.84 -4.45 -40.72
C GLU B 29 -5.11 -3.35 -39.96
N THR B 30 -5.77 -2.22 -39.73
CA THR B 30 -5.13 -1.14 -38.97
C THR B 30 -4.89 -1.57 -37.53
N ALA B 31 -5.83 -2.33 -36.95
CA ALA B 31 -5.63 -2.83 -35.60
C ALA B 31 -4.46 -3.81 -35.55
N ILE B 32 -4.36 -4.70 -36.54
CA ILE B 32 -3.24 -5.65 -36.57
C ILE B 32 -1.92 -4.91 -36.69
N GLU B 33 -1.90 -3.84 -37.46
CA GLU B 33 -0.67 -3.03 -37.63
C GLU B 33 -0.29 -2.41 -36.28
N ALA B 34 -1.28 -1.92 -35.54
CA ALA B 34 -1.01 -1.30 -34.23
C ALA B 34 -0.46 -2.37 -33.26
N TYR B 35 -1.12 -3.51 -33.24
CA TYR B 35 -0.75 -4.67 -32.39
C TYR B 35 0.71 -5.06 -32.67
N ASP B 36 1.05 -5.14 -33.95
CA ASP B 36 2.41 -5.52 -34.38
C ASP B 36 3.40 -4.47 -33.86
N LEU B 37 3.04 -3.19 -33.94
CA LEU B 37 3.93 -2.16 -33.43
C LEU B 37 4.10 -2.27 -31.91
N VAL B 38 2.99 -2.48 -31.19
CA VAL B 38 3.07 -2.57 -29.73
C VAL B 38 3.90 -3.78 -29.32
N SER B 39 3.58 -4.95 -29.87
CA SER B 39 4.30 -6.17 -29.54
C SER B 39 5.79 -6.06 -29.89
N SER B 40 6.10 -5.47 -31.05
CA SER B 40 7.49 -5.31 -31.47
C SER B 40 8.30 -4.54 -30.45
N MET B 41 7.73 -3.48 -29.88
CA MET B 41 8.51 -2.60 -29.00
C MET B 41 8.41 -2.99 -27.53
N LEU B 42 7.26 -3.47 -27.09
CA LEU B 42 7.06 -3.74 -25.68
C LEU B 42 7.26 -5.20 -25.32
N SER B 43 7.26 -6.10 -26.30
CA SER B 43 7.50 -7.52 -26.08
C SER B 43 8.34 -8.11 -27.21
N PRO B 44 9.56 -7.58 -27.43
CA PRO B 44 10.44 -8.16 -28.45
C PRO B 44 10.66 -9.66 -28.23
N GLY B 45 10.99 -10.36 -29.31
CA GLY B 45 11.20 -11.79 -29.19
C GLY B 45 12.50 -12.19 -28.49
N ALA B 46 13.43 -11.24 -28.31
CA ALA B 46 14.79 -11.60 -27.88
C ALA B 46 14.79 -12.25 -26.50
N GLY B 47 13.98 -11.77 -25.57
CA GLY B 47 13.95 -12.37 -24.24
C GLY B 47 13.50 -13.81 -24.27
N LEU B 48 12.41 -14.10 -25.00
CA LEU B 48 11.97 -15.47 -25.17
C LEU B 48 13.09 -16.32 -25.77
N VAL B 49 13.80 -15.80 -26.79
CA VAL B 49 14.84 -16.58 -27.45
C VAL B 49 15.99 -16.85 -26.49
N ALA B 50 16.42 -15.82 -25.76
CA ALA B 50 17.46 -16.01 -24.74
C ALA B 50 17.04 -17.03 -23.70
N TRP B 51 15.78 -16.96 -23.24
CA TRP B 51 15.32 -17.87 -22.20
C TRP B 51 15.22 -19.31 -22.71
N VAL B 52 14.60 -19.50 -23.88
CA VAL B 52 14.49 -20.84 -24.44
C VAL B 52 15.87 -21.46 -24.66
N SER B 53 16.80 -20.66 -25.19
CA SER B 53 18.12 -21.20 -25.54
C SER B 53 18.86 -21.70 -24.31
N SER B 54 18.61 -21.09 -23.15
CA SER B 54 19.21 -21.57 -21.91
C SER B 54 18.75 -22.97 -21.53
N HIS B 55 17.70 -23.48 -22.15
CA HIS B 55 17.24 -24.83 -21.85
C HIS B 55 17.41 -25.80 -22.99
N ARG B 56 17.37 -25.33 -24.23
CA ARG B 56 17.40 -26.21 -25.40
C ARG B 56 18.02 -25.46 -26.56
N PRO B 57 18.86 -26.14 -27.36
CA PRO B 57 19.45 -25.47 -28.53
C PRO B 57 18.41 -25.22 -29.60
N LEU B 58 18.55 -24.08 -30.27
CA LEU B 58 17.65 -23.71 -31.35
C LEU B 58 18.26 -23.82 -32.73
N ASP B 59 19.58 -23.62 -32.86
CA ASP B 59 20.23 -23.64 -34.17
C ASP B 59 20.08 -25.01 -34.82
N GLY B 60 19.35 -25.08 -35.93
CA GLY B 60 19.14 -26.32 -36.64
C GLY B 60 17.96 -27.15 -36.18
N ARG B 61 17.19 -26.67 -35.20
CA ARG B 61 16.07 -27.42 -34.63
C ARG B 61 14.74 -26.86 -35.13
N THR B 62 13.66 -27.55 -34.77
CA THR B 62 12.31 -27.19 -35.18
C THR B 62 11.51 -26.61 -34.03
N VAL B 63 10.78 -25.53 -34.30
CA VAL B 63 9.97 -24.83 -33.30
C VAL B 63 8.53 -24.76 -33.79
N LEU B 64 7.60 -25.14 -32.92
CA LEU B 64 6.18 -24.87 -33.09
C LEU B 64 5.81 -23.66 -32.21
N ASP B 65 5.52 -22.53 -32.84
CA ASP B 65 5.20 -21.28 -32.16
C ASP B 65 3.68 -21.10 -32.19
N LEU B 66 3.01 -21.33 -31.06
CA LEU B 66 1.55 -21.26 -30.98
C LEU B 66 1.08 -19.85 -30.62
N GLY B 67 0.08 -19.36 -31.36
CA GLY B 67 -0.32 -17.97 -31.24
C GLY B 67 0.77 -17.03 -31.74
N CYS B 68 1.26 -17.30 -32.96
CA CYS B 68 2.39 -16.56 -33.51
C CYS B 68 2.02 -15.12 -33.87
N GLY B 69 0.73 -14.85 -34.06
CA GLY B 69 0.32 -13.49 -34.40
C GLY B 69 1.00 -13.02 -35.68
N THR B 70 1.56 -11.81 -35.63
CA THR B 70 2.29 -11.26 -36.76
C THR B 70 3.76 -11.65 -36.76
N GLY B 71 4.16 -12.61 -35.93
CA GLY B 71 5.48 -13.22 -36.04
C GLY B 71 6.61 -12.58 -35.27
N VAL B 72 6.34 -11.64 -34.35
CA VAL B 72 7.42 -11.08 -33.54
C VAL B 72 8.18 -12.19 -32.82
N SER B 73 7.46 -13.15 -32.25
CA SER B 73 8.13 -14.29 -31.61
C SER B 73 8.72 -15.23 -32.65
N SER B 74 7.98 -15.45 -33.74
CA SER B 74 8.40 -16.42 -34.74
C SER B 74 9.71 -16.00 -35.42
N PHE B 75 9.81 -14.73 -35.82
CA PHE B 75 11.01 -14.28 -36.52
C PHE B 75 12.24 -14.33 -35.63
N ALA B 76 12.10 -13.97 -34.34
CA ALA B 76 13.26 -14.04 -33.44
C ALA B 76 13.72 -15.50 -33.25
N LEU B 77 12.79 -16.44 -33.26
CA LEU B 77 13.19 -17.84 -33.18
C LEU B 77 13.92 -18.26 -34.46
N ALA B 78 13.44 -17.80 -35.61
CA ALA B 78 14.12 -18.10 -36.87
C ALA B 78 15.51 -17.48 -36.90
N GLU B 79 15.67 -16.25 -36.43
CA GLU B 79 16.99 -15.62 -36.41
C GLU B 79 17.96 -16.32 -35.48
N ALA B 80 17.48 -17.22 -34.63
CA ALA B 80 18.35 -18.06 -33.81
C ALA B 80 18.70 -19.36 -34.50
N GLY B 81 18.33 -19.52 -35.78
CA GLY B 81 18.65 -20.72 -36.52
C GLY B 81 17.57 -21.78 -36.52
N ALA B 82 16.41 -21.50 -35.94
CA ALA B 82 15.36 -22.50 -35.92
C ALA B 82 14.57 -22.48 -37.22
N ARG B 83 13.92 -23.61 -37.51
CA ARG B 83 12.87 -23.70 -38.50
C ARG B 83 11.52 -23.67 -37.78
N VAL B 84 10.70 -22.66 -38.07
CA VAL B 84 9.52 -22.34 -37.27
C VAL B 84 8.25 -22.68 -38.04
N VAL B 85 7.36 -23.43 -37.40
CA VAL B 85 5.98 -23.60 -37.84
C VAL B 85 5.12 -22.74 -36.93
N ALA B 86 4.45 -21.73 -37.49
CA ALA B 86 3.84 -20.65 -36.71
C ALA B 86 2.33 -20.71 -36.92
N VAL B 87 1.59 -20.93 -35.82
CA VAL B 87 0.16 -21.17 -35.85
C VAL B 87 -0.58 -19.98 -35.24
N ASP B 88 -1.59 -19.49 -35.93
CA ASP B 88 -2.49 -18.51 -35.34
C ASP B 88 -3.88 -18.68 -35.92
N ALA B 89 -4.89 -18.33 -35.12
CA ALA B 89 -6.26 -18.37 -35.62
C ALA B 89 -6.63 -17.14 -36.42
N SER B 90 -5.78 -16.12 -36.45
CA SER B 90 -6.08 -14.86 -37.09
C SER B 90 -5.44 -14.83 -38.48
N ARG B 91 -6.26 -14.98 -39.52
CA ARG B 91 -5.73 -14.92 -40.88
C ARG B 91 -5.11 -13.57 -41.20
N PRO B 92 -5.73 -12.42 -40.85
CA PRO B 92 -5.03 -11.14 -41.06
C PRO B 92 -3.68 -11.03 -40.38
N SER B 93 -3.52 -11.61 -39.19
CA SER B 93 -2.21 -11.58 -38.54
C SER B 93 -1.20 -12.42 -39.30
N LEU B 94 -1.62 -13.59 -39.77
CA LEU B 94 -0.76 -14.41 -40.62
C LEU B 94 -0.45 -13.70 -41.94
N ASP B 95 -1.44 -12.99 -42.48
CA ASP B 95 -1.19 -12.14 -43.65
C ASP B 95 -0.03 -11.19 -43.38
N MET B 96 -0.02 -10.51 -42.23
CA MET B 96 1.07 -9.59 -41.94
C MET B 96 2.39 -10.32 -41.71
N LEU B 97 2.34 -11.51 -41.10
CA LEU B 97 3.56 -12.29 -40.92
C LEU B 97 4.23 -12.57 -42.27
N GLU B 98 3.46 -13.14 -43.19
CA GLU B 98 3.97 -13.48 -44.55
C GLU B 98 4.53 -12.24 -45.23
N LYS B 99 3.88 -11.08 -45.11
CA LYS B 99 4.40 -9.87 -45.77
C LYS B 99 5.76 -9.52 -45.17
N LYS B 100 5.90 -9.63 -43.85
CA LYS B 100 7.17 -9.24 -43.20
C LYS B 100 8.18 -10.38 -43.18
N ARG B 101 7.80 -11.54 -43.64
CA ARG B 101 8.65 -12.72 -43.44
C ARG B 101 9.99 -12.57 -44.16
N LEU B 102 9.97 -12.10 -45.40
CA LEU B 102 11.18 -11.98 -46.25
C LEU B 102 11.76 -13.38 -46.41
N ASP B 103 13.04 -13.60 -46.10
CA ASP B 103 13.69 -14.88 -46.30
C ASP B 103 13.73 -15.74 -45.03
N ARG B 104 12.99 -15.37 -44.00
CA ARG B 104 13.05 -16.08 -42.73
C ARG B 104 12.29 -17.41 -42.83
N ASP B 105 12.83 -18.43 -42.17
CA ASP B 105 12.30 -19.78 -42.27
C ASP B 105 11.15 -19.98 -41.30
N VAL B 106 10.00 -19.40 -41.66
CA VAL B 106 8.78 -19.47 -40.85
C VAL B 106 7.63 -19.87 -41.76
N GLU B 107 6.93 -20.95 -41.40
CA GLU B 107 5.79 -21.44 -42.14
C GLU B 107 4.50 -21.09 -41.39
N ALA B 108 3.68 -20.23 -42.00
CA ALA B 108 2.47 -19.71 -41.37
C ALA B 108 1.31 -20.69 -41.57
N VAL B 109 0.62 -21.03 -40.48
CA VAL B 109 -0.44 -22.04 -40.48
C VAL B 109 -1.65 -21.51 -39.72
N GLU B 110 -2.82 -21.54 -40.38
CA GLU B 110 -4.05 -21.09 -39.75
C GLU B 110 -4.61 -22.25 -38.93
N GLY B 111 -4.79 -22.03 -37.64
CA GLY B 111 -5.37 -23.08 -36.82
C GLY B 111 -5.69 -22.59 -35.42
N ASP B 112 -6.43 -23.43 -34.71
CA ASP B 112 -6.85 -23.19 -33.34
C ASP B 112 -5.95 -24.00 -32.43
N PHE B 113 -5.13 -23.31 -31.60
CA PHE B 113 -4.21 -24.11 -30.79
C PHE B 113 -4.91 -24.87 -29.66
N ARG B 114 -6.22 -24.70 -29.49
CA ARG B 114 -6.99 -25.59 -28.62
C ARG B 114 -7.29 -26.93 -29.27
N ASP B 115 -7.11 -27.04 -30.59
CA ASP B 115 -7.42 -28.29 -31.27
C ASP B 115 -6.63 -28.36 -32.56
N LEU B 116 -5.38 -28.79 -32.46
CA LEU B 116 -4.52 -28.89 -33.63
C LEU B 116 -4.90 -30.13 -34.43
N THR B 117 -5.21 -29.94 -35.71
CA THR B 117 -5.66 -31.02 -36.57
C THR B 117 -4.49 -31.81 -37.15
N PHE B 118 -3.53 -31.11 -37.76
CA PHE B 118 -2.33 -31.76 -38.29
C PHE B 118 -1.58 -32.48 -37.17
N ASP B 119 -0.79 -33.48 -37.55
CA ASP B 119 0.07 -34.12 -36.56
C ASP B 119 1.51 -34.15 -37.07
N SER B 120 2.39 -33.50 -36.30
CA SER B 120 3.83 -33.57 -36.43
C SER B 120 4.41 -33.34 -35.05
N THR B 121 5.72 -33.53 -34.89
CA THR B 121 6.33 -33.35 -33.59
C THR B 121 7.58 -32.51 -33.74
N PHE B 122 7.86 -31.69 -32.72
CA PHE B 122 8.88 -30.65 -32.82
C PHE B 122 9.85 -30.79 -31.67
N ASP B 123 10.99 -30.11 -31.81
CA ASP B 123 11.98 -30.07 -30.74
C ASP B 123 11.51 -29.17 -29.60
N VAL B 124 11.06 -27.96 -29.92
CA VAL B 124 10.56 -27.03 -28.93
C VAL B 124 9.21 -26.49 -29.38
N VAL B 125 8.34 -26.24 -28.40
CA VAL B 125 7.08 -25.52 -28.59
C VAL B 125 7.16 -24.27 -27.73
N THR B 126 6.69 -23.14 -28.28
CA THR B 126 6.75 -21.86 -27.58
C THR B 126 5.37 -21.22 -27.56
N MET B 127 5.09 -20.53 -26.46
CA MET B 127 3.98 -19.59 -26.40
C MET B 127 4.50 -18.28 -25.84
N SER B 128 4.46 -17.23 -26.66
CA SER B 128 5.01 -15.94 -26.26
C SER B 128 4.23 -15.37 -25.07
N ARG B 129 4.75 -14.28 -24.52
CA ARG B 129 4.28 -13.66 -23.29
C ARG B 129 2.75 -13.64 -23.19
N ASN B 130 2.22 -14.48 -22.29
CA ASN B 130 0.81 -14.52 -21.86
C ASN B 130 -0.13 -15.08 -22.91
N THR B 131 0.39 -15.55 -24.04
CA THR B 131 -0.46 -16.20 -25.02
C THR B 131 -1.15 -17.43 -24.43
N PHE B 132 -0.48 -18.15 -23.52
CA PHE B 132 -1.09 -19.31 -22.88
C PHE B 132 -2.40 -18.96 -22.18
N PHE B 133 -2.51 -17.74 -21.66
CA PHE B 133 -3.73 -17.33 -20.98
C PHE B 133 -4.89 -17.03 -21.94
N LEU B 134 -4.67 -17.10 -23.26
CA LEU B 134 -5.75 -16.86 -24.20
C LEU B 134 -6.57 -18.10 -24.52
N ALA B 135 -6.15 -19.27 -24.05
CA ALA B 135 -7.07 -20.40 -23.92
C ALA B 135 -7.79 -20.15 -22.60
N GLN B 136 -9.03 -19.68 -22.68
CA GLN B 136 -9.68 -19.06 -21.53
C GLN B 136 -10.04 -20.06 -20.43
N GLU B 137 -10.95 -20.99 -20.71
CA GLU B 137 -11.41 -21.90 -19.65
C GLU B 137 -10.35 -22.93 -19.32
N GLN B 138 -10.41 -23.48 -18.10
CA GLN B 138 -9.41 -24.45 -17.69
C GLN B 138 -9.38 -25.66 -18.64
N GLU B 139 -10.55 -26.10 -19.09
CA GLU B 139 -10.60 -27.23 -20.02
C GLU B 139 -10.03 -26.87 -21.37
N GLU B 140 -10.08 -25.58 -21.75
CA GLU B 140 -9.40 -25.15 -22.96
C GLU B 140 -7.89 -25.17 -22.77
N LYS B 141 -7.42 -24.73 -21.60
CA LYS B 141 -5.99 -24.85 -21.33
C LYS B 141 -5.55 -26.31 -21.34
N ILE B 142 -6.38 -27.21 -20.82
CA ILE B 142 -6.02 -28.63 -20.81
C ILE B 142 -5.96 -29.16 -22.23
N ALA B 143 -6.97 -28.85 -23.05
CA ALA B 143 -6.97 -29.27 -24.44
C ALA B 143 -5.75 -28.74 -25.18
N LEU B 144 -5.39 -27.47 -24.91
CA LEU B 144 -4.20 -26.90 -25.51
C LEU B 144 -2.95 -27.69 -25.12
N LEU B 145 -2.83 -28.06 -23.83
CA LEU B 145 -1.65 -28.77 -23.36
C LEU B 145 -1.59 -30.19 -23.93
N ARG B 146 -2.73 -30.85 -24.06
CA ARG B 146 -2.79 -32.13 -24.75
C ARG B 146 -2.26 -32.00 -26.18
N GLY B 147 -2.61 -30.90 -26.84
CA GLY B 147 -2.08 -30.66 -28.17
C GLY B 147 -0.58 -30.44 -28.16
N ILE B 148 -0.08 -29.76 -27.12
CA ILE B 148 1.35 -29.56 -27.02
C ILE B 148 2.07 -30.89 -26.78
N ALA B 149 1.51 -31.74 -25.91
CA ALA B 149 2.09 -33.06 -25.66
C ALA B 149 2.15 -33.87 -26.96
N ARG B 150 1.02 -33.96 -27.65
CA ARG B 150 0.94 -34.68 -28.93
C ARG B 150 1.93 -34.15 -29.98
N HIS B 151 2.33 -32.87 -29.89
CA HIS B 151 3.21 -32.27 -30.89
C HIS B 151 4.64 -32.09 -30.38
N LEU B 152 5.01 -32.77 -29.31
CA LEU B 152 6.34 -32.67 -28.74
C LEU B 152 7.12 -33.93 -29.04
N LYS B 153 8.37 -33.77 -29.46
CA LYS B 153 9.27 -34.91 -29.54
C LYS B 153 9.50 -35.47 -28.15
N PRO B 154 9.59 -36.81 -28.01
CA PRO B 154 9.92 -37.44 -26.73
C PRO B 154 10.90 -36.66 -25.86
N GLY B 155 12.00 -36.17 -26.44
CA GLY B 155 12.93 -35.37 -25.66
C GLY B 155 12.75 -33.88 -25.85
N GLY B 156 11.61 -33.46 -26.39
CA GLY B 156 11.33 -32.05 -26.58
C GLY B 156 10.93 -31.36 -25.29
N ALA B 157 10.75 -30.04 -25.39
CA ALA B 157 10.32 -29.20 -24.28
C ALA B 157 9.44 -28.07 -24.80
N ALA B 158 8.35 -27.80 -24.09
CA ALA B 158 7.48 -26.67 -24.37
C ALA B 158 7.72 -25.54 -23.38
N PHE B 159 7.49 -24.32 -23.82
CA PHE B 159 7.84 -23.12 -23.08
C PHE B 159 6.63 -22.19 -23.01
N LEU B 160 6.19 -21.87 -21.79
CA LEU B 160 5.08 -20.95 -21.58
C LEU B 160 5.66 -19.70 -20.95
N ASP B 161 5.79 -18.64 -21.77
CA ASP B 161 6.26 -17.33 -21.34
C ASP B 161 5.06 -16.59 -20.72
N CYS B 162 5.08 -16.40 -19.39
CA CYS B 162 3.97 -15.77 -18.68
C CYS B 162 4.42 -14.71 -17.68
N THR B 163 3.66 -13.63 -17.60
CA THR B 163 3.70 -12.79 -16.41
C THR B 163 3.30 -13.64 -15.21
N ASP B 164 3.99 -13.46 -14.09
CA ASP B 164 3.48 -14.05 -12.84
C ASP B 164 2.12 -13.40 -12.54
N PRO B 165 1.03 -14.18 -12.45
CA PRO B 165 -0.30 -13.59 -12.24
C PRO B 165 -0.48 -12.79 -10.94
N ALA B 166 0.43 -12.92 -9.97
CA ALA B 166 0.37 -12.01 -8.83
C ALA B 166 0.38 -10.56 -9.31
N GLU B 167 1.13 -10.29 -10.38
CA GLU B 167 1.23 -8.94 -10.92
C GLU B 167 -0.15 -8.40 -11.33
N PHE B 168 -1.07 -9.26 -11.75
CA PHE B 168 -2.36 -8.75 -12.18
C PHE B 168 -3.27 -8.33 -11.03
N GLN B 169 -2.94 -8.69 -9.80
CA GLN B 169 -3.82 -8.48 -8.66
C GLN B 169 -3.35 -7.33 -7.79
N ARG B 170 -2.35 -6.58 -8.23
CA ARG B 170 -1.66 -5.67 -7.32
C ARG B 170 -2.53 -4.49 -6.90
N ALA B 171 -3.51 -4.10 -7.72
CA ALA B 171 -4.38 -2.97 -7.40
C ALA B 171 -5.80 -3.42 -7.07
N GLY B 172 -5.96 -4.66 -6.62
CA GLY B 172 -7.30 -5.18 -6.46
C GLY B 172 -8.02 -5.35 -7.77
N GLY B 173 -7.31 -5.30 -8.89
CA GLY B 173 -7.95 -5.37 -10.18
C GLY B 173 -8.52 -4.06 -10.68
N ASP B 174 -8.36 -2.95 -9.96
CA ASP B 174 -8.88 -1.68 -10.42
C ASP B 174 -8.14 -1.21 -11.67
N ALA B 175 -8.83 -0.40 -12.47
CA ALA B 175 -8.24 0.13 -13.70
C ALA B 175 -6.97 0.89 -13.39
N ARG B 176 -5.90 0.54 -14.09
CA ARG B 176 -4.65 1.27 -14.06
C ARG B 176 -4.22 1.49 -15.49
N SER B 177 -3.54 2.62 -15.72
CA SER B 177 -3.10 3.01 -17.06
C SER B 177 -1.64 3.36 -17.03
N VAL B 178 -0.90 2.87 -18.01
CA VAL B 178 0.51 3.25 -18.19
C VAL B 178 0.71 3.57 -19.67
N THR B 179 1.49 4.62 -19.95
CA THR B 179 1.70 5.11 -21.31
C THR B 179 3.17 4.99 -21.70
N TYR B 180 3.43 4.31 -22.83
CA TYR B 180 4.77 4.08 -23.32
C TYR B 180 5.01 4.78 -24.66
N PRO B 181 6.21 5.33 -24.88
CA PRO B 181 6.58 5.75 -26.23
C PRO B 181 6.78 4.56 -27.15
N LEU B 182 6.42 4.75 -28.41
CA LEU B 182 6.67 3.80 -29.50
C LEU B 182 7.45 4.55 -30.57
N GLY B 183 8.73 4.81 -30.32
CA GLY B 183 9.44 5.82 -31.08
C GLY B 183 9.00 7.21 -30.64
N ARG B 184 9.53 8.22 -31.34
CA ARG B 184 9.24 9.61 -30.96
C ARG B 184 8.00 10.17 -31.65
N ASP B 185 7.29 9.35 -32.43
CA ASP B 185 6.11 9.76 -33.17
C ASP B 185 4.85 9.00 -32.81
N ARG B 186 4.94 7.95 -31.98
CA ARG B 186 3.81 7.11 -31.63
C ARG B 186 3.87 6.82 -30.14
N MET B 187 2.74 6.40 -29.58
CA MET B 187 2.67 6.07 -28.16
C MET B 187 1.53 5.11 -27.97
N VAL B 188 1.56 4.36 -26.87
CA VAL B 188 0.47 3.46 -26.53
C VAL B 188 0.16 3.62 -25.05
N THR B 189 -1.11 3.78 -24.73
CA THR B 189 -1.60 3.72 -23.37
C THR B 189 -2.25 2.34 -23.17
N VAL B 190 -1.82 1.63 -22.14
CA VAL B 190 -2.39 0.34 -21.78
C VAL B 190 -3.21 0.53 -20.51
N THR B 191 -4.50 0.23 -20.58
CA THR B 191 -5.36 0.24 -19.41
C THR B 191 -5.78 -1.19 -19.09
N GLN B 192 -5.56 -1.59 -17.83
CA GLN B 192 -5.79 -2.98 -17.42
C GLN B 192 -6.72 -3.00 -16.23
N THR B 193 -7.71 -3.90 -16.28
CA THR B 193 -8.57 -4.24 -15.16
C THR B 193 -8.57 -5.75 -15.00
N ALA B 194 -8.90 -6.21 -13.79
CA ALA B 194 -8.87 -7.64 -13.51
C ALA B 194 -9.98 -8.04 -12.53
N ASP B 195 -10.41 -9.29 -12.64
CA ASP B 195 -11.30 -9.92 -11.67
C ASP B 195 -10.56 -11.13 -11.12
N ARG B 196 -10.13 -11.01 -9.86
CA ARG B 196 -9.38 -12.05 -9.16
C ARG B 196 -10.17 -13.35 -9.04
N ALA B 197 -11.49 -13.29 -8.91
CA ALA B 197 -12.27 -14.50 -8.69
C ALA B 197 -12.39 -15.31 -9.99
N GLY B 198 -12.68 -14.63 -11.09
CA GLY B 198 -12.64 -15.29 -12.38
C GLY B 198 -11.26 -15.42 -12.96
N GLN B 199 -10.25 -14.82 -12.33
CA GLN B 199 -8.88 -14.81 -12.85
C GLN B 199 -8.84 -14.22 -14.28
N GLN B 200 -9.71 -13.23 -14.52
CA GLN B 200 -9.77 -12.52 -15.79
C GLN B 200 -8.92 -11.26 -15.73
N ILE B 201 -8.24 -10.96 -16.84
CA ILE B 201 -7.50 -9.71 -17.00
C ILE B 201 -7.81 -9.17 -18.38
N LEU B 202 -8.14 -7.89 -18.45
CA LEU B 202 -8.50 -7.21 -19.69
C LEU B 202 -7.54 -6.05 -19.91
N SER B 203 -6.95 -5.98 -21.11
CA SER B 203 -6.01 -4.94 -21.49
C SER B 203 -6.61 -4.17 -22.67
N ILE B 204 -6.80 -2.86 -22.49
CA ILE B 204 -7.16 -1.95 -23.58
C ILE B 204 -5.89 -1.28 -24.07
N PHE B 205 -5.67 -1.31 -25.40
CA PHE B 205 -4.51 -0.67 -26.02
C PHE B 205 -4.97 0.51 -26.86
N LEU B 206 -4.50 1.70 -26.53
CA LEU B 206 -4.81 2.92 -27.28
C LEU B 206 -3.50 3.41 -27.89
N VAL B 207 -3.35 3.20 -29.18
CA VAL B 207 -2.14 3.56 -29.92
C VAL B 207 -2.39 4.87 -30.65
N GLN B 208 -1.50 5.85 -30.45
CA GLN B 208 -1.73 7.20 -30.98
C GLN B 208 -0.51 7.70 -31.72
N GLY B 209 -0.76 8.49 -32.76
CA GLY B 209 0.25 9.33 -33.34
C GLY B 209 -0.26 10.76 -33.32
N ALA B 210 0.47 11.69 -33.95
CA ALA B 210 0.02 13.08 -33.96
C ALA B 210 -1.44 13.20 -34.42
N THR B 211 -1.85 12.43 -35.44
CA THR B 211 -3.18 12.56 -36.01
C THR B 211 -3.90 11.22 -36.18
N THR B 212 -3.54 10.22 -35.38
CA THR B 212 -4.16 8.90 -35.49
C THR B 212 -4.46 8.36 -34.10
N LEU B 213 -5.52 7.55 -34.02
CA LEU B 213 -5.89 6.84 -32.80
C LEU B 213 -6.47 5.50 -33.19
N THR B 214 -5.90 4.41 -32.68
CA THR B 214 -6.38 3.06 -32.93
C THR B 214 -6.49 2.33 -31.60
N ALA B 215 -7.70 1.91 -31.25
CA ALA B 215 -7.97 1.22 -30.00
C ALA B 215 -8.33 -0.24 -30.26
N PHE B 216 -7.76 -1.14 -29.46
CA PHE B 216 -8.10 -2.56 -29.50
C PHE B 216 -7.89 -3.14 -28.11
N HIS B 217 -8.47 -4.31 -27.85
CA HIS B 217 -8.38 -4.90 -26.53
C HIS B 217 -8.12 -6.39 -26.61
N GLU B 218 -7.90 -6.99 -25.45
CA GLU B 218 -7.53 -8.39 -25.36
C GLU B 218 -7.76 -8.83 -23.93
N GLN B 219 -8.52 -9.91 -23.75
CA GLN B 219 -8.87 -10.41 -22.43
C GLN B 219 -8.31 -11.81 -22.28
N ALA B 220 -7.79 -12.10 -21.09
CA ALA B 220 -7.14 -13.36 -20.82
C ALA B 220 -7.65 -13.91 -19.49
N THR B 221 -7.47 -15.21 -19.31
CA THR B 221 -7.75 -15.90 -18.06
C THR B 221 -6.44 -16.51 -17.59
N TRP B 222 -5.93 -16.02 -16.46
CA TRP B 222 -4.64 -16.52 -16.03
C TRP B 222 -4.76 -17.84 -15.29
N ALA B 223 -3.62 -18.48 -15.12
CA ALA B 223 -3.47 -19.68 -14.32
C ALA B 223 -2.18 -19.55 -13.54
N THR B 224 -2.21 -19.92 -12.26
CA THR B 224 -1.01 -19.91 -11.44
C THR B 224 -0.15 -21.13 -11.77
N LEU B 225 1.08 -21.12 -11.26
CA LEU B 225 1.97 -22.25 -11.47
C LEU B 225 1.36 -23.54 -10.93
N ALA B 226 0.72 -23.47 -9.76
CA ALA B 226 0.12 -24.66 -9.16
C ALA B 226 -1.00 -25.22 -10.03
N GLU B 227 -1.80 -24.36 -10.65
CA GLU B 227 -2.79 -24.81 -11.62
C GLU B 227 -2.13 -25.47 -12.81
N ILE B 228 -1.05 -24.87 -13.31
CA ILE B 228 -0.42 -25.40 -14.52
C ILE B 228 0.17 -26.78 -14.25
N ARG B 229 0.62 -27.03 -13.01
CA ARG B 229 1.13 -28.37 -12.67
C ARG B 229 0.04 -29.42 -12.83
N LEU B 230 -1.16 -29.14 -12.30
CA LEU B 230 -2.28 -30.07 -12.42
C LEU B 230 -2.74 -30.21 -13.86
N MET B 231 -2.85 -29.09 -14.57
CA MET B 231 -3.29 -29.13 -15.96
C MET B 231 -2.33 -29.94 -16.80
N ALA B 232 -1.04 -29.64 -16.66
CA ALA B 232 -0.01 -30.41 -17.35
C ALA B 232 -0.13 -31.90 -17.04
N ARG B 233 -0.26 -32.25 -15.76
CA ARG B 233 -0.39 -33.66 -15.38
C ARG B 233 -1.58 -34.30 -16.06
N ILE B 234 -2.73 -33.61 -16.08
CA ILE B 234 -3.90 -34.14 -16.75
C ILE B 234 -3.60 -34.38 -18.23
N ALA B 235 -2.85 -33.47 -18.85
CA ALA B 235 -2.64 -33.51 -20.30
C ALA B 235 -1.51 -34.42 -20.72
N GLY B 236 -0.78 -35.04 -19.79
CA GLY B 236 0.34 -35.88 -20.13
C GLY B 236 1.69 -35.19 -20.11
N LEU B 237 1.78 -33.99 -19.58
CA LEU B 237 3.03 -33.28 -19.48
C LEU B 237 3.46 -33.20 -18.02
N GLU B 238 4.70 -32.78 -17.83
CA GLU B 238 5.24 -32.52 -16.51
C GLU B 238 5.97 -31.19 -16.55
N VAL B 239 5.74 -30.34 -15.55
CA VAL B 239 6.56 -29.14 -15.41
C VAL B 239 7.94 -29.58 -14.94
N THR B 240 8.96 -29.25 -15.71
CA THR B 240 10.31 -29.66 -15.37
C THR B 240 11.21 -28.51 -14.97
N GLY B 241 10.76 -27.27 -15.15
CA GLY B 241 11.53 -26.13 -14.68
C GLY B 241 10.69 -24.88 -14.74
N VAL B 242 10.95 -23.92 -13.85
CA VAL B 242 10.29 -22.62 -13.86
C VAL B 242 11.36 -21.58 -13.57
N ASP B 243 11.52 -20.60 -14.45
CA ASP B 243 12.41 -19.48 -14.21
C ASP B 243 11.61 -18.22 -13.90
N GLY B 244 12.26 -17.29 -13.20
CA GLY B 244 11.60 -16.07 -12.78
C GLY B 244 11.90 -14.86 -13.64
N SER B 245 12.84 -14.99 -14.58
CA SER B 245 13.14 -13.92 -15.52
C SER B 245 13.78 -14.54 -16.75
N TYR B 246 13.89 -13.74 -17.82
CA TYR B 246 14.57 -14.23 -19.01
C TYR B 246 16.02 -14.61 -18.73
N ALA B 247 16.62 -13.99 -17.70
CA ALA B 247 17.99 -14.32 -17.27
C ALA B 247 18.13 -15.71 -16.70
N GLY B 248 17.03 -16.40 -16.41
CA GLY B 248 17.11 -17.77 -15.96
C GLY B 248 17.20 -17.96 -14.46
N GLU B 249 17.00 -16.90 -13.68
CA GLU B 249 16.92 -17.04 -12.23
C GLU B 249 15.78 -18.01 -11.88
N PRO B 250 15.94 -18.79 -10.82
CA PRO B 250 14.84 -19.68 -10.42
C PRO B 250 13.64 -18.88 -9.95
N TYR B 251 12.47 -19.49 -10.10
CA TYR B 251 11.21 -18.86 -9.73
C TYR B 251 11.04 -18.87 -8.22
N THR B 252 10.92 -17.68 -7.62
CA THR B 252 10.73 -17.54 -6.19
C THR B 252 9.52 -16.64 -5.93
N ALA B 253 9.20 -16.47 -4.65
CA ALA B 253 8.14 -15.53 -4.29
C ALA B 253 8.40 -14.11 -4.79
N ARG B 254 9.66 -13.73 -5.02
CA ARG B 254 9.98 -12.39 -5.48
C ARG B 254 9.93 -12.23 -7.01
N SER B 255 9.74 -13.33 -7.74
CA SER B 255 9.71 -13.28 -9.20
C SER B 255 8.49 -12.51 -9.70
N ARG B 256 8.68 -11.73 -10.78
CA ARG B 256 7.56 -11.06 -11.44
C ARG B 256 7.17 -11.75 -12.75
N GLU B 257 7.94 -12.73 -13.20
CA GLU B 257 7.56 -13.52 -14.35
C GLU B 257 7.52 -14.99 -13.96
N MET B 258 6.78 -15.77 -14.77
CA MET B 258 6.52 -17.19 -14.55
C MET B 258 6.79 -17.89 -15.87
N LEU B 259 8.02 -18.36 -16.07
CA LEU B 259 8.46 -18.93 -17.34
C LEU B 259 8.54 -20.44 -17.18
N VAL B 260 7.52 -21.14 -17.70
CA VAL B 260 7.31 -22.56 -17.41
C VAL B 260 7.91 -23.40 -18.52
N VAL B 261 8.69 -24.41 -18.15
CA VAL B 261 9.23 -25.40 -19.06
C VAL B 261 8.49 -26.71 -18.80
N LEU B 262 8.00 -27.34 -19.88
CA LEU B 262 7.28 -28.60 -19.77
C LEU B 262 7.84 -29.64 -20.73
N GLU B 263 7.72 -30.91 -20.34
CA GLU B 263 8.18 -32.03 -21.14
C GLU B 263 7.15 -33.15 -21.04
N ARG B 264 7.27 -34.12 -21.93
CA ARG B 264 6.32 -35.22 -21.93
C ARG B 264 6.55 -36.12 -20.72
N GLN B 265 5.45 -36.68 -20.20
CA GLN B 265 5.49 -37.55 -19.02
C GLN B 265 6.32 -38.80 -19.30
N ASP C 28 14.08 19.26 -32.83
CA ASP C 28 14.41 19.86 -31.54
C ASP C 28 13.66 21.15 -31.29
N GLU C 29 13.43 21.93 -32.36
CA GLU C 29 12.77 23.22 -32.20
C GLU C 29 11.40 23.04 -31.55
N THR C 30 10.62 22.09 -32.04
CA THR C 30 9.35 21.79 -31.38
C THR C 30 9.56 21.14 -30.01
N ALA C 31 10.64 20.35 -29.85
CA ALA C 31 10.95 19.77 -28.55
C ALA C 31 11.21 20.85 -27.49
N ILE C 32 11.97 21.89 -27.85
CA ILE C 32 12.27 22.97 -26.88
C ILE C 32 10.96 23.69 -26.51
N GLU C 33 10.12 23.95 -27.49
CA GLU C 33 8.85 24.64 -27.24
C GLU C 33 7.97 23.79 -26.32
N ALA C 34 7.95 22.48 -26.55
CA ALA C 34 7.16 21.56 -25.71
C ALA C 34 7.74 21.63 -24.30
N TYR C 35 9.06 21.60 -24.18
CA TYR C 35 9.69 21.70 -22.87
C TYR C 35 9.30 23.00 -22.18
N ASP C 36 9.33 24.12 -22.92
CA ASP C 36 9.00 25.39 -22.29
C ASP C 36 7.57 25.42 -21.78
N LEU C 37 6.64 24.83 -22.54
CA LEU C 37 5.26 24.77 -22.08
C LEU C 37 5.14 23.91 -20.82
N VAL C 38 5.78 22.74 -20.83
CA VAL C 38 5.71 21.84 -19.68
C VAL C 38 6.28 22.52 -18.43
N SER C 39 7.47 23.11 -18.56
CA SER C 39 8.10 23.81 -17.43
C SER C 39 7.25 24.97 -16.96
N SER C 40 6.77 25.80 -17.90
CA SER C 40 6.06 27.00 -17.51
C SER C 40 4.82 26.68 -16.70
N MET C 41 4.17 25.56 -16.99
CA MET C 41 2.90 25.25 -16.34
C MET C 41 3.05 24.26 -15.19
N LEU C 42 3.96 23.30 -15.27
CA LEU C 42 4.09 22.33 -14.20
C LEU C 42 5.09 22.76 -13.13
N SER C 43 6.03 23.65 -13.45
CA SER C 43 7.01 24.12 -12.47
C SER C 43 7.28 25.61 -12.67
N PRO C 44 6.27 26.45 -12.48
CA PRO C 44 6.49 27.89 -12.62
C PRO C 44 7.52 28.37 -11.62
N GLY C 45 8.19 29.48 -11.97
CA GLY C 45 9.25 29.98 -11.11
C GLY C 45 8.78 30.60 -9.80
N ALA C 46 7.49 30.88 -9.65
CA ALA C 46 7.03 31.61 -8.46
C ALA C 46 7.43 30.90 -7.17
N GLY C 47 7.31 29.58 -7.12
CA GLY C 47 7.66 28.86 -5.89
C GLY C 47 9.14 29.01 -5.54
N LEU C 48 10.02 28.73 -6.51
CA LEU C 48 11.46 28.91 -6.30
C LEU C 48 11.79 30.29 -5.74
N VAL C 49 11.20 31.33 -6.33
CA VAL C 49 11.53 32.72 -5.95
C VAL C 49 11.05 33.02 -4.53
N ALA C 50 9.83 32.59 -4.19
CA ALA C 50 9.33 32.82 -2.83
C ALA C 50 10.21 32.13 -1.79
N TRP C 51 10.64 30.91 -2.10
CA TRP C 51 11.51 30.17 -1.20
C TRP C 51 12.88 30.84 -1.05
N VAL C 52 13.55 31.11 -2.18
CA VAL C 52 14.84 31.81 -2.13
C VAL C 52 14.71 33.14 -1.37
N SER C 53 13.67 33.90 -1.67
CA SER C 53 13.52 35.23 -1.09
C SER C 53 13.34 35.20 0.42
N SER C 54 12.82 34.09 0.95
CA SER C 54 12.71 33.92 2.40
C SER C 54 14.06 33.70 3.04
N HIS C 55 15.11 33.43 2.27
CA HIS C 55 16.44 33.23 2.82
C HIS C 55 17.42 34.34 2.44
N ARG C 56 17.25 34.95 1.24
CA ARG C 56 18.02 36.08 0.75
C ARG C 56 17.10 37.00 -0.07
N PRO C 57 16.83 38.22 0.40
CA PRO C 57 16.13 39.18 -0.47
C PRO C 57 16.85 39.34 -1.81
N LEU C 58 16.07 39.48 -2.88
CA LEU C 58 16.60 39.40 -4.24
C LEU C 58 16.68 40.73 -4.99
N ASP C 59 15.96 41.76 -4.55
CA ASP C 59 15.94 43.01 -5.30
C ASP C 59 17.33 43.63 -5.40
N GLY C 60 17.80 43.82 -6.62
CA GLY C 60 19.12 44.36 -6.81
C GLY C 60 20.26 43.42 -6.53
N ARG C 61 20.00 42.15 -6.21
CA ARG C 61 21.08 41.21 -6.01
C ARG C 61 21.43 40.53 -7.32
N THR C 62 22.61 39.92 -7.34
CA THR C 62 23.08 39.15 -8.48
C THR C 62 22.77 37.67 -8.25
N VAL C 63 22.23 37.01 -9.28
CA VAL C 63 21.82 35.62 -9.18
C VAL C 63 22.41 34.85 -10.34
N LEU C 64 23.08 33.75 -10.04
CA LEU C 64 23.57 32.82 -11.03
C LEU C 64 22.59 31.64 -11.09
N ASP C 65 21.84 31.55 -12.18
CA ASP C 65 20.84 30.49 -12.35
C ASP C 65 21.43 29.39 -13.23
N LEU C 66 21.71 28.23 -12.64
CA LEU C 66 22.38 27.14 -13.32
C LEU C 66 21.37 26.15 -13.88
N GLY C 67 21.61 25.72 -15.12
CA GLY C 67 20.65 24.90 -15.85
C GLY C 67 19.38 25.68 -16.08
N CYS C 68 19.53 26.88 -16.67
CA CYS C 68 18.43 27.82 -16.78
C CYS C 68 17.39 27.42 -17.82
N GLY C 69 17.74 26.52 -18.74
CA GLY C 69 16.78 26.11 -19.75
C GLY C 69 16.27 27.29 -20.56
N THR C 70 14.96 27.36 -20.77
CA THR C 70 14.32 28.43 -21.51
C THR C 70 13.93 29.60 -20.61
N GLY C 71 14.38 29.59 -19.34
CA GLY C 71 14.29 30.78 -18.51
C GLY C 71 13.09 30.88 -17.59
N VAL C 72 12.34 29.80 -17.40
CA VAL C 72 11.18 29.86 -16.51
C VAL C 72 11.63 30.28 -15.11
N SER C 73 12.68 29.67 -14.60
CA SER C 73 13.23 30.13 -13.32
C SER C 73 13.88 31.51 -13.45
N SER C 74 14.67 31.72 -14.52
CA SER C 74 15.44 32.96 -14.64
C SER C 74 14.55 34.19 -14.69
N PHE C 75 13.42 34.12 -15.38
CA PHE C 75 12.59 35.30 -15.48
C PHE C 75 11.80 35.56 -14.21
N ALA C 76 11.40 34.50 -13.50
CA ALA C 76 10.78 34.73 -12.19
C ALA C 76 11.76 35.44 -11.26
N LEU C 77 13.02 35.04 -11.28
CA LEU C 77 14.07 35.65 -10.44
C LEU C 77 14.26 37.12 -10.87
N ALA C 78 14.40 37.39 -12.16
CA ALA C 78 14.57 38.77 -12.69
C ALA C 78 13.37 39.63 -12.26
N GLU C 79 12.17 39.07 -12.33
CA GLU C 79 10.97 39.84 -11.98
C GLU C 79 10.93 40.21 -10.51
N ALA C 80 11.60 39.45 -9.66
CA ALA C 80 11.75 39.83 -8.25
C ALA C 80 12.81 40.91 -8.05
N GLY C 81 13.45 41.38 -9.13
CA GLY C 81 14.40 42.45 -9.05
C GLY C 81 15.84 42.02 -9.13
N ALA C 82 16.10 40.73 -9.35
CA ALA C 82 17.48 40.28 -9.39
C ALA C 82 18.09 40.53 -10.77
N ARG C 83 19.41 40.68 -10.78
CA ARG C 83 20.21 40.71 -11.99
C ARG C 83 20.78 39.31 -12.18
N VAL C 84 20.43 38.67 -13.29
CA VAL C 84 20.56 37.22 -13.43
C VAL C 84 21.55 36.90 -14.54
N VAL C 85 22.47 36.00 -14.23
CA VAL C 85 23.25 35.29 -15.24
C VAL C 85 22.69 33.87 -15.32
N ALA C 86 22.20 33.52 -16.50
CA ALA C 86 21.52 32.24 -16.73
C ALA C 86 22.38 31.32 -17.58
N VAL C 87 22.79 30.17 -17.03
CA VAL C 87 23.71 29.24 -17.71
C VAL C 87 22.98 27.96 -18.10
N ASP C 88 23.16 27.54 -19.36
CA ASP C 88 22.68 26.24 -19.81
C ASP C 88 23.64 25.70 -20.87
N ALA C 89 23.68 24.37 -20.99
CA ALA C 89 24.46 23.73 -22.04
C ALA C 89 23.70 23.58 -23.36
N SER C 90 22.39 23.84 -23.39
CA SER C 90 21.59 23.69 -24.60
C SER C 90 21.47 25.07 -25.26
N ARG C 91 22.22 25.28 -26.35
CA ARG C 91 22.06 26.50 -27.14
C ARG C 91 20.62 26.69 -27.64
N PRO C 92 19.92 25.66 -28.15
CA PRO C 92 18.50 25.88 -28.51
C PRO C 92 17.65 26.40 -27.36
N SER C 93 17.89 25.95 -26.13
CA SER C 93 17.10 26.48 -25.01
C SER C 93 17.45 27.93 -24.71
N LEU C 94 18.73 28.30 -24.81
CA LEU C 94 19.10 29.70 -24.58
C LEU C 94 18.53 30.61 -25.67
N ASP C 95 18.46 30.13 -26.92
CA ASP C 95 17.80 30.93 -27.97
C ASP C 95 16.36 31.25 -27.58
N MET C 96 15.64 30.26 -27.04
CA MET C 96 14.27 30.51 -26.62
C MET C 96 14.20 31.47 -25.45
N LEU C 97 15.12 31.31 -24.49
CA LEU C 97 15.22 32.27 -23.39
C LEU C 97 15.37 33.68 -23.94
N GLU C 98 16.29 33.86 -24.88
CA GLU C 98 16.54 35.20 -25.41
C GLU C 98 15.32 35.74 -26.16
N LYS C 99 14.57 34.87 -26.83
CA LYS C 99 13.37 35.33 -27.52
C LYS C 99 12.28 35.80 -26.55
N LYS C 100 12.22 35.20 -25.36
CA LYS C 100 11.20 35.54 -24.36
C LYS C 100 11.62 36.69 -23.45
N ARG C 101 12.89 37.08 -23.48
CA ARG C 101 13.45 37.91 -22.42
C ARG C 101 12.85 39.31 -22.35
N LEU C 102 12.57 39.92 -23.51
CA LEU C 102 12.15 41.33 -23.59
C LEU C 102 13.09 42.22 -22.77
N ASP C 103 12.57 42.93 -21.77
CA ASP C 103 13.38 43.88 -21.00
C ASP C 103 13.92 43.29 -19.70
N ARG C 104 13.75 42.00 -19.44
CA ARG C 104 14.15 41.47 -18.15
C ARG C 104 15.66 41.26 -18.09
N ASP C 105 16.23 41.58 -16.92
CA ASP C 105 17.69 41.65 -16.71
C ASP C 105 18.26 40.24 -16.57
N VAL C 106 18.37 39.55 -17.70
CA VAL C 106 18.90 38.19 -17.73
C VAL C 106 19.96 38.11 -18.81
N GLU C 107 21.14 37.62 -18.45
CA GLU C 107 22.21 37.40 -19.40
C GLU C 107 22.39 35.90 -19.60
N ALA C 108 22.18 35.43 -20.84
CA ALA C 108 22.23 34.02 -21.17
C ALA C 108 23.65 33.62 -21.56
N VAL C 109 24.14 32.55 -20.95
CA VAL C 109 25.52 32.10 -21.14
C VAL C 109 25.50 30.59 -21.41
N GLU C 110 26.15 30.18 -22.49
CA GLU C 110 26.30 28.76 -22.77
C GLU C 110 27.47 28.21 -21.96
N GLY C 111 27.23 27.13 -21.22
CA GLY C 111 28.24 26.59 -20.34
C GLY C 111 27.80 25.29 -19.70
N ASP C 112 28.78 24.57 -19.16
CA ASP C 112 28.59 23.29 -18.48
C ASP C 112 28.67 23.55 -16.97
N PHE C 113 27.56 23.35 -16.25
CA PHE C 113 27.67 23.74 -14.84
C PHE C 113 28.52 22.78 -14.02
N ARG C 114 28.99 21.67 -14.58
CA ARG C 114 30.00 20.87 -13.92
C ARG C 114 31.39 21.48 -13.98
N ASP C 115 31.56 22.56 -14.75
CA ASP C 115 32.87 23.14 -15.01
C ASP C 115 32.74 24.56 -15.56
N LEU C 116 32.47 25.52 -14.69
CA LEU C 116 32.22 26.88 -15.13
C LEU C 116 33.54 27.59 -15.38
N THR C 117 33.67 28.23 -16.55
CA THR C 117 34.95 28.78 -16.98
C THR C 117 35.10 30.26 -16.67
N PHE C 118 34.02 30.98 -16.35
CA PHE C 118 34.12 32.39 -16.04
C PHE C 118 34.35 32.56 -14.53
N ASP C 119 34.54 33.82 -14.10
CA ASP C 119 35.06 34.10 -12.77
C ASP C 119 34.18 35.00 -11.91
N SER C 120 32.99 35.40 -12.36
CA SER C 120 32.16 36.31 -11.59
C SER C 120 31.72 35.69 -10.26
N THR C 121 31.33 36.53 -9.31
CA THR C 121 30.78 36.06 -8.06
C THR C 121 29.39 36.68 -7.82
N PHE C 122 28.55 35.93 -7.11
CA PHE C 122 27.13 36.21 -7.02
C PHE C 122 26.65 36.17 -5.58
N ASP C 123 25.61 36.95 -5.29
CA ASP C 123 24.90 36.85 -4.01
C ASP C 123 24.18 35.50 -3.86
N VAL C 124 23.62 34.99 -4.95
CA VAL C 124 22.72 33.83 -4.94
C VAL C 124 23.03 32.96 -6.14
N VAL C 125 23.08 31.64 -5.92
CA VAL C 125 23.12 30.64 -6.98
C VAL C 125 21.89 29.76 -6.87
N THR C 126 21.14 29.60 -7.97
CA THR C 126 19.92 28.79 -7.95
C THR C 126 20.01 27.62 -8.92
N MET C 127 19.41 26.50 -8.51
CA MET C 127 19.20 25.37 -9.42
C MET C 127 17.73 24.97 -9.29
N SER C 128 16.99 25.09 -10.39
CA SER C 128 15.56 24.86 -10.33
C SER C 128 15.26 23.37 -10.14
N ARG C 129 13.98 23.07 -9.94
CA ARG C 129 13.49 21.76 -9.55
C ARG C 129 14.20 20.60 -10.24
N ASN C 130 15.00 19.85 -9.46
CA ASN C 130 15.72 18.62 -9.81
C ASN C 130 16.85 18.81 -10.80
N THR C 131 17.16 20.05 -11.16
CA THR C 131 18.30 20.28 -12.05
C THR C 131 19.61 19.80 -11.44
N PHE C 132 19.75 19.92 -10.12
CA PHE C 132 20.94 19.38 -9.42
C PHE C 132 21.15 17.91 -9.73
N PHE C 133 20.07 17.14 -9.92
CA PHE C 133 20.24 15.72 -10.18
C PHE C 133 20.73 15.43 -11.59
N LEU C 134 20.83 16.45 -12.45
CA LEU C 134 21.35 16.23 -13.81
C LEU C 134 22.89 16.25 -13.86
N ALA C 135 23.56 16.65 -12.80
CA ALA C 135 24.97 16.28 -12.61
C ALA C 135 24.92 14.86 -12.08
N GLN C 136 25.19 13.89 -12.96
CA GLN C 136 24.78 12.51 -12.73
C GLN C 136 25.59 11.82 -11.64
N GLU C 137 26.87 11.58 -11.86
CA GLU C 137 27.63 10.82 -10.89
C GLU C 137 27.96 11.66 -9.66
N GLN C 138 28.29 10.97 -8.56
CA GLN C 138 28.63 11.67 -7.33
C GLN C 138 29.79 12.64 -7.55
N GLU C 139 30.81 12.20 -8.31
CA GLU C 139 31.94 13.07 -8.60
C GLU C 139 31.53 14.31 -9.39
N GLU C 140 30.50 14.18 -10.24
CA GLU C 140 30.04 15.34 -11.01
C GLU C 140 29.27 16.32 -10.14
N LYS C 141 28.45 15.81 -9.22
CA LYS C 141 27.79 16.69 -8.26
C LYS C 141 28.82 17.44 -7.42
N ILE C 142 29.90 16.77 -7.05
CA ILE C 142 30.92 17.43 -6.23
C ILE C 142 31.58 18.54 -7.03
N ALA C 143 31.96 18.27 -8.27
CA ALA C 143 32.55 19.31 -9.11
C ALA C 143 31.58 20.49 -9.27
N LEU C 144 30.31 20.20 -9.52
CA LEU C 144 29.29 21.24 -9.56
C LEU C 144 29.28 22.07 -8.28
N LEU C 145 29.34 21.41 -7.12
CA LEU C 145 29.25 22.14 -5.86
C LEU C 145 30.51 22.98 -5.59
N ARG C 146 31.68 22.45 -5.97
CA ARG C 146 32.90 23.24 -5.91
C ARG C 146 32.77 24.49 -6.76
N GLY C 147 32.24 24.36 -7.98
CA GLY C 147 32.05 25.51 -8.83
C GLY C 147 31.08 26.53 -8.24
N ILE C 148 30.04 26.04 -7.56
CA ILE C 148 29.13 26.95 -6.86
C ILE C 148 29.89 27.72 -5.79
N ALA C 149 30.72 27.03 -5.02
CA ALA C 149 31.46 27.70 -3.93
C ALA C 149 32.38 28.78 -4.49
N ARG C 150 33.14 28.46 -5.55
CA ARG C 150 34.00 29.46 -6.18
C ARG C 150 33.22 30.66 -6.71
N HIS C 151 31.94 30.52 -7.00
CA HIS C 151 31.19 31.62 -7.59
C HIS C 151 30.26 32.31 -6.61
N LEU C 152 30.43 32.07 -5.31
CA LEU C 152 29.64 32.75 -4.30
C LEU C 152 30.44 33.90 -3.68
N LYS C 153 29.82 35.09 -3.61
CA LYS C 153 30.39 36.20 -2.85
C LYS C 153 30.41 35.84 -1.37
N PRO C 154 31.20 36.55 -0.56
CA PRO C 154 31.13 36.35 0.89
C PRO C 154 29.71 36.58 1.38
N GLY C 155 29.18 35.61 2.12
CA GLY C 155 27.83 35.71 2.59
C GLY C 155 26.77 35.24 1.61
N GLY C 156 27.18 34.73 0.45
CA GLY C 156 26.23 34.24 -0.52
C GLY C 156 25.65 32.88 -0.16
N ALA C 157 24.59 32.51 -0.86
CA ALA C 157 23.87 31.27 -0.59
C ALA C 157 23.47 30.61 -1.90
N ALA C 158 23.53 29.29 -1.92
CA ALA C 158 23.06 28.47 -3.04
C ALA C 158 21.80 27.71 -2.64
N PHE C 159 20.97 27.42 -3.65
CA PHE C 159 19.62 26.89 -3.44
C PHE C 159 19.40 25.74 -4.42
N LEU C 160 19.26 24.52 -3.89
CA LEU C 160 18.97 23.34 -4.69
C LEU C 160 17.50 22.97 -4.48
N ASP C 161 16.69 23.23 -5.50
CA ASP C 161 15.25 22.93 -5.49
C ASP C 161 15.09 21.47 -5.95
N CYS C 162 14.77 20.57 -5.03
CA CYS C 162 14.66 19.15 -5.35
C CYS C 162 13.34 18.57 -4.86
N THR C 163 12.85 17.58 -5.60
CA THR C 163 11.91 16.61 -5.06
C THR C 163 12.62 15.76 -4.01
N ASP C 164 11.94 15.45 -2.92
CA ASP C 164 12.50 14.45 -2.00
C ASP C 164 12.58 13.10 -2.72
N PRO C 165 13.77 12.50 -2.84
CA PRO C 165 13.92 11.25 -3.63
C PRO C 165 13.13 10.07 -3.12
N ALA C 166 12.60 10.12 -1.88
CA ALA C 166 11.67 9.07 -1.45
C ALA C 166 10.49 8.97 -2.40
N GLU C 167 10.05 10.10 -2.97
CA GLU C 167 8.94 10.10 -3.94
C GLU C 167 9.25 9.20 -5.12
N PHE C 168 10.50 9.14 -5.57
CA PHE C 168 10.84 8.32 -6.74
C PHE C 168 10.84 6.83 -6.44
N GLN C 169 10.66 6.43 -5.18
CA GLN C 169 10.78 5.04 -4.80
C GLN C 169 9.44 4.41 -4.42
N ARG C 170 8.39 5.22 -4.32
CA ARG C 170 7.06 4.64 -4.33
C ARG C 170 6.95 3.77 -5.57
N ALA C 171 6.11 2.75 -5.50
CA ALA C 171 5.89 1.84 -6.62
C ALA C 171 7.13 1.03 -6.97
N GLY C 172 8.21 1.12 -6.19
CA GLY C 172 9.37 0.28 -6.44
C GLY C 172 10.10 0.58 -7.72
N GLY C 173 9.92 1.78 -8.28
CA GLY C 173 10.54 2.10 -9.54
C GLY C 173 9.78 1.63 -10.76
N ASP C 174 8.65 0.94 -10.58
CA ASP C 174 7.83 0.49 -11.70
C ASP C 174 7.26 1.68 -12.47
N ALA C 175 7.08 1.46 -13.78
CA ALA C 175 6.51 2.49 -14.64
C ALA C 175 5.17 2.99 -14.10
N ARG C 176 5.07 4.31 -13.94
CA ARG C 176 3.81 4.97 -13.62
C ARG C 176 3.64 6.16 -14.53
N SER C 177 2.39 6.48 -14.85
CA SER C 177 2.06 7.59 -15.74
C SER C 177 1.03 8.50 -15.11
N VAL C 178 1.21 9.80 -15.28
CA VAL C 178 0.24 10.80 -14.89
C VAL C 178 0.09 11.79 -16.04
N THR C 179 -1.13 12.23 -16.27
CA THR C 179 -1.46 13.13 -17.36
C THR C 179 -2.00 14.42 -16.78
N TYR C 180 -1.42 15.55 -17.23
CA TYR C 180 -1.74 16.91 -16.80
C TYR C 180 -2.21 17.75 -17.99
N PRO C 181 -3.23 18.58 -17.81
CA PRO C 181 -3.57 19.55 -18.87
C PRO C 181 -2.49 20.62 -18.95
N LEU C 182 -2.30 21.15 -20.15
CA LEU C 182 -1.41 22.29 -20.37
C LEU C 182 -2.23 23.38 -21.06
N GLY C 183 -3.09 24.04 -20.31
CA GLY C 183 -4.08 24.91 -20.93
C GLY C 183 -5.26 24.09 -21.41
N ARG C 184 -6.12 24.74 -22.21
CA ARG C 184 -7.33 24.09 -22.69
C ARG C 184 -7.10 23.11 -23.83
N ASP C 185 -6.00 23.25 -24.58
CA ASP C 185 -5.86 22.54 -25.84
C ASP C 185 -4.56 21.74 -25.97
N ARG C 186 -3.76 21.64 -24.91
CA ARG C 186 -2.57 20.79 -24.92
C ARG C 186 -2.54 19.98 -23.63
N MET C 187 -1.71 18.95 -23.60
CA MET C 187 -1.60 18.08 -22.45
C MET C 187 -0.22 17.44 -22.47
N VAL C 188 0.18 16.90 -21.30
CA VAL C 188 1.42 16.12 -21.23
C VAL C 188 1.19 14.89 -20.37
N THR C 189 1.61 13.75 -20.86
CA THR C 189 1.66 12.52 -20.07
C THR C 189 3.11 12.30 -19.68
N VAL C 190 3.36 12.15 -18.38
CA VAL C 190 4.69 11.92 -17.84
C VAL C 190 4.75 10.49 -17.35
N THR C 191 5.66 9.70 -17.90
CA THR C 191 5.84 8.31 -17.52
C THR C 191 7.22 8.17 -16.91
N GLN C 192 7.28 7.64 -15.69
CA GLN C 192 8.51 7.57 -14.93
C GLN C 192 8.83 6.14 -14.53
N THR C 193 10.11 5.79 -14.61
CA THR C 193 10.64 4.55 -14.06
C THR C 193 11.89 4.89 -13.26
N ALA C 194 12.30 3.97 -12.37
CA ALA C 194 13.41 4.27 -11.49
C ALA C 194 14.12 2.99 -11.09
N ASP C 195 15.41 3.13 -10.77
CA ASP C 195 16.23 2.06 -10.22
C ASP C 195 16.83 2.57 -8.91
N ARG C 196 16.34 2.02 -7.80
CA ARG C 196 16.71 2.47 -6.47
C ARG C 196 18.19 2.26 -6.19
N ALA C 197 18.78 1.21 -6.75
CA ALA C 197 20.18 0.90 -6.47
C ALA C 197 21.09 1.87 -7.19
N GLY C 198 20.82 2.14 -8.47
CA GLY C 198 21.54 3.18 -9.18
C GLY C 198 21.11 4.60 -8.85
N GLN C 199 20.01 4.74 -8.11
CA GLN C 199 19.40 6.03 -7.81
C GLN C 199 19.11 6.80 -9.11
N GLN C 200 18.61 6.06 -10.10
CA GLN C 200 18.28 6.59 -11.41
C GLN C 200 16.78 6.80 -11.54
N ILE C 201 16.39 7.92 -12.15
CA ILE C 201 14.99 8.21 -12.41
C ILE C 201 14.88 8.69 -13.85
N LEU C 202 13.98 8.08 -14.61
CA LEU C 202 13.79 8.39 -16.02
C LEU C 202 12.38 8.91 -16.19
N SER C 203 12.24 10.10 -16.78
CA SER C 203 10.93 10.67 -17.06
C SER C 203 10.75 10.81 -18.56
N ILE C 204 9.68 10.22 -19.09
CA ILE C 204 9.30 10.40 -20.50
C ILE C 204 8.16 11.39 -20.53
N PHE C 205 8.32 12.46 -21.32
CA PHE C 205 7.29 13.47 -21.47
C PHE C 205 6.67 13.33 -22.85
N LEU C 206 5.36 13.09 -22.90
CA LEU C 206 4.64 12.95 -24.18
C LEU C 206 3.64 14.12 -24.27
N VAL C 207 3.96 15.12 -25.08
CA VAL C 207 3.18 16.36 -25.15
C VAL C 207 2.29 16.33 -26.38
N GLN C 208 1.00 16.64 -26.20
CA GLN C 208 0.02 16.46 -27.25
C GLN C 208 -0.88 17.67 -27.39
N GLY C 209 -1.25 17.96 -28.63
CA GLY C 209 -2.38 18.81 -28.96
C GLY C 209 -3.37 18.02 -29.78
N ALA C 210 -4.38 18.69 -30.34
CA ALA C 210 -5.35 17.99 -31.16
C ALA C 210 -4.67 17.26 -32.31
N THR C 211 -3.65 17.89 -32.92
CA THR C 211 -3.02 17.27 -34.08
C THR C 211 -1.51 17.18 -33.96
N THR C 212 -0.95 17.18 -32.74
CA THR C 212 0.50 17.18 -32.57
C THR C 212 0.89 16.21 -31.47
N LEU C 213 2.09 15.65 -31.60
CA LEU C 213 2.66 14.77 -30.60
C LEU C 213 4.17 15.00 -30.60
N THR C 214 4.71 15.42 -29.46
CA THR C 214 6.14 15.64 -29.29
C THR C 214 6.59 14.91 -28.03
N ALA C 215 7.55 13.98 -28.20
CA ALA C 215 8.11 13.20 -27.11
C ALA C 215 9.54 13.64 -26.80
N PHE C 216 9.85 13.76 -25.51
CA PHE C 216 11.23 13.91 -25.05
C PHE C 216 11.35 13.22 -23.68
N HIS C 217 12.60 13.17 -23.18
CA HIS C 217 12.86 12.45 -21.94
C HIS C 217 14.04 13.08 -21.23
N GLU C 218 14.14 12.80 -19.92
CA GLU C 218 15.26 13.26 -19.08
C GLU C 218 15.55 12.16 -18.06
N GLN C 219 16.82 11.80 -17.92
CA GLN C 219 17.23 10.84 -16.91
C GLN C 219 18.13 11.55 -15.91
N ALA C 220 17.85 11.33 -14.63
CA ALA C 220 18.58 12.00 -13.57
C ALA C 220 19.04 10.97 -12.53
N THR C 221 20.03 11.38 -11.72
CA THR C 221 20.56 10.59 -10.61
C THR C 221 20.31 11.37 -9.33
N TRP C 222 19.48 10.82 -8.44
CA TRP C 222 19.14 11.60 -7.27
C TRP C 222 20.23 11.47 -6.21
N ALA C 223 20.20 12.38 -5.24
CA ALA C 223 21.02 12.26 -4.05
C ALA C 223 20.15 12.62 -2.87
N THR C 224 20.26 11.83 -1.78
CA THR C 224 19.55 12.17 -0.57
C THR C 224 20.20 13.35 0.12
N LEU C 225 19.47 13.92 1.10
CA LEU C 225 20.03 15.01 1.90
C LEU C 225 21.32 14.57 2.58
N ALA C 226 21.34 13.34 3.10
CA ALA C 226 22.54 12.84 3.77
C ALA C 226 23.75 12.84 2.83
N GLU C 227 23.56 12.34 1.61
CA GLU C 227 24.59 12.46 0.57
C GLU C 227 24.98 13.90 0.32
N ILE C 228 24.00 14.78 0.19
CA ILE C 228 24.28 16.18 -0.15
C ILE C 228 25.14 16.83 0.94
N ARG C 229 24.83 16.56 2.21
CA ARG C 229 25.65 17.09 3.31
C ARG C 229 27.11 16.75 3.10
N LEU C 230 27.39 15.50 2.75
CA LEU C 230 28.76 15.06 2.54
C LEU C 230 29.38 15.73 1.32
N MET C 231 28.65 15.73 0.19
CA MET C 231 29.20 16.36 -1.02
C MET C 231 29.48 17.83 -0.76
N ALA C 232 28.54 18.53 -0.12
CA ALA C 232 28.75 19.93 0.23
C ALA C 232 30.04 20.12 1.00
N ARG C 233 30.25 19.29 2.02
CA ARG C 233 31.43 19.44 2.87
C ARG C 233 32.70 19.17 2.07
N ILE C 234 32.69 18.17 1.19
CA ILE C 234 33.85 17.91 0.33
C ILE C 234 34.16 19.12 -0.56
N ALA C 235 33.14 19.90 -0.92
CA ALA C 235 33.31 21.03 -1.85
C ALA C 235 33.49 22.36 -1.14
N GLY C 236 33.66 22.38 0.18
CA GLY C 236 33.84 23.62 0.89
C GLY C 236 32.57 24.29 1.34
N LEU C 237 31.41 23.67 1.14
CA LEU C 237 30.12 24.26 1.48
C LEU C 237 29.53 23.56 2.71
N GLU C 238 28.42 24.10 3.18
CA GLU C 238 27.72 23.56 4.33
C GLU C 238 26.21 23.69 4.12
N VAL C 239 25.49 22.58 4.24
CA VAL C 239 24.03 22.66 4.29
C VAL C 239 23.62 23.43 5.54
N THR C 240 22.99 24.58 5.36
CA THR C 240 22.58 25.42 6.48
C THR C 240 21.08 25.47 6.70
N GLY C 241 20.29 24.96 5.76
CA GLY C 241 18.85 24.96 5.89
C GLY C 241 18.26 23.98 4.91
N VAL C 242 17.14 23.35 5.29
CA VAL C 242 16.37 22.48 4.41
C VAL C 242 14.89 22.73 4.68
N ASP C 243 14.15 23.12 3.64
CA ASP C 243 12.72 23.33 3.78
C ASP C 243 11.97 22.19 3.09
N GLY C 244 10.79 21.89 3.62
CA GLY C 244 9.94 20.84 3.09
C GLY C 244 8.98 21.27 2.00
N SER C 245 8.84 22.57 1.74
CA SER C 245 7.96 23.07 0.69
C SER C 245 8.32 24.53 0.45
N TYR C 246 7.81 25.08 -0.66
CA TYR C 246 8.06 26.49 -0.96
C TYR C 246 7.55 27.41 0.12
N ALA C 247 6.58 26.97 0.91
CA ALA C 247 6.08 27.78 2.03
C ALA C 247 7.05 27.85 3.19
N GLY C 248 8.15 27.12 3.16
CA GLY C 248 9.21 27.30 4.15
C GLY C 248 9.08 26.53 5.44
N GLU C 249 8.19 25.55 5.53
CA GLU C 249 8.17 24.77 6.76
C GLU C 249 9.34 23.78 6.78
N PRO C 250 9.77 23.36 7.97
CA PRO C 250 10.99 22.55 8.08
C PRO C 250 10.83 21.20 7.39
N TYR C 251 11.98 20.64 7.02
CA TYR C 251 12.05 19.35 6.35
C TYR C 251 11.87 18.26 7.39
N THR C 252 10.87 17.39 7.19
CA THR C 252 10.63 16.30 8.12
C THR C 252 10.38 15.03 7.31
N ALA C 253 10.13 13.92 8.02
CA ALA C 253 9.81 12.66 7.35
C ALA C 253 8.57 12.77 6.48
N ARG C 254 7.73 13.77 6.72
CA ARG C 254 6.50 13.91 5.96
C ARG C 254 6.68 14.79 4.72
N SER C 255 7.82 15.47 4.61
CA SER C 255 8.09 16.36 3.48
C SER C 255 8.15 15.56 2.16
N ARG C 256 7.56 16.14 1.10
CA ARG C 256 7.67 15.60 -0.25
C ARG C 256 8.64 16.38 -1.13
N GLU C 257 9.14 17.52 -0.66
CA GLU C 257 10.16 18.29 -1.35
C GLU C 257 11.37 18.44 -0.43
N MET C 258 12.54 18.63 -1.04
CA MET C 258 13.79 18.76 -0.29
C MET C 258 14.49 19.99 -0.85
N LEU C 259 14.31 21.13 -0.20
CA LEU C 259 14.77 22.42 -0.71
C LEU C 259 16.00 22.80 0.10
N VAL C 260 17.18 22.66 -0.49
CA VAL C 260 18.45 22.67 0.22
C VAL C 260 19.11 24.05 0.10
N VAL C 261 19.47 24.62 1.25
CA VAL C 261 20.19 25.89 1.34
C VAL C 261 21.62 25.60 1.74
N LEU C 262 22.57 26.13 0.96
CA LEU C 262 24.00 25.94 1.19
C LEU C 262 24.69 27.28 1.34
N GLU C 263 25.68 27.32 2.24
CA GLU C 263 26.51 28.52 2.41
C GLU C 263 27.96 28.06 2.53
N ARG C 264 28.85 29.04 2.60
CA ARG C 264 30.28 28.76 2.58
C ARG C 264 30.77 28.08 3.85
N GLN C 265 31.93 27.44 3.73
CA GLN C 265 32.71 26.74 4.77
C GLN C 265 31.92 25.85 5.70
N GLU D 29 -9.69 -2.30 41.67
CA GLU D 29 -9.66 -3.18 40.47
C GLU D 29 -8.35 -2.97 39.72
N THR D 30 -7.71 -4.07 39.35
CA THR D 30 -6.44 -4.08 38.60
C THR D 30 -6.64 -3.42 37.24
N ALA D 31 -7.84 -3.53 36.68
CA ALA D 31 -8.08 -2.93 35.38
C ALA D 31 -7.83 -1.42 35.43
N ILE D 32 -8.30 -0.76 36.48
CA ILE D 32 -8.14 0.68 36.57
C ILE D 32 -6.66 1.04 36.77
N GLU D 33 -5.93 0.26 37.58
CA GLU D 33 -4.50 0.52 37.76
C GLU D 33 -3.75 0.41 36.43
N ALA D 34 -4.04 -0.65 35.66
CA ALA D 34 -3.43 -0.79 34.34
C ALA D 34 -3.82 0.36 33.42
N TYR D 35 -5.11 0.70 33.39
CA TYR D 35 -5.61 1.88 32.67
C TYR D 35 -4.76 3.11 32.98
N ASP D 36 -4.52 3.35 34.27
CA ASP D 36 -3.78 4.55 34.66
C ASP D 36 -2.34 4.49 34.17
N LEU D 37 -1.69 3.33 34.30
CA LEU D 37 -0.32 3.19 33.82
C LEU D 37 -0.23 3.41 32.31
N VAL D 38 -1.11 2.75 31.54
CA VAL D 38 -1.10 2.90 30.07
C VAL D 38 -1.34 4.35 29.70
N SER D 39 -2.38 4.96 30.27
CA SER D 39 -2.69 6.35 29.96
C SER D 39 -1.56 7.28 30.37
N SER D 40 -0.96 7.05 31.55
CA SER D 40 0.12 7.91 32.01
C SER D 40 1.33 7.86 31.09
N MET D 41 1.57 6.73 30.46
CA MET D 41 2.80 6.57 29.68
C MET D 41 2.59 6.76 28.19
N LEU D 42 1.47 6.31 27.65
CA LEU D 42 1.19 6.43 26.24
C LEU D 42 0.38 7.68 25.91
N SER D 43 -0.07 8.41 26.90
CA SER D 43 -0.87 9.59 26.62
C SER D 43 -0.69 10.61 27.73
N PRO D 44 0.54 11.04 28.02
CA PRO D 44 0.73 12.02 29.09
C PRO D 44 -0.01 13.31 28.77
N GLY D 45 -0.37 14.05 29.83
CA GLY D 45 -1.12 15.28 29.68
C GLY D 45 -0.33 16.46 29.14
N ALA D 46 0.99 16.31 28.99
CA ALA D 46 1.84 17.44 28.64
C ALA D 46 1.49 18.00 27.27
N GLY D 47 1.25 17.14 26.29
CA GLY D 47 0.90 17.62 24.97
C GLY D 47 -0.41 18.38 24.95
N LEU D 48 -1.43 17.84 25.63
CA LEU D 48 -2.70 18.55 25.74
C LEU D 48 -2.50 19.92 26.39
N VAL D 49 -1.70 19.98 27.47
CA VAL D 49 -1.50 21.25 28.18
C VAL D 49 -0.81 22.26 27.28
N ALA D 50 0.21 21.82 26.52
CA ALA D 50 0.92 22.74 25.64
C ALA D 50 0.01 23.24 24.52
N TRP D 51 -0.78 22.35 23.92
CA TRP D 51 -1.68 22.76 22.85
C TRP D 51 -2.71 23.75 23.37
N VAL D 52 -3.33 23.45 24.51
CA VAL D 52 -4.36 24.33 25.05
C VAL D 52 -3.77 25.69 25.41
N SER D 53 -2.59 25.69 26.04
CA SER D 53 -1.94 26.95 26.45
C SER D 53 -1.61 27.84 25.26
N SER D 54 -1.38 27.25 24.08
CA SER D 54 -1.15 28.06 22.89
C SER D 54 -2.39 28.80 22.42
N HIS D 55 -3.57 28.49 23.00
CA HIS D 55 -4.82 29.14 22.64
C HIS D 55 -5.48 29.92 23.77
N ARG D 56 -5.31 29.50 25.02
CA ARG D 56 -5.88 30.16 26.18
C ARG D 56 -4.91 30.01 27.36
N PRO D 57 -4.78 31.04 28.19
CA PRO D 57 -3.99 30.88 29.42
C PRO D 57 -4.69 29.97 30.43
N LEU D 58 -3.90 29.13 31.12
CA LEU D 58 -4.43 28.25 32.16
C LEU D 58 -4.09 28.70 33.58
N ASP D 59 -3.09 29.55 33.75
CA ASP D 59 -2.55 29.86 35.08
C ASP D 59 -3.59 30.63 35.87
N GLY D 60 -4.18 29.99 36.89
CA GLY D 60 -5.26 30.57 37.67
C GLY D 60 -6.62 30.57 37.01
N ARG D 61 -6.77 29.94 35.85
CA ARG D 61 -8.07 29.91 35.20
C ARG D 61 -8.81 28.63 35.58
N THR D 62 -10.11 28.62 35.32
CA THR D 62 -10.96 27.48 35.65
C THR D 62 -11.09 26.57 34.44
N VAL D 63 -10.95 25.26 34.67
CA VAL D 63 -10.97 24.25 33.63
C VAL D 63 -11.95 23.15 34.03
N LEU D 64 -12.87 22.80 33.13
CA LEU D 64 -13.72 21.64 33.24
C LEU D 64 -13.15 20.53 32.37
N ASP D 65 -12.54 19.50 32.99
CA ASP D 65 -11.92 18.38 32.27
C ASP D 65 -12.91 17.22 32.24
N LEU D 66 -13.52 16.99 31.07
CA LEU D 66 -14.59 16.00 30.93
C LEU D 66 -14.03 14.65 30.55
N GLY D 67 -14.47 13.61 31.26
CA GLY D 67 -13.94 12.29 31.11
C GLY D 67 -12.53 12.21 31.67
N CYS D 68 -12.38 12.68 32.91
CA CYS D 68 -11.06 12.85 33.50
C CYS D 68 -10.39 11.53 33.84
N GLY D 69 -11.15 10.44 33.94
CA GLY D 69 -10.53 9.16 34.29
C GLY D 69 -9.84 9.23 35.64
N THR D 70 -8.64 8.67 35.70
CA THR D 70 -7.79 8.70 36.88
C THR D 70 -6.94 9.97 36.97
N GLY D 71 -7.16 10.94 36.09
CA GLY D 71 -6.65 12.27 36.28
C GLY D 71 -5.35 12.60 35.58
N VAL D 72 -4.91 11.78 34.62
CA VAL D 72 -3.67 12.11 33.91
C VAL D 72 -3.79 13.47 33.25
N SER D 73 -4.92 13.75 32.63
CA SER D 73 -5.13 15.07 32.01
C SER D 73 -5.36 16.13 33.08
N SER D 74 -6.18 15.82 34.09
CA SER D 74 -6.52 16.81 35.11
C SER D 74 -5.28 17.25 35.88
N PHE D 75 -4.40 16.33 36.22
CA PHE D 75 -3.22 16.70 37.00
C PHE D 75 -2.26 17.54 36.17
N ALA D 76 -2.10 17.22 34.88
CA ALA D 76 -1.21 18.02 34.03
C ALA D 76 -1.76 19.41 33.86
N LEU D 77 -3.07 19.54 33.83
CA LEU D 77 -3.69 20.88 33.70
C LEU D 77 -3.43 21.68 34.99
N ALA D 78 -3.59 21.05 36.14
CA ALA D 78 -3.36 21.70 37.45
C ALA D 78 -1.89 22.15 37.58
N GLU D 79 -0.96 21.35 37.07
CA GLU D 79 0.48 21.70 37.14
C GLU D 79 0.74 22.99 36.35
N ALA D 80 -0.06 23.25 35.32
CA ALA D 80 0.01 24.52 34.59
C ALA D 80 -0.68 25.65 35.34
N GLY D 81 -1.25 25.38 36.51
CA GLY D 81 -1.86 26.41 37.33
C GLY D 81 -3.36 26.49 37.24
N ALA D 82 -4.00 25.58 36.53
CA ALA D 82 -5.44 25.63 36.37
C ALA D 82 -6.14 25.19 37.64
N ARG D 83 -7.31 25.76 37.89
CA ARG D 83 -8.22 25.23 38.90
C ARG D 83 -9.19 24.30 38.17
N VAL D 84 -9.07 22.99 38.43
CA VAL D 84 -9.68 21.97 37.57
C VAL D 84 -10.88 21.37 38.28
N VAL D 85 -11.99 21.28 37.56
CA VAL D 85 -13.12 20.43 37.93
C VAL D 85 -13.10 19.23 36.99
N ALA D 86 -12.99 18.03 37.57
CA ALA D 86 -12.74 16.80 36.81
C ALA D 86 -13.94 15.87 36.91
N VAL D 87 -14.57 15.59 35.77
CA VAL D 87 -15.83 14.87 35.70
C VAL D 87 -15.61 13.50 35.07
N ASP D 88 -16.19 12.46 35.69
CA ASP D 88 -16.13 11.12 35.13
C ASP D 88 -17.28 10.29 35.68
N ALA D 89 -17.78 9.37 34.86
CA ALA D 89 -18.85 8.47 35.29
C ALA D 89 -18.34 7.25 36.05
N SER D 90 -17.04 7.01 36.04
CA SER D 90 -16.45 5.86 36.73
C SER D 90 -16.01 6.32 38.13
N ARG D 91 -16.84 6.00 39.13
CA ARG D 91 -16.45 6.25 40.52
C ARG D 91 -15.12 5.58 40.91
N PRO D 92 -14.80 4.35 40.49
CA PRO D 92 -13.47 3.80 40.80
C PRO D 92 -12.31 4.57 40.17
N SER D 93 -12.51 5.14 38.98
CA SER D 93 -11.47 6.00 38.41
C SER D 93 -11.28 7.25 39.25
N LEU D 94 -12.38 7.90 39.66
CA LEU D 94 -12.29 9.05 40.54
C LEU D 94 -11.61 8.70 41.86
N ASP D 95 -11.89 7.52 42.42
CA ASP D 95 -11.22 7.11 43.65
C ASP D 95 -9.72 7.10 43.48
N MET D 96 -9.25 6.61 42.34
CA MET D 96 -7.81 6.59 42.13
C MET D 96 -7.28 8.01 41.90
N LEU D 97 -8.05 8.86 41.22
CA LEU D 97 -7.67 10.26 41.08
C LEU D 97 -7.44 10.91 42.45
N GLU D 98 -8.46 10.87 43.33
CA GLU D 98 -8.34 11.47 44.66
C GLU D 98 -7.14 10.90 45.42
N LYS D 99 -6.86 9.60 45.26
CA LYS D 99 -5.71 9.02 45.92
C LYS D 99 -4.39 9.54 45.36
N LYS D 100 -4.32 9.82 44.07
CA LYS D 100 -3.08 10.37 43.52
C LYS D 100 -3.03 11.89 43.59
N ARG D 101 -4.12 12.54 44.03
CA ARG D 101 -4.23 13.99 43.88
C ARG D 101 -3.18 14.71 44.70
N LEU D 102 -2.98 14.28 45.95
CA LEU D 102 -2.08 14.96 46.87
C LEU D 102 -2.45 16.43 46.98
N ASP D 103 -1.55 17.26 46.49
CA ASP D 103 -1.54 18.71 46.67
C ASP D 103 -2.51 19.44 45.73
N ARG D 104 -2.89 18.84 44.61
CA ARG D 104 -3.28 19.63 43.44
C ARG D 104 -4.75 20.03 43.42
N ASP D 105 -5.00 21.20 42.83
CA ASP D 105 -6.32 21.82 42.78
C ASP D 105 -7.16 21.16 41.68
N VAL D 106 -7.75 20.01 42.05
CA VAL D 106 -8.60 19.22 41.17
C VAL D 106 -9.76 18.70 41.99
N GLU D 107 -10.98 19.11 41.68
CA GLU D 107 -12.17 18.62 42.32
C GLU D 107 -12.77 17.51 41.47
N ALA D 108 -12.88 16.32 42.04
CA ALA D 108 -13.42 15.15 41.33
C ALA D 108 -14.94 15.13 41.47
N VAL D 109 -15.64 15.01 40.35
CA VAL D 109 -17.10 15.04 40.32
C VAL D 109 -17.61 13.84 39.54
N GLU D 110 -18.49 13.06 40.15
CA GLU D 110 -19.13 11.94 39.47
C GLU D 110 -20.26 12.48 38.61
N GLY D 111 -20.23 12.18 37.32
CA GLY D 111 -21.24 12.74 36.44
C GLY D 111 -21.14 12.18 35.04
N ASP D 112 -22.17 12.47 34.25
CA ASP D 112 -22.32 11.99 32.88
C ASP D 112 -22.12 13.17 31.95
N PHE D 113 -21.04 13.17 31.16
CA PHE D 113 -20.80 14.37 30.37
C PHE D 113 -21.79 14.53 29.20
N ARG D 114 -22.69 13.57 28.97
CA ARG D 114 -23.78 13.80 28.02
C ARG D 114 -24.94 14.57 28.63
N ASP D 115 -24.98 14.71 29.97
CA ASP D 115 -26.08 15.36 30.67
C ASP D 115 -25.52 15.94 31.98
N LEU D 116 -24.78 17.04 31.86
CA LEU D 116 -24.20 17.67 33.04
C LEU D 116 -25.28 18.45 33.79
N THR D 117 -25.39 18.17 35.10
CA THR D 117 -26.46 18.73 35.91
C THR D 117 -26.04 19.93 36.73
N PHE D 118 -24.77 20.07 37.08
CA PHE D 118 -24.38 21.26 37.81
C PHE D 118 -24.35 22.47 36.88
N ASP D 119 -24.38 23.65 37.49
CA ASP D 119 -24.48 24.92 36.74
C ASP D 119 -23.32 25.81 37.16
N SER D 120 -22.27 25.80 36.34
CA SER D 120 -21.12 26.67 36.50
C SER D 120 -20.53 26.90 35.12
N THR D 121 -19.85 28.01 34.95
CA THR D 121 -19.16 28.30 33.71
C THR D 121 -17.66 28.33 33.95
N PHE D 122 -16.90 28.08 32.88
CA PHE D 122 -15.45 27.89 32.97
C PHE D 122 -14.76 28.65 31.85
N ASP D 123 -13.49 28.98 32.09
CA ASP D 123 -12.65 29.57 31.06
C ASP D 123 -12.35 28.55 29.95
N VAL D 124 -12.14 27.30 30.33
CA VAL D 124 -11.66 26.26 29.43
C VAL D 124 -12.38 24.95 29.73
N VAL D 125 -12.74 24.22 28.68
CA VAL D 125 -13.23 22.85 28.79
C VAL D 125 -12.30 21.97 27.96
N THR D 126 -11.87 20.84 28.52
CA THR D 126 -10.96 19.95 27.83
C THR D 126 -11.57 18.57 27.76
N MET D 127 -11.33 17.88 26.65
CA MET D 127 -11.47 16.44 26.58
C MET D 127 -10.18 15.84 26.04
N SER D 128 -9.57 14.97 26.85
CA SER D 128 -8.28 14.37 26.53
C SER D 128 -8.42 13.44 25.32
N ARG D 129 -7.27 12.95 24.86
CA ARG D 129 -7.17 12.23 23.58
C ARG D 129 -8.26 11.17 23.37
N ASN D 130 -9.16 11.44 22.41
CA ASN D 130 -10.18 10.55 21.89
C ASN D 130 -11.35 10.34 22.85
N THR D 131 -11.36 11.03 24.00
CA THR D 131 -12.48 10.93 24.93
C THR D 131 -13.78 11.44 24.32
N PHE D 132 -13.72 12.44 23.44
CA PHE D 132 -14.91 12.92 22.75
C PHE D 132 -15.61 11.80 21.97
N PHE D 133 -14.85 10.85 21.45
CA PHE D 133 -15.45 9.74 20.71
C PHE D 133 -16.16 8.75 21.63
N LEU D 134 -16.05 8.89 22.95
CA LEU D 134 -16.76 7.99 23.84
C LEU D 134 -18.20 8.42 24.11
N ALA D 135 -18.60 9.62 23.68
CA ALA D 135 -20.01 9.93 23.48
C ALA D 135 -20.40 9.30 22.15
N GLN D 136 -21.10 8.16 22.19
CA GLN D 136 -21.10 7.24 21.05
C GLN D 136 -21.96 7.71 19.88
N GLU D 137 -23.28 7.82 20.08
CA GLU D 137 -24.12 8.22 18.97
C GLU D 137 -23.91 9.69 18.62
N GLN D 138 -24.22 10.06 17.37
CA GLN D 138 -24.12 11.46 16.99
C GLN D 138 -24.97 12.34 17.89
N GLU D 139 -26.19 11.90 18.23
CA GLU D 139 -27.01 12.68 19.15
C GLU D 139 -26.41 12.75 20.55
N GLU D 140 -25.57 11.78 20.93
CA GLU D 140 -24.92 11.90 22.23
C GLU D 140 -23.79 12.91 22.17
N LYS D 141 -23.05 12.98 21.07
CA LYS D 141 -22.04 14.02 20.90
C LYS D 141 -22.67 15.40 20.90
N ILE D 142 -23.87 15.53 20.33
CA ILE D 142 -24.55 16.81 20.30
C ILE D 142 -24.99 17.21 21.71
N ALA D 143 -25.52 16.27 22.49
CA ALA D 143 -25.87 16.59 23.88
C ALA D 143 -24.64 17.02 24.66
N LEU D 144 -23.53 16.29 24.50
CA LEU D 144 -22.29 16.68 25.15
C LEU D 144 -21.88 18.10 24.76
N LEU D 145 -21.86 18.40 23.46
CA LEU D 145 -21.45 19.73 23.01
C LEU D 145 -22.40 20.82 23.51
N ARG D 146 -23.71 20.53 23.65
CA ARG D 146 -24.62 21.51 24.24
C ARG D 146 -24.26 21.77 25.70
N GLY D 147 -23.94 20.72 26.45
CA GLY D 147 -23.44 20.91 27.82
C GLY D 147 -22.16 21.71 27.88
N ILE D 148 -21.25 21.47 26.93
CA ILE D 148 -20.03 22.26 26.86
C ILE D 148 -20.36 23.75 26.65
N ALA D 149 -21.20 24.06 25.66
CA ALA D 149 -21.61 25.45 25.43
C ALA D 149 -22.23 26.06 26.68
N ARG D 150 -23.07 25.30 27.38
CA ARG D 150 -23.72 25.81 28.59
C ARG D 150 -22.75 26.05 29.73
N HIS D 151 -21.57 25.41 29.72
CA HIS D 151 -20.60 25.56 30.80
C HIS D 151 -19.39 26.40 30.40
N LEU D 152 -19.46 27.11 29.28
CA LEU D 152 -18.39 28.02 28.87
C LEU D 152 -18.77 29.45 29.22
N LYS D 153 -17.84 30.15 29.89
CA LYS D 153 -17.95 31.58 29.98
C LYS D 153 -17.89 32.19 28.57
N PRO D 154 -18.55 33.33 28.34
CA PRO D 154 -18.29 34.05 27.09
C PRO D 154 -16.82 34.40 27.02
N GLY D 155 -16.23 34.18 25.84
CA GLY D 155 -14.79 34.29 25.71
C GLY D 155 -14.03 33.01 26.02
N GLY D 156 -14.68 32.03 26.65
CA GLY D 156 -14.03 30.75 26.90
C GLY D 156 -13.87 29.92 25.63
N ALA D 157 -13.14 28.81 25.75
CA ALA D 157 -12.93 27.91 24.62
C ALA D 157 -12.88 26.46 25.11
N ALA D 158 -13.30 25.55 24.24
CA ALA D 158 -13.32 24.13 24.51
C ALA D 158 -12.34 23.43 23.57
N PHE D 159 -11.69 22.38 24.06
CA PHE D 159 -10.60 21.71 23.35
C PHE D 159 -10.90 20.22 23.27
N LEU D 160 -11.08 19.70 22.05
CA LEU D 160 -11.24 18.27 21.79
C LEU D 160 -9.96 17.72 21.19
N ASP D 161 -9.21 16.99 22.01
CA ASP D 161 -7.96 16.34 21.62
C ASP D 161 -8.31 15.01 20.96
N CYS D 162 -8.05 14.86 19.65
CA CYS D 162 -8.49 13.66 18.94
C CYS D 162 -7.43 13.15 17.99
N THR D 163 -7.39 11.83 17.83
CA THR D 163 -6.70 11.27 16.68
C THR D 163 -7.47 11.65 15.42
N ASP D 164 -6.76 11.91 14.33
CA ASP D 164 -7.44 12.03 13.04
C ASP D 164 -8.02 10.67 12.68
N PRO D 165 -9.35 10.54 12.52
CA PRO D 165 -9.94 9.21 12.26
C PRO D 165 -9.47 8.53 10.96
N ALA D 166 -8.88 9.26 10.01
CA ALA D 166 -8.23 8.58 8.89
C ALA D 166 -7.23 7.54 9.35
N GLU D 167 -6.54 7.81 10.47
CA GLU D 167 -5.59 6.86 11.01
C GLU D 167 -6.24 5.52 11.35
N PHE D 168 -7.52 5.52 11.77
CA PHE D 168 -8.21 4.28 12.13
C PHE D 168 -8.57 3.43 10.92
N GLN D 169 -8.41 3.96 9.70
CA GLN D 169 -8.84 3.30 8.48
C GLN D 169 -7.68 2.75 7.65
N ARG D 170 -6.44 2.93 8.11
CA ARG D 170 -5.28 2.66 7.28
C ARG D 170 -5.13 1.18 6.92
N ALA D 171 -5.72 0.27 7.70
CA ALA D 171 -5.62 -1.15 7.41
C ALA D 171 -6.97 -1.72 6.99
N GLY D 172 -7.86 -0.88 6.47
CA GLY D 172 -9.21 -1.32 6.20
C GLY D 172 -9.96 -1.74 7.45
N GLY D 173 -9.49 -1.33 8.63
CA GLY D 173 -10.08 -1.79 9.88
C GLY D 173 -9.64 -3.16 10.36
N ASP D 174 -8.73 -3.84 9.65
CA ASP D 174 -8.27 -5.16 10.09
C ASP D 174 -7.48 -5.05 11.39
N ALA D 175 -7.50 -6.14 12.16
CA ALA D 175 -6.75 -6.20 13.41
C ALA D 175 -5.29 -5.89 13.19
N ARG D 176 -4.78 -4.93 13.97
CA ARG D 176 -3.36 -4.62 14.05
C ARG D 176 -2.95 -4.51 15.52
N SER D 177 -1.74 -4.96 15.83
CA SER D 177 -1.22 -4.99 17.18
C SER D 177 0.12 -4.27 17.24
N VAL D 178 0.29 -3.41 18.25
CA VAL D 178 1.57 -2.78 18.54
C VAL D 178 1.85 -2.92 20.04
N THR D 179 3.10 -3.23 20.38
CA THR D 179 3.51 -3.46 21.77
C THR D 179 4.48 -2.38 22.22
N TYR D 180 4.18 -1.76 23.36
CA TYR D 180 4.97 -0.67 23.91
C TYR D 180 5.55 -1.06 25.26
N PRO D 181 6.79 -0.67 25.55
CA PRO D 181 7.28 -0.80 26.93
C PRO D 181 6.54 0.16 27.83
N LEU D 182 6.42 -0.23 29.09
CA LEU D 182 5.87 0.64 30.14
C LEU D 182 6.91 0.58 31.27
N GLY D 183 8.01 1.27 31.08
CA GLY D 183 9.12 1.07 31.99
C GLY D 183 9.86 -0.21 31.67
N ARG D 184 10.65 -0.66 32.64
CA ARG D 184 11.46 -1.83 32.44
C ARG D 184 10.74 -3.12 32.80
N ASP D 185 9.71 -3.06 33.65
CA ASP D 185 9.06 -4.24 34.18
C ASP D 185 7.59 -4.37 33.77
N ARG D 186 7.12 -3.57 32.82
CA ARG D 186 5.75 -3.70 32.33
C ARG D 186 5.73 -3.39 30.83
N MET D 187 4.72 -3.91 30.14
CA MET D 187 4.51 -3.59 28.74
C MET D 187 3.01 -3.60 28.49
N VAL D 188 2.60 -3.06 27.35
CA VAL D 188 1.21 -3.19 26.91
C VAL D 188 1.18 -3.48 25.41
N THR D 189 0.34 -4.43 25.02
CA THR D 189 0.01 -4.70 23.61
C THR D 189 -1.37 -4.13 23.32
N VAL D 190 -1.46 -3.28 22.30
CA VAL D 190 -2.72 -2.64 21.90
C VAL D 190 -3.12 -3.27 20.57
N THR D 191 -4.31 -3.89 20.55
CA THR D 191 -4.83 -4.50 19.33
C THR D 191 -6.11 -3.77 18.95
N GLN D 192 -6.13 -3.22 17.73
CA GLN D 192 -7.22 -2.37 17.27
C GLN D 192 -7.89 -2.97 16.04
N THR D 193 -9.22 -2.86 16.01
CA THR D 193 -10.02 -3.17 14.85
C THR D 193 -10.99 -2.02 14.64
N ALA D 194 -11.45 -1.88 13.40
CA ALA D 194 -12.35 -0.78 13.09
C ALA D 194 -13.42 -1.24 12.09
N ASP D 195 -14.55 -0.54 12.14
CA ASP D 195 -15.62 -0.70 11.14
C ASP D 195 -15.89 0.70 10.61
N ARG D 196 -15.44 0.95 9.38
CA ARG D 196 -15.48 2.26 8.77
C ARG D 196 -16.92 2.71 8.50
N ALA D 197 -17.83 1.78 8.20
CA ALA D 197 -19.22 2.14 7.94
C ALA D 197 -19.93 2.57 9.23
N GLY D 198 -19.69 1.86 10.34
CA GLY D 198 -20.19 2.32 11.63
C GLY D 198 -19.34 3.35 12.34
N GLN D 199 -18.15 3.64 11.79
CA GLN D 199 -17.19 4.55 12.43
C GLN D 199 -16.85 4.07 13.84
N GLN D 200 -16.71 2.76 13.97
CA GLN D 200 -16.37 2.11 15.23
C GLN D 200 -14.89 1.80 15.28
N ILE D 201 -14.25 2.07 16.42
CA ILE D 201 -12.85 1.70 16.64
C ILE D 201 -12.80 0.97 17.98
N LEU D 202 -12.26 -0.25 17.96
CA LEU D 202 -12.12 -1.07 19.17
C LEU D 202 -10.64 -1.23 19.49
N SER D 203 -10.25 -0.86 20.72
CA SER D 203 -8.88 -1.09 21.20
C SER D 203 -8.89 -2.08 22.36
N ILE D 204 -8.10 -3.14 22.24
CA ILE D 204 -7.89 -4.10 23.32
C ILE D 204 -6.49 -3.87 23.90
N PHE D 205 -6.42 -3.73 25.22
CA PHE D 205 -5.17 -3.43 25.93
C PHE D 205 -4.77 -4.65 26.76
N LEU D 206 -3.59 -5.20 26.46
CA LEU D 206 -3.08 -6.38 27.16
C LEU D 206 -1.81 -5.94 27.90
N VAL D 207 -1.94 -5.75 29.20
CA VAL D 207 -0.88 -5.21 30.04
C VAL D 207 -0.20 -6.34 30.79
N GLN D 208 1.13 -6.41 30.69
CA GLN D 208 1.87 -7.52 31.26
C GLN D 208 3.06 -7.05 32.08
N GLY D 209 3.30 -7.74 33.20
CA GLY D 209 4.59 -7.81 33.81
C GLY D 209 5.17 -9.19 33.64
N ALA D 210 6.29 -9.43 34.33
CA ALA D 210 6.88 -10.77 34.32
C ALA D 210 5.89 -11.83 34.80
N THR D 211 5.01 -11.49 35.74
CA THR D 211 4.14 -12.49 36.36
C THR D 211 2.68 -12.07 36.41
N THR D 212 2.27 -11.09 35.61
CA THR D 212 0.90 -10.62 35.63
C THR D 212 0.39 -10.44 34.20
N LEU D 213 -0.94 -10.48 34.06
CA LEU D 213 -1.59 -10.17 32.79
C LEU D 213 -2.96 -9.60 33.12
N THR D 214 -3.24 -8.40 32.62
CA THR D 214 -4.53 -7.75 32.78
C THR D 214 -4.96 -7.22 31.43
N ALA D 215 -6.13 -7.66 30.99
CA ALA D 215 -6.72 -7.24 29.72
C ALA D 215 -7.93 -6.37 29.97
N PHE D 216 -8.12 -5.36 29.13
CA PHE D 216 -9.33 -4.54 29.12
C PHE D 216 -9.47 -3.94 27.72
N HIS D 217 -10.61 -3.30 27.47
CA HIS D 217 -10.88 -2.78 26.14
C HIS D 217 -11.69 -1.51 26.25
N GLU D 218 -11.64 -0.73 25.15
CA GLU D 218 -12.47 0.46 24.97
C GLU D 218 -12.95 0.53 23.53
N GLN D 219 -14.22 0.85 23.32
CA GLN D 219 -14.76 1.04 21.99
C GLN D 219 -15.35 2.44 21.86
N ALA D 220 -15.07 3.08 20.72
CA ALA D 220 -15.44 4.47 20.50
C ALA D 220 -16.03 4.62 19.11
N THR D 221 -16.76 5.71 18.93
CA THR D 221 -17.34 6.08 17.64
C THR D 221 -16.72 7.40 17.23
N TRP D 222 -15.96 7.38 16.13
CA TRP D 222 -15.27 8.60 15.74
C TRP D 222 -16.22 9.51 14.98
N ALA D 223 -15.79 10.77 14.84
CA ALA D 223 -16.43 11.74 14.00
C ALA D 223 -15.34 12.55 13.30
N THR D 224 -15.51 12.81 12.01
CA THR D 224 -14.57 13.64 11.28
C THR D 224 -14.79 15.12 11.64
N LEU D 225 -13.82 15.94 11.24
CA LEU D 225 -13.92 17.39 11.44
C LEU D 225 -15.20 17.94 10.81
N ALA D 226 -15.54 17.46 9.62
CA ALA D 226 -16.76 17.93 8.96
C ALA D 226 -18.01 17.61 9.81
N GLU D 227 -18.07 16.40 10.36
CA GLU D 227 -19.15 16.07 11.30
C GLU D 227 -19.15 17.03 12.48
N ILE D 228 -17.98 17.22 13.09
CA ILE D 228 -17.86 18.08 14.28
C ILE D 228 -18.32 19.51 13.98
N ARG D 229 -18.07 20.01 12.77
CA ARG D 229 -18.59 21.33 12.46
C ARG D 229 -20.10 21.35 12.53
N LEU D 230 -20.70 20.41 11.97
CA LEU D 230 -22.15 20.44 11.96
C LEU D 230 -22.71 20.24 13.37
N MET D 231 -22.15 19.28 14.10
CA MET D 231 -22.58 19.03 15.47
C MET D 231 -22.38 20.26 16.34
N ALA D 232 -21.23 20.93 16.20
CA ALA D 232 -21.00 22.17 16.92
C ALA D 232 -22.08 23.21 16.62
N ARG D 233 -22.42 23.40 15.34
CA ARG D 233 -23.43 24.40 14.98
C ARG D 233 -24.78 24.06 15.60
N ILE D 234 -25.18 22.79 15.52
CA ILE D 234 -26.46 22.38 16.12
C ILE D 234 -26.48 22.71 17.61
N ALA D 235 -25.35 22.55 18.30
CA ALA D 235 -25.30 22.70 19.75
C ALA D 235 -25.01 24.12 20.22
N GLY D 236 -24.85 25.08 19.31
CA GLY D 236 -24.57 26.45 19.69
C GLY D 236 -23.09 26.78 19.84
N LEU D 237 -22.20 25.96 19.31
CA LEU D 237 -20.78 26.23 19.29
C LEU D 237 -20.33 26.48 17.85
N GLU D 238 -19.07 26.88 17.71
CA GLU D 238 -18.46 27.02 16.41
C GLU D 238 -17.03 26.54 16.49
N VAL D 239 -16.58 25.80 15.48
CA VAL D 239 -15.17 25.45 15.39
C VAL D 239 -14.42 26.70 14.96
N THR D 240 -13.56 27.23 15.83
CA THR D 240 -12.78 28.43 15.53
C THR D 240 -11.32 28.12 15.25
N GLY D 241 -10.88 26.88 15.46
CA GLY D 241 -9.51 26.53 15.17
C GLY D 241 -9.33 25.02 15.16
N VAL D 242 -8.45 24.52 14.29
CA VAL D 242 -8.08 23.11 14.29
C VAL D 242 -6.58 23.02 14.06
N ASP D 243 -5.89 22.28 14.92
CA ASP D 243 -4.47 22.06 14.77
C ASP D 243 -4.19 20.60 14.41
N GLY D 244 -3.07 20.37 13.74
CA GLY D 244 -2.70 19.04 13.27
C GLY D 244 -1.71 18.33 14.17
N SER D 245 -1.21 19.01 15.21
CA SER D 245 -0.36 18.38 16.21
C SER D 245 -0.27 19.33 17.40
N TYR D 246 0.22 18.81 18.54
CA TYR D 246 0.34 19.62 19.75
C TYR D 246 1.25 20.84 19.53
N ALA D 247 2.23 20.73 18.63
CA ALA D 247 3.05 21.89 18.25
C ALA D 247 2.25 23.01 17.61
N GLY D 248 1.02 22.75 17.20
CA GLY D 248 0.22 23.80 16.62
C GLY D 248 0.40 24.00 15.13
N GLU D 249 0.97 23.02 14.39
CA GLU D 249 0.89 23.02 12.92
C GLU D 249 -0.57 23.17 12.52
N PRO D 250 -0.87 23.75 11.36
CA PRO D 250 -2.27 23.79 10.93
C PRO D 250 -2.74 22.40 10.53
N TYR D 251 -4.04 22.18 10.64
CA TYR D 251 -4.63 20.91 10.24
C TYR D 251 -4.67 20.83 8.72
N THR D 252 -3.97 19.86 8.14
CA THR D 252 -3.97 19.66 6.69
C THR D 252 -4.23 18.19 6.39
N ALA D 253 -4.18 17.84 5.10
CA ALA D 253 -4.38 16.44 4.71
C ALA D 253 -3.30 15.52 5.25
N ARG D 254 -2.13 16.05 5.59
CA ARG D 254 -1.06 15.24 6.14
C ARG D 254 -1.08 15.12 7.66
N SER D 255 -1.98 15.82 8.34
CA SER D 255 -2.05 15.75 9.81
C SER D 255 -2.55 14.38 10.28
N ARG D 256 -1.97 13.91 11.38
CA ARG D 256 -2.38 12.66 11.99
C ARG D 256 -3.14 12.85 13.30
N GLU D 257 -3.25 14.09 13.75
CA GLU D 257 -4.07 14.47 14.88
C GLU D 257 -5.07 15.54 14.41
N MET D 258 -6.15 15.65 15.17
CA MET D 258 -7.27 16.56 14.88
C MET D 258 -7.62 17.25 16.20
N LEU D 259 -7.00 18.38 16.45
CA LEU D 259 -7.12 19.08 17.73
C LEU D 259 -8.06 20.27 17.51
N VAL D 260 -9.29 20.13 18.02
CA VAL D 260 -10.39 21.02 17.68
C VAL D 260 -10.60 22.03 18.81
N VAL D 261 -10.60 23.31 18.45
CA VAL D 261 -10.88 24.42 19.36
C VAL D 261 -12.27 24.95 19.04
N LEU D 262 -13.13 25.04 20.06
CA LEU D 262 -14.48 25.54 19.85
C LEU D 262 -14.83 26.66 20.82
N GLU D 263 -15.66 27.56 20.35
CA GLU D 263 -16.14 28.68 21.15
C GLU D 263 -17.65 28.80 21.00
N ARG D 264 -18.27 29.54 21.91
CA ARG D 264 -19.71 29.81 21.82
C ARG D 264 -19.98 30.69 20.60
N GLN D 265 -21.08 30.43 19.91
CA GLN D 265 -21.48 31.27 18.78
C GLN D 265 -21.68 32.73 19.19
N ASP E 28 20.26 -5.20 34.41
CA ASP E 28 21.27 -4.98 33.38
C ASP E 28 21.99 -6.27 32.99
N GLU E 29 22.38 -7.07 33.98
CA GLU E 29 22.94 -8.38 33.69
C GLU E 29 21.91 -9.27 32.98
N THR E 30 20.69 -9.28 33.50
CA THR E 30 19.60 -9.97 32.82
C THR E 30 19.38 -9.38 31.42
N ALA E 31 19.57 -8.07 31.26
CA ALA E 31 19.46 -7.45 29.95
C ALA E 31 20.50 -7.99 28.98
N ILE E 32 21.74 -8.20 29.45
CA ILE E 32 22.79 -8.72 28.57
C ILE E 32 22.50 -10.16 28.18
N GLU E 33 22.00 -10.96 29.13
CA GLU E 33 21.54 -12.32 28.80
C GLU E 33 20.44 -12.31 27.75
N ALA E 34 19.45 -11.43 27.92
CA ALA E 34 18.37 -11.38 26.93
C ALA E 34 18.91 -10.95 25.58
N TYR E 35 19.81 -9.98 25.56
CA TYR E 35 20.40 -9.56 24.31
C TYR E 35 21.18 -10.71 23.64
N ASP E 36 21.97 -11.47 24.42
CA ASP E 36 22.71 -12.57 23.84
C ASP E 36 21.78 -13.63 23.26
N LEU E 37 20.65 -13.88 23.92
CA LEU E 37 19.73 -14.89 23.39
C LEU E 37 19.09 -14.43 22.08
N VAL E 38 18.65 -13.17 22.02
CA VAL E 38 18.05 -12.61 20.80
C VAL E 38 19.04 -12.68 19.65
N SER E 39 20.25 -12.17 19.88
CA SER E 39 21.26 -12.20 18.82
C SER E 39 21.59 -13.63 18.40
N SER E 40 21.64 -14.55 19.36
CA SER E 40 21.96 -15.94 19.05
C SER E 40 20.95 -16.56 18.12
N MET E 41 19.69 -16.15 18.21
CA MET E 41 18.62 -16.84 17.49
C MET E 41 18.24 -16.16 16.20
N LEU E 42 18.11 -14.85 16.22
CA LEU E 42 17.60 -14.07 15.10
C LEU E 42 18.73 -13.40 14.33
N SER E 43 19.97 -13.54 14.76
CA SER E 43 21.08 -12.99 14.01
C SER E 43 22.32 -13.87 14.17
N PRO E 44 22.23 -15.16 13.87
CA PRO E 44 23.38 -16.04 14.09
C PRO E 44 24.54 -15.66 13.19
N GLY E 45 25.74 -16.02 13.64
CA GLY E 45 26.94 -15.63 12.93
C GLY E 45 27.20 -16.40 11.65
N ALA E 46 26.49 -17.51 11.43
CA ALA E 46 26.77 -18.38 10.29
C ALA E 46 26.66 -17.64 8.96
N GLY E 47 25.68 -16.75 8.83
CA GLY E 47 25.52 -16.04 7.58
C GLY E 47 26.68 -15.11 7.28
N LEU E 48 27.11 -14.34 8.29
CA LEU E 48 28.25 -13.45 8.13
C LEU E 48 29.50 -14.23 7.75
N VAL E 49 29.72 -15.38 8.38
CA VAL E 49 30.92 -16.17 8.09
C VAL E 49 30.89 -16.69 6.66
N ALA E 50 29.76 -17.24 6.23
CA ALA E 50 29.60 -17.68 4.85
C ALA E 50 29.88 -16.55 3.87
N TRP E 51 29.28 -15.38 4.09
CA TRP E 51 29.47 -14.25 3.18
C TRP E 51 30.93 -13.82 3.15
N VAL E 52 31.54 -13.65 4.33
CA VAL E 52 32.94 -13.24 4.39
C VAL E 52 33.82 -14.25 3.66
N SER E 53 33.51 -15.54 3.83
CA SER E 53 34.32 -16.60 3.23
C SER E 53 34.24 -16.60 1.71
N SER E 54 33.19 -15.97 1.15
CA SER E 54 33.02 -15.81 -0.29
C SER E 54 34.06 -14.87 -0.90
N HIS E 55 34.68 -14.02 -0.10
CA HIS E 55 35.58 -12.98 -0.59
C HIS E 55 36.99 -13.09 -0.06
N ARG E 56 37.18 -13.67 1.13
CA ARG E 56 38.49 -13.76 1.77
C ARG E 56 38.49 -15.02 2.62
N PRO E 57 39.60 -15.78 2.62
CA PRO E 57 39.69 -16.94 3.51
C PRO E 57 39.90 -16.52 4.96
N LEU E 58 39.36 -17.32 5.86
CA LEU E 58 39.45 -17.06 7.30
C LEU E 58 40.36 -18.03 8.04
N ASP E 59 40.47 -19.27 7.56
CA ASP E 59 41.30 -20.28 8.21
C ASP E 59 42.73 -19.77 8.36
N GLY E 60 43.16 -19.53 9.59
CA GLY E 60 44.51 -19.06 9.88
C GLY E 60 44.72 -17.57 9.78
N ARG E 61 43.73 -16.81 9.35
CA ARG E 61 43.86 -15.36 9.17
C ARG E 61 43.43 -14.62 10.44
N THR E 62 43.80 -13.35 10.52
CA THR E 62 43.43 -12.50 11.65
C THR E 62 42.19 -11.68 11.31
N VAL E 63 41.24 -11.65 12.25
CA VAL E 63 39.97 -10.93 12.08
C VAL E 63 39.81 -9.94 13.22
N LEU E 64 39.53 -8.69 12.87
CA LEU E 64 39.14 -7.64 13.81
C LEU E 64 37.62 -7.52 13.76
N ASP E 65 36.93 -7.92 14.83
CA ASP E 65 35.47 -7.92 14.88
C ASP E 65 35.04 -6.73 15.75
N LEU E 66 34.50 -5.69 15.11
CA LEU E 66 34.16 -4.45 15.78
C LEU E 66 32.71 -4.44 16.21
N GLY E 67 32.47 -4.00 17.45
CA GLY E 67 31.14 -4.08 18.04
C GLY E 67 30.77 -5.54 18.27
N CYS E 68 31.66 -6.28 18.92
CA CYS E 68 31.50 -7.73 19.01
C CYS E 68 30.38 -8.16 19.94
N GLY E 69 29.90 -7.30 20.83
CA GLY E 69 28.83 -7.70 21.73
C GLY E 69 29.24 -8.87 22.61
N THR E 70 28.32 -9.81 22.81
CA THR E 70 28.60 -11.02 23.57
C THR E 70 29.23 -12.12 22.73
N GLY E 71 29.67 -11.83 21.51
CA GLY E 71 30.53 -12.72 20.76
C GLY E 71 29.87 -13.59 19.72
N VAL E 72 28.60 -13.37 19.39
CA VAL E 72 27.92 -14.24 18.44
C VAL E 72 28.66 -14.25 17.11
N SER E 73 28.97 -13.07 16.58
CA SER E 73 29.78 -12.98 15.38
C SER E 73 31.17 -13.56 15.63
N SER E 74 31.81 -13.15 16.73
CA SER E 74 33.20 -13.48 16.97
C SER E 74 33.41 -14.98 17.09
N PHE E 75 32.49 -15.67 17.76
CA PHE E 75 32.64 -17.11 17.92
C PHE E 75 32.48 -17.81 16.59
N ALA E 76 31.53 -17.36 15.78
CA ALA E 76 31.39 -17.92 14.44
C ALA E 76 32.66 -17.73 13.62
N LEU E 77 33.29 -16.57 13.75
CA LEU E 77 34.53 -16.29 12.99
C LEU E 77 35.66 -17.21 13.48
N ALA E 78 35.79 -17.37 14.81
CA ALA E 78 36.82 -18.24 15.42
C ALA E 78 36.60 -19.70 15.00
N GLU E 79 35.34 -20.14 14.85
CA GLU E 79 34.97 -21.52 14.47
C GLU E 79 35.29 -21.81 12.98
N ALA E 80 35.52 -20.77 12.19
CA ALA E 80 35.96 -20.91 10.79
C ALA E 80 37.50 -20.92 10.77
N GLY E 81 38.14 -20.74 11.92
CA GLY E 81 39.60 -20.84 12.05
C GLY E 81 40.32 -19.52 12.19
N ALA E 82 39.59 -18.43 12.37
CA ALA E 82 40.28 -17.14 12.46
C ALA E 82 40.82 -16.87 13.86
N ARG E 83 41.90 -16.11 13.92
CA ARG E 83 42.36 -15.54 15.20
C ARG E 83 41.66 -14.19 15.34
N VAL E 84 40.70 -14.11 16.25
CA VAL E 84 39.77 -12.97 16.33
C VAL E 84 40.18 -12.04 17.47
N VAL E 85 40.25 -10.75 17.17
CA VAL E 85 40.29 -9.70 18.18
C VAL E 85 38.92 -9.03 18.18
N ALA E 86 38.25 -9.04 19.33
CA ALA E 86 36.86 -8.62 19.42
C ALA E 86 36.74 -7.38 20.30
N VAL E 87 36.23 -6.29 19.72
CA VAL E 87 36.21 -4.99 20.38
C VAL E 87 34.76 -4.59 20.67
N ASP E 88 34.50 -4.18 21.92
CA ASP E 88 33.22 -3.59 22.25
C ASP E 88 33.43 -2.52 23.32
N ALA E 89 32.53 -1.53 23.33
CA ALA E 89 32.60 -0.51 24.37
C ALA E 89 31.89 -0.93 25.66
N SER E 90 31.13 -2.02 25.62
CA SER E 90 30.31 -2.49 26.73
C SER E 90 31.10 -3.55 27.50
N ARG E 91 31.74 -3.13 28.59
CA ARG E 91 32.41 -4.11 29.44
C ARG E 91 31.49 -5.25 29.90
N PRO E 92 30.23 -5.02 30.28
CA PRO E 92 29.39 -6.17 30.64
C PRO E 92 29.21 -7.16 29.50
N SER E 93 29.11 -6.67 28.26
CA SER E 93 28.97 -7.60 27.15
C SER E 93 30.23 -8.42 26.96
N LEU E 94 31.40 -7.77 27.10
CA LEU E 94 32.65 -8.50 26.99
C LEU E 94 32.77 -9.56 28.06
N ASP E 95 32.29 -9.25 29.27
CA ASP E 95 32.29 -10.23 30.35
C ASP E 95 31.49 -11.46 29.94
N MET E 96 30.30 -11.24 29.37
CA MET E 96 29.50 -12.35 28.86
C MET E 96 30.23 -13.07 27.72
N LEU E 97 30.89 -12.33 26.84
CA LEU E 97 31.71 -12.96 25.80
C LEU E 97 32.72 -13.91 26.43
N GLU E 98 33.45 -13.42 27.44
CA GLU E 98 34.50 -14.23 28.05
C GLU E 98 33.92 -15.46 28.76
N LYS E 99 32.78 -15.32 29.45
CA LYS E 99 32.13 -16.50 30.05
C LYS E 99 31.85 -17.56 29.00
N LYS E 100 31.35 -17.15 27.83
CA LYS E 100 30.90 -18.09 26.81
C LYS E 100 32.04 -18.63 25.97
N ARG E 101 33.24 -18.06 26.11
CA ARG E 101 34.27 -18.22 25.08
C ARG E 101 34.87 -19.64 25.08
N LEU E 102 35.03 -20.25 26.25
CA LEU E 102 35.65 -21.58 26.35
C LEU E 102 37.03 -21.49 25.70
N ASP E 103 37.43 -22.42 24.84
CA ASP E 103 38.76 -22.40 24.25
C ASP E 103 38.81 -21.72 22.89
N ARG E 104 37.80 -20.94 22.53
CA ARG E 104 37.82 -20.27 21.24
C ARG E 104 38.86 -19.16 21.22
N ASP E 105 39.51 -18.99 20.06
CA ASP E 105 40.63 -18.06 19.94
C ASP E 105 40.12 -16.63 19.68
N VAL E 106 39.58 -16.03 20.74
CA VAL E 106 38.98 -14.70 20.70
C VAL E 106 39.60 -13.88 21.82
N GLU E 107 40.19 -12.74 21.46
CA GLU E 107 40.69 -11.80 22.45
C GLU E 107 39.68 -10.66 22.59
N ALA E 108 39.15 -10.48 23.81
CA ALA E 108 38.14 -9.47 24.08
C ALA E 108 38.82 -8.17 24.52
N VAL E 109 38.51 -7.08 23.81
CA VAL E 109 39.17 -5.79 24.02
C VAL E 109 38.09 -4.73 24.23
N GLU E 110 38.17 -4.00 25.34
CA GLU E 110 37.22 -2.92 25.57
C GLU E 110 37.73 -1.66 24.85
N GLY E 111 36.91 -1.12 23.94
CA GLY E 111 37.33 0.04 23.19
C GLY E 111 36.19 0.64 22.41
N ASP E 112 36.45 1.82 21.85
CA ASP E 112 35.49 2.61 21.08
C ASP E 112 35.91 2.48 19.62
N PHE E 113 35.06 1.85 18.78
CA PHE E 113 35.52 1.68 17.41
C PHE E 113 35.49 2.99 16.62
N ARG E 114 34.94 4.07 17.18
CA ARG E 114 35.13 5.37 16.56
C ARG E 114 36.56 5.89 16.75
N ASP E 115 37.34 5.29 17.66
CA ASP E 115 38.70 5.77 17.93
C ASP E 115 39.49 4.60 18.54
N LEU E 116 40.05 3.77 17.68
CA LEU E 116 40.75 2.58 18.14
C LEU E 116 42.12 2.95 18.70
N THR E 117 42.43 2.43 19.89
CA THR E 117 43.60 2.83 20.65
C THR E 117 44.86 2.08 20.24
N PHE E 118 44.74 0.83 19.78
CA PHE E 118 45.88 -0.03 19.53
C PHE E 118 46.33 0.04 18.07
N ASP E 119 47.57 -0.38 17.85
CA ASP E 119 48.16 -0.46 16.52
C ASP E 119 48.36 -1.93 16.18
N SER E 120 47.77 -2.36 15.07
CA SER E 120 47.74 -3.76 14.67
C SER E 120 46.99 -3.83 13.35
N THR E 121 47.43 -4.68 12.43
CA THR E 121 46.76 -4.81 11.14
C THR E 121 46.25 -6.24 10.96
N PHE E 122 45.13 -6.35 10.24
CA PHE E 122 44.38 -7.59 10.17
C PHE E 122 44.10 -7.94 8.72
N ASP E 123 43.85 -9.23 8.49
CA ASP E 123 43.40 -9.69 7.18
C ASP E 123 41.96 -9.28 6.91
N VAL E 124 41.13 -9.27 7.95
CA VAL E 124 39.69 -9.08 7.81
C VAL E 124 39.19 -8.22 8.97
N VAL E 125 38.34 -7.25 8.65
CA VAL E 125 37.59 -6.49 9.64
C VAL E 125 36.11 -6.74 9.38
N THR E 126 35.36 -7.05 10.45
CA THR E 126 33.92 -7.32 10.34
C THR E 126 33.12 -6.42 11.26
N MET E 127 31.91 -6.10 10.80
CA MET E 127 30.88 -5.47 11.61
C MET E 127 29.60 -6.24 11.35
N SER E 128 29.09 -6.92 12.37
CA SER E 128 27.92 -7.77 12.22
C SER E 128 26.68 -6.91 11.96
N ARG E 129 25.58 -7.60 11.64
CA ARG E 129 24.35 -6.99 11.13
C ARG E 129 23.98 -5.68 11.82
N ASN E 130 24.10 -4.58 11.08
CA ASN E 130 23.70 -3.21 11.44
C ASN E 130 24.55 -2.58 12.54
N THR E 131 25.60 -3.24 13.00
CA THR E 131 26.50 -2.62 13.96
C THR E 131 27.13 -1.35 13.41
N PHE E 132 27.40 -1.32 12.09
CA PHE E 132 27.94 -0.12 11.45
C PHE E 132 27.05 1.09 11.69
N PHE E 133 25.72 0.89 11.74
CA PHE E 133 24.83 2.01 11.93
C PHE E 133 24.84 2.54 13.36
N LEU E 134 25.62 1.94 14.28
CA LEU E 134 25.71 2.40 15.67
C LEU E 134 26.74 3.48 15.88
N ALA E 135 27.62 3.71 14.91
CA ALA E 135 28.32 4.99 14.82
C ALA E 135 27.31 5.98 14.26
N GLN E 136 26.79 6.86 15.09
CA GLN E 136 25.52 7.51 14.73
C GLN E 136 25.73 8.60 13.68
N GLU E 137 26.57 9.58 13.96
CA GLU E 137 26.71 10.72 13.07
C GLU E 137 27.63 10.37 11.91
N GLN E 138 27.41 11.05 10.77
CA GLN E 138 28.23 10.76 9.60
C GLN E 138 29.71 10.90 9.92
N GLU E 139 30.06 11.90 10.74
CA GLU E 139 31.47 12.10 11.08
C GLU E 139 31.99 10.96 11.95
N GLU E 140 31.11 10.34 12.75
CA GLU E 140 31.49 9.15 13.50
C GLU E 140 31.70 7.96 12.59
N LYS E 141 30.81 7.79 11.59
CA LYS E 141 31.03 6.73 10.61
C LYS E 141 32.34 6.95 9.86
N ILE E 142 32.66 8.20 9.52
CA ILE E 142 33.92 8.48 8.84
C ILE E 142 35.11 8.15 9.75
N ALA E 143 35.01 8.51 11.03
CA ALA E 143 36.09 8.20 11.97
C ALA E 143 36.27 6.69 12.11
N LEU E 144 35.15 5.96 12.19
CA LEU E 144 35.20 4.50 12.20
C LEU E 144 35.91 3.96 10.96
N LEU E 145 35.53 4.46 9.78
CA LEU E 145 36.09 3.88 8.56
C LEU E 145 37.59 4.16 8.43
N ARG E 146 38.06 5.31 8.91
CA ARG E 146 39.49 5.59 8.96
C ARG E 146 40.21 4.59 9.86
N GLY E 147 39.68 4.38 11.06
CA GLY E 147 40.22 3.33 11.93
C GLY E 147 40.25 1.99 11.23
N ILE E 148 39.19 1.65 10.50
CA ILE E 148 39.20 0.38 9.77
C ILE E 148 40.31 0.37 8.74
N ALA E 149 40.50 1.48 8.02
CA ALA E 149 41.56 1.53 7.01
C ALA E 149 42.93 1.37 7.66
N ARG E 150 43.16 2.03 8.79
CA ARG E 150 44.46 1.97 9.46
C ARG E 150 44.73 0.61 10.10
N HIS E 151 43.72 -0.23 10.28
CA HIS E 151 43.93 -1.57 10.81
C HIS E 151 43.77 -2.66 9.76
N LEU E 152 43.78 -2.31 8.48
CA LEU E 152 43.72 -3.28 7.39
C LEU E 152 45.12 -3.56 6.87
N LYS E 153 45.43 -4.83 6.70
CA LYS E 153 46.60 -5.18 5.91
C LYS E 153 46.40 -4.72 4.47
N PRO E 154 47.47 -4.39 3.76
CA PRO E 154 47.33 -3.96 2.36
C PRO E 154 46.42 -4.84 1.51
N GLY E 155 46.50 -6.16 1.64
CA GLY E 155 45.58 -6.97 0.86
C GLY E 155 44.27 -7.29 1.54
N GLY E 156 43.99 -6.72 2.72
CA GLY E 156 42.82 -7.10 3.49
C GLY E 156 41.53 -6.44 3.03
N ALA E 157 40.42 -6.89 3.60
CA ALA E 157 39.10 -6.36 3.28
C ALA E 157 38.27 -6.19 4.54
N ALA E 158 37.44 -5.16 4.53
CA ALA E 158 36.47 -4.90 5.58
C ALA E 158 35.07 -5.22 5.07
N PHE E 159 34.22 -5.69 5.98
CA PHE E 159 32.89 -6.20 5.66
C PHE E 159 31.87 -5.54 6.56
N LEU E 160 30.96 -4.78 5.98
CA LEU E 160 29.86 -4.16 6.73
C LEU E 160 28.59 -4.94 6.42
N ASP E 161 28.09 -5.69 7.41
CA ASP E 161 26.87 -6.48 7.26
C ASP E 161 25.68 -5.60 7.64
N CYS E 162 24.81 -5.29 6.67
CA CYS E 162 23.75 -4.32 6.90
C CYS E 162 22.43 -4.79 6.32
N THR E 163 21.34 -4.42 6.99
CA THR E 163 20.04 -4.39 6.33
C THR E 163 20.03 -3.27 5.29
N ASP E 164 19.33 -3.50 4.18
CA ASP E 164 19.12 -2.40 3.26
C ASP E 164 18.20 -1.38 3.93
N PRO E 165 18.62 -0.12 4.08
CA PRO E 165 17.79 0.85 4.83
C PRO E 165 16.45 1.15 4.18
N ALA E 166 16.21 0.78 2.91
CA ALA E 166 14.86 0.89 2.40
C ALA E 166 13.89 0.09 3.26
N GLU E 167 14.35 -1.03 3.81
CA GLU E 167 13.47 -1.85 4.64
C GLU E 167 12.97 -1.10 5.87
N PHE E 168 13.73 -0.11 6.35
CA PHE E 168 13.32 0.63 7.54
C PHE E 168 12.24 1.66 7.27
N GLN E 169 11.99 2.00 6.01
CA GLN E 169 11.01 3.03 5.68
C GLN E 169 9.69 2.42 5.22
N ARG E 170 9.47 1.16 5.51
CA ARG E 170 8.30 0.51 4.88
C ARG E 170 6.95 1.02 5.36
N ALA E 171 6.80 1.45 6.60
CA ALA E 171 5.45 1.83 7.06
C ALA E 171 5.41 3.33 7.35
N GLY E 172 6.27 4.08 6.67
CA GLY E 172 6.44 5.52 6.93
C GLY E 172 7.08 5.76 8.29
N GLY E 173 7.81 4.79 8.84
CA GLY E 173 8.43 4.86 10.17
C GLY E 173 7.45 4.66 11.32
N ASP E 174 6.15 4.40 11.07
CA ASP E 174 5.23 4.21 12.18
C ASP E 174 5.58 2.94 12.96
N ALA E 175 5.29 2.97 14.25
CA ALA E 175 5.55 1.81 15.12
C ALA E 175 4.94 0.53 14.54
N ARG E 176 5.78 -0.50 14.41
CA ARG E 176 5.36 -1.86 14.05
C ARG E 176 6.02 -2.86 14.99
N SER E 177 5.30 -3.92 15.35
CA SER E 177 5.79 -4.97 16.23
C SER E 177 5.70 -6.34 15.55
N VAL E 178 6.75 -7.14 15.71
CA VAL E 178 6.75 -8.53 15.28
C VAL E 178 7.24 -9.38 16.44
N THR E 179 6.60 -10.53 16.67
CA THR E 179 6.95 -11.42 17.77
C THR E 179 7.55 -12.71 17.23
N TYR E 180 8.73 -13.07 17.75
CA TYR E 180 9.45 -14.26 17.32
C TYR E 180 9.60 -15.24 18.47
N PRO E 181 9.45 -16.54 18.22
CA PRO E 181 9.81 -17.53 19.24
C PRO E 181 11.31 -17.55 19.43
N LEU E 182 11.72 -17.89 20.64
CA LEU E 182 13.15 -18.03 20.99
C LEU E 182 13.36 -19.41 21.62
N GLY E 183 13.01 -20.44 20.88
CA GLY E 183 12.87 -21.75 21.45
C GLY E 183 11.47 -22.01 21.95
N ARG E 184 11.36 -23.09 22.72
CA ARG E 184 10.06 -23.56 23.18
C ARG E 184 9.46 -22.65 24.25
N ASP E 185 10.30 -22.04 25.08
CA ASP E 185 9.80 -21.39 26.29
C ASP E 185 10.05 -19.89 26.37
N ARG E 186 10.62 -19.27 25.35
CA ARG E 186 10.90 -17.84 25.37
C ARG E 186 10.45 -17.22 24.06
N MET E 187 10.32 -15.90 24.08
CA MET E 187 9.92 -15.14 22.90
C MET E 187 10.50 -13.73 22.99
N VAL E 188 10.54 -13.04 21.86
CA VAL E 188 10.92 -11.64 21.84
C VAL E 188 9.95 -10.91 20.94
N THR E 189 9.41 -9.81 21.43
CA THR E 189 8.66 -8.88 20.60
C THR E 189 9.56 -7.70 20.28
N VAL E 190 9.68 -7.40 18.98
CA VAL E 190 10.52 -6.30 18.50
C VAL E 190 9.59 -5.22 17.96
N THR E 191 9.62 -4.05 18.59
CA THR E 191 8.85 -2.90 18.14
C THR E 191 9.80 -1.86 17.55
N GLN E 192 9.52 -1.43 16.32
CA GLN E 192 10.42 -0.56 15.58
C GLN E 192 9.70 0.69 15.10
N THR E 193 10.38 1.84 15.24
CA THR E 193 9.97 3.12 14.68
C THR E 193 11.15 3.75 13.97
N ALA E 194 10.87 4.48 12.90
CA ALA E 194 11.91 5.11 12.09
C ALA E 194 11.53 6.55 11.74
N ASP E 195 12.55 7.38 11.61
CA ASP E 195 12.42 8.78 11.17
C ASP E 195 13.26 8.92 9.92
N ARG E 196 12.59 8.92 8.77
CA ARG E 196 13.26 8.99 7.48
C ARG E 196 14.18 10.21 7.35
N ALA E 197 13.78 11.36 7.91
CA ALA E 197 14.57 12.59 7.68
C ALA E 197 15.87 12.57 8.46
N GLY E 198 15.84 12.07 9.69
CA GLY E 198 17.08 11.84 10.42
C GLY E 198 17.75 10.51 10.16
N GLN E 199 17.18 9.67 9.30
CA GLN E 199 17.66 8.30 9.07
C GLN E 199 17.90 7.55 10.40
N GLN E 200 17.01 7.79 11.36
CA GLN E 200 17.03 7.15 12.68
C GLN E 200 16.10 5.94 12.72
N ILE E 201 16.56 4.82 13.29
CA ILE E 201 15.69 3.66 13.53
C ILE E 201 15.83 3.21 14.98
N LEU E 202 14.71 3.02 15.66
CA LEU E 202 14.67 2.61 17.07
C LEU E 202 14.02 1.24 17.17
N SER E 203 14.71 0.30 17.80
CA SER E 203 14.16 -1.03 18.04
C SER E 203 14.05 -1.25 19.56
N ILE E 204 12.85 -1.62 20.01
CA ILE E 204 12.61 -2.03 21.37
C ILE E 204 12.44 -3.54 21.39
N PHE E 205 13.22 -4.21 22.23
CA PHE E 205 13.20 -5.66 22.36
C PHE E 205 12.60 -6.01 23.72
N LEU E 206 11.48 -6.73 23.70
CA LEU E 206 10.81 -7.16 24.92
C LEU E 206 10.89 -8.68 24.96
N VAL E 207 11.70 -9.21 25.87
CA VAL E 207 12.03 -10.64 25.90
C VAL E 207 11.26 -11.28 27.05
N GLN E 208 10.48 -12.32 26.76
CA GLN E 208 9.59 -12.89 27.76
C GLN E 208 9.81 -14.39 27.90
N GLY E 209 9.60 -14.85 29.13
CA GLY E 209 9.45 -16.27 29.43
C GLY E 209 8.17 -16.42 30.22
N ALA E 210 7.86 -17.63 30.71
CA ALA E 210 6.65 -17.83 31.50
C ALA E 210 6.57 -16.83 32.65
N THR E 211 7.69 -16.55 33.31
CA THR E 211 7.68 -15.73 34.51
C THR E 211 8.73 -14.64 34.48
N THR E 212 9.18 -14.22 33.29
CA THR E 212 10.21 -13.21 33.19
C THR E 212 9.84 -12.19 32.12
N LEU E 213 10.35 -10.99 32.29
CA LEU E 213 10.18 -9.92 31.30
C LEU E 213 11.40 -9.01 31.39
N THR E 214 12.09 -8.84 30.27
CA THR E 214 13.24 -7.97 30.19
C THR E 214 13.14 -7.17 28.90
N ALA E 215 13.36 -5.87 29.00
CA ALA E 215 13.25 -4.97 27.87
C ALA E 215 14.56 -4.23 27.71
N PHE E 216 15.00 -4.06 26.47
CA PHE E 216 16.10 -3.18 26.15
C PHE E 216 15.81 -2.54 24.79
N HIS E 217 16.70 -1.64 24.36
CA HIS E 217 16.49 -0.95 23.09
C HIS E 217 17.82 -0.64 22.45
N GLU E 218 17.74 -0.29 21.16
CA GLU E 218 18.90 0.07 20.37
C GLU E 218 18.44 1.09 19.34
N GLN E 219 19.13 2.23 19.27
CA GLN E 219 18.83 3.24 18.26
C GLN E 219 20.03 3.39 17.34
N ALA E 220 19.75 3.46 16.04
CA ALA E 220 20.77 3.46 15.00
C ALA E 220 20.50 4.59 14.02
N THR E 221 21.53 4.96 13.28
CA THR E 221 21.40 5.90 12.19
C THR E 221 21.89 5.21 10.93
N TRP E 222 21.00 5.03 9.96
CA TRP E 222 21.41 4.26 8.79
C TRP E 222 22.14 5.14 7.79
N ALA E 223 22.80 4.47 6.84
CA ALA E 223 23.42 5.13 5.72
C ALA E 223 23.17 4.27 4.49
N THR E 224 22.79 4.92 3.38
CA THR E 224 22.62 4.21 2.12
C THR E 224 23.99 3.84 1.54
N LEU E 225 23.97 2.95 0.55
CA LEU E 225 25.22 2.60 -0.14
C LEU E 225 25.87 3.84 -0.75
N ALA E 226 25.07 4.75 -1.30
CA ALA E 226 25.63 5.96 -1.90
C ALA E 226 26.38 6.78 -0.86
N GLU E 227 25.79 6.95 0.35
CA GLU E 227 26.51 7.61 1.43
C GLU E 227 27.80 6.88 1.76
N ILE E 228 27.73 5.55 1.89
CA ILE E 228 28.90 4.78 2.29
C ILE E 228 30.03 4.92 1.27
N ARG E 229 29.69 4.95 -0.02
CA ARG E 229 30.71 5.19 -1.04
C ARG E 229 31.46 6.48 -0.76
N LEU E 230 30.72 7.54 -0.43
CA LEU E 230 31.35 8.82 -0.11
C LEU E 230 32.19 8.75 1.15
N MET E 231 31.61 8.24 2.23
CA MET E 231 32.33 8.18 3.51
C MET E 231 33.58 7.32 3.39
N ALA E 232 33.48 6.20 2.67
CA ALA E 232 34.64 5.36 2.40
C ALA E 232 35.75 6.14 1.72
N ARG E 233 35.43 6.79 0.59
CA ARG E 233 36.42 7.58 -0.13
C ARG E 233 37.07 8.63 0.77
N ILE E 234 36.28 9.31 1.60
CA ILE E 234 36.84 10.30 2.54
C ILE E 234 37.82 9.65 3.51
N ALA E 235 37.59 8.38 3.84
CA ALA E 235 38.37 7.68 4.86
C ALA E 235 39.55 6.89 4.29
N GLY E 236 39.74 6.90 2.99
CA GLY E 236 40.81 6.12 2.40
C GLY E 236 40.43 4.72 2.00
N LEU E 237 39.15 4.37 2.02
CA LEU E 237 38.68 3.06 1.60
C LEU E 237 37.97 3.14 0.26
N GLU E 238 37.74 1.99 -0.34
CA GLU E 238 36.95 1.93 -1.55
C GLU E 238 35.96 0.79 -1.45
N VAL E 239 34.70 1.06 -1.75
CA VAL E 239 33.71 -0.01 -1.87
C VAL E 239 34.07 -0.84 -3.10
N THR E 240 34.45 -2.10 -2.90
CA THR E 240 34.82 -2.96 -4.02
C THR E 240 33.81 -4.04 -4.34
N GLY E 241 32.82 -4.25 -3.47
CA GLY E 241 31.79 -5.24 -3.75
C GLY E 241 30.62 -5.01 -2.83
N VAL E 242 29.41 -5.30 -3.34
CA VAL E 242 28.20 -5.20 -2.55
C VAL E 242 27.31 -6.38 -2.93
N ASP E 243 26.92 -7.17 -1.94
CA ASP E 243 26.04 -8.31 -2.16
C ASP E 243 24.66 -8.04 -1.57
N GLY E 244 23.64 -8.64 -2.20
CA GLY E 244 22.26 -8.48 -1.79
C GLY E 244 21.76 -9.49 -0.78
N SER E 245 22.57 -10.49 -0.44
CA SER E 245 22.19 -11.47 0.58
C SER E 245 23.42 -12.30 0.93
N TYR E 246 23.31 -13.08 2.00
CA TYR E 246 24.42 -13.92 2.41
C TYR E 246 24.83 -14.90 1.32
N ALA E 247 23.91 -15.29 0.45
CA ALA E 247 24.20 -16.20 -0.66
C ALA E 247 25.03 -15.55 -1.75
N GLY E 248 25.32 -14.25 -1.67
CA GLY E 248 26.32 -13.63 -2.53
C GLY E 248 25.86 -13.15 -3.90
N GLU E 249 24.56 -13.08 -4.16
CA GLU E 249 24.10 -12.48 -5.40
C GLU E 249 24.28 -10.96 -5.37
N PRO E 250 24.32 -10.32 -6.54
CA PRO E 250 24.61 -8.89 -6.59
C PRO E 250 23.54 -8.05 -5.93
N TYR E 251 23.97 -6.91 -5.42
CA TYR E 251 23.05 -5.92 -4.86
C TYR E 251 22.27 -5.24 -5.96
N THR E 252 20.95 -5.25 -5.87
CA THR E 252 20.12 -4.58 -6.85
C THR E 252 18.98 -3.88 -6.12
N ALA E 253 18.12 -3.23 -6.91
CA ALA E 253 16.94 -2.57 -6.38
C ALA E 253 16.04 -3.53 -5.63
N ARG E 254 16.13 -4.83 -5.94
CA ARG E 254 15.30 -5.83 -5.29
C ARG E 254 15.93 -6.40 -4.03
N SER E 255 17.20 -6.08 -3.75
CA SER E 255 17.88 -6.62 -2.56
C SER E 255 17.29 -6.04 -1.27
N ARG E 256 17.25 -6.88 -0.22
CA ARG E 256 16.76 -6.46 1.08
C ARG E 256 17.87 -6.36 2.13
N GLU E 257 19.06 -6.83 1.80
CA GLU E 257 20.26 -6.67 2.61
C GLU E 257 21.27 -5.91 1.77
N MET E 258 22.21 -5.25 2.43
CA MET E 258 23.22 -4.45 1.75
C MET E 258 24.56 -4.79 2.40
N LEU E 259 25.26 -5.74 1.81
CA LEU E 259 26.46 -6.34 2.41
C LEU E 259 27.68 -5.77 1.70
N VAL E 260 28.40 -4.87 2.36
CA VAL E 260 29.39 -4.01 1.72
C VAL E 260 30.80 -4.54 1.96
N VAL E 261 31.55 -4.75 0.89
CA VAL E 261 32.96 -5.09 0.97
C VAL E 261 33.79 -3.85 0.64
N LEU E 262 34.79 -3.55 1.48
CA LEU E 262 35.66 -2.40 1.28
C LEU E 262 37.12 -2.81 1.36
N GLU E 263 37.98 -2.03 0.70
CA GLU E 263 39.41 -2.29 0.71
C GLU E 263 40.15 -0.97 0.78
N ARG E 264 41.43 -1.04 1.13
CA ARG E 264 42.24 0.17 1.16
C ARG E 264 42.41 0.71 -0.26
N GLN E 265 42.43 2.04 -0.37
CA GLN E 265 42.39 2.71 -1.67
C GLN E 265 43.53 2.34 -2.61
N THR F 30 0.08 -30.04 27.12
CA THR F 30 0.00 -28.61 27.41
C THR F 30 -0.20 -27.83 26.13
N ALA F 31 0.54 -28.21 25.10
CA ALA F 31 0.36 -27.58 23.79
C ALA F 31 -1.03 -27.90 23.22
N ILE F 32 -1.53 -29.11 23.47
CA ILE F 32 -2.85 -29.47 22.99
C ILE F 32 -3.92 -28.65 23.71
N GLU F 33 -3.71 -28.38 24.99
CA GLU F 33 -4.64 -27.51 25.73
C GLU F 33 -4.65 -26.11 25.14
N ALA F 34 -3.47 -25.54 24.91
CA ALA F 34 -3.36 -24.21 24.32
C ALA F 34 -4.00 -24.17 22.95
N TYR F 35 -3.69 -25.17 22.12
CA TYR F 35 -4.31 -25.34 20.81
C TYR F 35 -5.83 -25.32 20.91
N ASP F 36 -6.39 -26.06 21.87
CA ASP F 36 -7.84 -26.11 22.01
C ASP F 36 -8.42 -24.75 22.37
N LEU F 37 -7.75 -24.04 23.28
CA LEU F 37 -8.23 -22.72 23.67
C LEU F 37 -8.22 -21.77 22.49
N VAL F 38 -7.12 -21.76 21.73
CA VAL F 38 -7.01 -20.85 20.58
C VAL F 38 -8.12 -21.14 19.57
N SER F 39 -8.33 -22.42 19.26
CA SER F 39 -9.37 -22.78 18.28
C SER F 39 -10.75 -22.42 18.79
N SER F 40 -11.04 -22.69 20.07
CA SER F 40 -12.35 -22.37 20.63
C SER F 40 -12.65 -20.88 20.52
N MET F 41 -11.64 -20.03 20.68
CA MET F 41 -11.88 -18.59 20.70
C MET F 41 -11.74 -17.94 19.34
N LEU F 42 -10.74 -18.35 18.56
CA LEU F 42 -10.46 -17.72 17.28
C LEU F 42 -11.25 -18.34 16.15
N SER F 43 -11.53 -19.64 16.21
CA SER F 43 -12.28 -20.34 15.16
C SER F 43 -13.43 -21.16 15.76
N PRO F 44 -14.42 -20.50 16.36
CA PRO F 44 -15.57 -21.24 16.87
C PRO F 44 -16.35 -21.88 15.73
N GLY F 45 -17.09 -22.95 16.05
CA GLY F 45 -17.76 -23.71 15.02
C GLY F 45 -19.06 -23.14 14.50
N ALA F 46 -19.56 -22.05 15.08
CA ALA F 46 -20.91 -21.60 14.76
C ALA F 46 -21.02 -21.15 13.31
N GLY F 47 -20.01 -20.44 12.80
CA GLY F 47 -20.08 -19.98 11.42
C GLY F 47 -20.13 -21.12 10.44
N LEU F 48 -19.26 -22.12 10.62
CA LEU F 48 -19.30 -23.31 9.78
C LEU F 48 -20.68 -23.95 9.79
N VAL F 49 -21.29 -24.05 10.98
CA VAL F 49 -22.61 -24.66 11.10
C VAL F 49 -23.64 -23.85 10.34
N ALA F 50 -23.64 -22.52 10.54
CA ALA F 50 -24.59 -21.65 9.85
C ALA F 50 -24.37 -21.66 8.34
N TRP F 51 -23.13 -21.85 7.88
CA TRP F 51 -22.88 -21.87 6.44
C TRP F 51 -23.30 -23.22 5.84
N VAL F 52 -22.91 -24.33 6.48
CA VAL F 52 -23.35 -25.66 6.04
C VAL F 52 -24.87 -25.73 6.04
N SER F 53 -25.52 -25.18 7.08
CA SER F 53 -26.96 -25.28 7.21
C SER F 53 -27.69 -24.56 6.09
N SER F 54 -27.12 -23.51 5.53
CA SER F 54 -27.79 -22.81 4.44
C SER F 54 -27.76 -23.59 3.14
N HIS F 55 -27.01 -24.71 3.09
CA HIS F 55 -26.94 -25.54 1.90
C HIS F 55 -27.48 -26.95 2.13
N ARG F 56 -27.41 -27.47 3.35
CA ARG F 56 -27.90 -28.80 3.68
C ARG F 56 -28.46 -28.77 5.09
N PRO F 57 -29.63 -29.36 5.31
CA PRO F 57 -30.11 -29.52 6.69
C PRO F 57 -29.23 -30.48 7.48
N LEU F 58 -29.13 -30.23 8.79
CA LEU F 58 -28.28 -30.98 9.69
C LEU F 58 -29.03 -31.74 10.76
N ASP F 59 -30.20 -31.25 11.20
CA ASP F 59 -30.95 -31.92 12.26
C ASP F 59 -31.37 -33.32 11.83
N GLY F 60 -30.73 -34.35 12.41
CA GLY F 60 -31.01 -35.72 12.07
C GLY F 60 -30.14 -36.32 10.99
N ARG F 61 -29.31 -35.51 10.33
CA ARG F 61 -28.48 -36.03 9.26
C ARG F 61 -27.13 -36.47 9.81
N THR F 62 -26.36 -37.19 8.99
CA THR F 62 -25.04 -37.68 9.37
C THR F 62 -23.94 -36.79 8.81
N VAL F 63 -22.91 -36.55 9.61
CA VAL F 63 -21.81 -35.66 9.25
C VAL F 63 -20.49 -36.37 9.52
N LEU F 64 -19.61 -36.36 8.52
CA LEU F 64 -18.23 -36.80 8.67
C LEU F 64 -17.33 -35.56 8.76
N ASP F 65 -16.68 -35.36 9.91
CA ASP F 65 -15.89 -34.17 10.20
C ASP F 65 -14.42 -34.54 10.16
N LEU F 66 -13.72 -34.13 9.11
CA LEU F 66 -12.35 -34.56 8.90
C LEU F 66 -11.38 -33.53 9.46
N GLY F 67 -10.38 -34.01 10.21
CA GLY F 67 -9.49 -33.13 10.93
C GLY F 67 -10.23 -32.50 12.09
N CYS F 68 -10.87 -33.33 12.91
CA CYS F 68 -11.74 -32.80 13.95
C CYS F 68 -10.97 -32.16 15.09
N GLY F 69 -9.70 -32.49 15.24
CA GLY F 69 -8.90 -31.92 16.32
C GLY F 69 -9.53 -32.22 17.67
N THR F 70 -9.40 -31.27 18.57
CA THR F 70 -10.04 -31.40 19.86
C THR F 70 -11.59 -31.20 19.79
N GLY F 71 -12.20 -31.10 18.60
CA GLY F 71 -13.64 -31.21 18.46
C GLY F 71 -14.45 -29.93 18.43
N VAL F 72 -13.83 -28.76 18.26
CA VAL F 72 -14.58 -27.51 18.28
C VAL F 72 -15.65 -27.51 17.18
N SER F 73 -15.28 -27.94 15.98
CA SER F 73 -16.27 -28.00 14.91
C SER F 73 -17.26 -29.15 15.15
N SER F 74 -16.75 -30.33 15.54
CA SER F 74 -17.61 -31.49 15.76
C SER F 74 -18.73 -31.17 16.75
N PHE F 75 -18.38 -30.61 17.91
CA PHE F 75 -19.40 -30.28 18.91
C PHE F 75 -20.46 -29.35 18.36
N ALA F 76 -20.06 -28.34 17.57
CA ALA F 76 -21.05 -27.41 17.05
C ALA F 76 -21.98 -28.09 16.04
N LEU F 77 -21.47 -29.07 15.30
CA LEU F 77 -22.31 -29.80 14.36
C LEU F 77 -23.31 -30.69 15.10
N ALA F 78 -22.83 -31.48 16.07
CA ALA F 78 -23.73 -32.31 16.87
C ALA F 78 -24.84 -31.47 17.50
N GLU F 79 -24.48 -30.31 18.06
CA GLU F 79 -25.47 -29.44 18.72
C GLU F 79 -26.46 -28.83 17.74
N ALA F 80 -26.21 -28.94 16.44
CA ALA F 80 -27.19 -28.53 15.44
C ALA F 80 -28.15 -29.67 15.10
N GLY F 81 -27.96 -30.85 15.68
CA GLY F 81 -28.79 -32.00 15.44
C GLY F 81 -28.08 -33.17 14.80
N ALA F 82 -26.78 -33.07 14.53
CA ALA F 82 -26.13 -34.02 13.65
C ALA F 82 -25.52 -35.17 14.43
N ARG F 83 -25.54 -36.35 13.82
CA ARG F 83 -24.76 -37.47 14.26
C ARG F 83 -23.42 -37.36 13.56
N VAL F 84 -22.36 -37.15 14.32
CA VAL F 84 -21.06 -36.78 13.76
C VAL F 84 -20.09 -37.93 13.94
N VAL F 85 -19.32 -38.21 12.89
CA VAL F 85 -18.14 -39.05 12.99
C VAL F 85 -16.93 -38.12 12.81
N ALA F 86 -16.16 -37.94 13.88
CA ALA F 86 -15.06 -36.98 13.90
C ALA F 86 -13.74 -37.73 13.76
N VAL F 87 -12.96 -37.38 12.72
CA VAL F 87 -11.72 -38.08 12.39
C VAL F 87 -10.53 -37.15 12.55
N ASP F 88 -9.46 -37.66 13.17
CA ASP F 88 -8.21 -36.93 13.30
C ASP F 88 -7.06 -37.90 13.42
N ALA F 89 -5.88 -37.47 12.98
CA ALA F 89 -4.70 -38.32 13.10
C ALA F 89 -3.98 -38.16 14.43
N SER F 90 -4.30 -37.13 15.21
CA SER F 90 -3.62 -36.88 16.48
C SER F 90 -4.39 -37.57 17.59
N ARG F 91 -3.85 -38.70 18.06
CA ARG F 91 -4.38 -39.37 19.25
C ARG F 91 -4.56 -38.41 20.42
N PRO F 92 -3.58 -37.57 20.79
CA PRO F 92 -3.81 -36.65 21.91
C PRO F 92 -4.94 -35.66 21.69
N SER F 93 -5.23 -35.28 20.44
CA SER F 93 -6.34 -34.36 20.21
C SER F 93 -7.67 -35.07 20.41
N LEU F 94 -7.76 -36.30 19.90
CA LEU F 94 -8.95 -37.12 20.17
C LEU F 94 -9.13 -37.37 21.66
N ASP F 95 -8.02 -37.61 22.38
CA ASP F 95 -8.12 -37.74 23.83
C ASP F 95 -8.85 -36.57 24.44
N MET F 96 -8.50 -35.34 24.05
CA MET F 96 -9.16 -34.18 24.63
C MET F 96 -10.57 -33.98 24.09
N LEU F 97 -10.82 -34.35 22.83
CA LEU F 97 -12.20 -34.34 22.34
C LEU F 97 -13.10 -35.17 23.26
N GLU F 98 -12.65 -36.38 23.62
CA GLU F 98 -13.44 -37.28 24.46
C GLU F 98 -13.70 -36.68 25.83
N LYS F 99 -12.65 -36.13 26.47
CA LYS F 99 -12.82 -35.54 27.79
C LYS F 99 -13.71 -34.31 27.79
N LYS F 100 -13.95 -33.70 26.63
CA LYS F 100 -14.80 -32.52 26.58
C LYS F 100 -16.13 -32.79 25.90
N ARG F 101 -16.32 -33.99 25.33
CA ARG F 101 -17.49 -34.28 24.53
C ARG F 101 -18.79 -34.25 25.34
N LEU F 102 -18.72 -34.63 26.62
CA LEU F 102 -19.91 -34.76 27.49
C LEU F 102 -20.87 -35.75 26.84
N ASP F 103 -22.10 -35.35 26.51
CA ASP F 103 -23.11 -36.24 25.94
C ASP F 103 -23.41 -35.93 24.48
N ARG F 104 -22.58 -35.13 23.82
CA ARG F 104 -22.81 -34.83 22.41
C ARG F 104 -22.62 -36.07 21.55
N ASP F 105 -23.40 -36.13 20.47
CA ASP F 105 -23.42 -37.29 19.59
C ASP F 105 -22.26 -37.21 18.59
N VAL F 106 -21.08 -37.63 19.04
CA VAL F 106 -19.87 -37.53 18.23
C VAL F 106 -19.02 -38.78 18.43
N GLU F 107 -18.80 -39.54 17.36
CA GLU F 107 -17.96 -40.74 17.38
C GLU F 107 -16.56 -40.36 16.92
N ALA F 108 -15.61 -40.29 17.86
CA ALA F 108 -14.25 -39.92 17.56
C ALA F 108 -13.50 -41.12 17.00
N VAL F 109 -12.80 -40.93 15.89
CA VAL F 109 -12.14 -42.01 15.17
C VAL F 109 -10.73 -41.58 14.82
N GLU F 110 -9.76 -42.45 15.09
CA GLU F 110 -8.39 -42.18 14.67
C GLU F 110 -8.21 -42.63 13.23
N GLY F 111 -7.66 -41.75 12.40
CA GLY F 111 -7.60 -42.03 10.98
C GLY F 111 -6.88 -40.91 10.24
N ASP F 112 -6.46 -41.23 9.03
CA ASP F 112 -5.73 -40.33 8.14
C ASP F 112 -6.65 -39.96 6.99
N PHE F 113 -7.04 -38.68 6.90
CA PHE F 113 -8.03 -38.34 5.88
C PHE F 113 -7.43 -38.33 4.47
N ARG F 114 -6.14 -38.61 4.32
CA ARG F 114 -5.57 -38.86 3.01
C ARG F 114 -5.83 -40.28 2.55
N ASP F 115 -6.28 -41.16 3.45
CA ASP F 115 -6.52 -42.57 3.14
C ASP F 115 -7.50 -43.12 4.18
N LEU F 116 -8.77 -42.78 4.02
CA LEU F 116 -9.81 -43.25 4.92
C LEU F 116 -10.05 -44.75 4.70
N THR F 117 -10.06 -45.52 5.80
CA THR F 117 -10.31 -46.96 5.75
C THR F 117 -11.52 -47.28 6.62
N PHE F 118 -12.70 -46.89 6.15
CA PHE F 118 -13.96 -47.45 6.61
C PHE F 118 -14.95 -47.30 5.46
N ASP F 119 -16.21 -47.67 5.68
CA ASP F 119 -17.11 -47.84 4.54
C ASP F 119 -18.40 -47.04 4.67
N SER F 120 -18.45 -46.08 5.57
CA SER F 120 -19.72 -45.37 5.78
C SER F 120 -19.96 -44.35 4.68
N THR F 121 -21.22 -43.93 4.59
CA THR F 121 -21.69 -42.93 3.64
C THR F 121 -22.47 -41.88 4.42
N PHE F 122 -22.30 -40.59 4.04
CA PHE F 122 -22.76 -39.50 4.88
C PHE F 122 -23.56 -38.48 4.10
N ASP F 123 -24.48 -37.84 4.81
CA ASP F 123 -25.23 -36.72 4.24
C ASP F 123 -24.32 -35.53 3.98
N VAL F 124 -23.34 -35.31 4.85
CA VAL F 124 -22.55 -34.06 4.88
C VAL F 124 -21.14 -34.39 5.34
N VAL F 125 -20.15 -33.79 4.67
CA VAL F 125 -18.75 -33.89 5.08
C VAL F 125 -18.22 -32.48 5.29
N THR F 126 -17.46 -32.28 6.37
CA THR F 126 -16.95 -30.96 6.71
C THR F 126 -15.45 -31.00 6.98
N MET F 127 -14.79 -29.89 6.68
CA MET F 127 -13.42 -29.63 7.10
C MET F 127 -13.40 -28.19 7.58
N SER F 128 -13.09 -27.99 8.86
CA SER F 128 -13.14 -26.66 9.44
C SER F 128 -12.09 -25.75 8.82
N ARG F 129 -12.12 -24.47 9.24
CA ARG F 129 -11.29 -23.40 8.71
C ARG F 129 -9.85 -23.83 8.44
N ASN F 130 -9.48 -23.90 7.16
CA ASN F 130 -8.14 -24.20 6.64
C ASN F 130 -7.63 -25.61 6.91
N THR F 131 -8.44 -26.50 7.50
CA THR F 131 -7.95 -27.87 7.69
C THR F 131 -7.65 -28.52 6.34
N PHE F 132 -8.44 -28.21 5.31
CA PHE F 132 -8.17 -28.70 3.96
C PHE F 132 -6.72 -28.44 3.54
N PHE F 133 -6.14 -27.30 3.96
CA PHE F 133 -4.78 -26.95 3.53
C PHE F 133 -3.72 -27.78 4.24
N LEU F 134 -4.11 -28.65 5.18
CA LEU F 134 -3.16 -29.49 5.90
C LEU F 134 -2.89 -30.82 5.20
N ALA F 135 -3.67 -31.18 4.18
CA ALA F 135 -3.21 -32.14 3.19
C ALA F 135 -2.24 -31.37 2.30
N GLN F 136 -0.95 -31.57 2.52
CA GLN F 136 0.04 -30.61 2.05
C GLN F 136 0.19 -30.60 0.52
N GLU F 137 0.70 -31.68 -0.06
CA GLU F 137 0.94 -31.69 -1.50
C GLU F 137 -0.37 -31.83 -2.27
N GLN F 138 -0.33 -31.44 -3.55
CA GLN F 138 -1.53 -31.49 -4.37
C GLN F 138 -2.09 -32.91 -4.48
N GLU F 139 -1.20 -33.91 -4.62
CA GLU F 139 -1.65 -35.30 -4.68
C GLU F 139 -2.34 -35.71 -3.38
N GLU F 140 -1.91 -35.14 -2.25
CA GLU F 140 -2.56 -35.46 -0.99
C GLU F 140 -3.96 -34.86 -0.93
N LYS F 141 -4.14 -33.63 -1.43
CA LYS F 141 -5.48 -33.05 -1.51
C LYS F 141 -6.37 -33.86 -2.45
N ILE F 142 -5.80 -34.42 -3.51
CA ILE F 142 -6.59 -35.23 -4.42
C ILE F 142 -7.00 -36.54 -3.74
N ALA F 143 -6.06 -37.19 -3.05
CA ALA F 143 -6.39 -38.40 -2.31
C ALA F 143 -7.43 -38.12 -1.23
N LEU F 144 -7.33 -36.96 -0.56
CA LEU F 144 -8.34 -36.60 0.42
C LEU F 144 -9.69 -36.40 -0.24
N LEU F 145 -9.74 -35.74 -1.40
CA LEU F 145 -11.02 -35.50 -2.07
C LEU F 145 -11.61 -36.79 -2.66
N ARG F 146 -10.76 -37.70 -3.09
CA ARG F 146 -11.26 -39.04 -3.46
C ARG F 146 -11.96 -39.67 -2.27
N GLY F 147 -11.29 -39.73 -1.12
CA GLY F 147 -11.91 -40.26 0.08
C GLY F 147 -13.22 -39.58 0.42
N ILE F 148 -13.30 -38.26 0.23
CA ILE F 148 -14.54 -37.55 0.51
C ILE F 148 -15.64 -38.02 -0.44
N ALA F 149 -15.33 -38.12 -1.74
CA ALA F 149 -16.33 -38.61 -2.69
C ALA F 149 -16.84 -39.98 -2.31
N ARG F 150 -15.92 -40.90 -2.01
CA ARG F 150 -16.26 -42.26 -1.59
C ARG F 150 -17.14 -42.31 -0.34
N HIS F 151 -17.19 -41.23 0.44
CA HIS F 151 -17.96 -41.25 1.67
C HIS F 151 -19.16 -40.31 1.64
N LEU F 152 -19.52 -39.81 0.47
CA LEU F 152 -20.72 -39.00 0.31
C LEU F 152 -21.87 -39.89 -0.15
N LYS F 153 -23.07 -39.61 0.38
CA LYS F 153 -24.26 -40.22 -0.16
C LYS F 153 -24.56 -39.60 -1.52
N PRO F 154 -25.38 -40.27 -2.33
CA PRO F 154 -25.68 -39.72 -3.68
C PRO F 154 -26.03 -38.24 -3.68
N GLY F 155 -26.91 -37.80 -2.79
CA GLY F 155 -27.29 -36.40 -2.73
C GLY F 155 -26.52 -35.56 -1.72
N GLY F 156 -25.45 -36.08 -1.13
CA GLY F 156 -24.71 -35.38 -0.10
C GLY F 156 -24.03 -34.10 -0.59
N ALA F 157 -23.19 -33.54 0.29
CA ALA F 157 -22.42 -32.35 -0.04
C ALA F 157 -21.22 -32.25 0.91
N ALA F 158 -20.08 -31.86 0.36
CA ALA F 158 -18.87 -31.63 1.15
C ALA F 158 -18.62 -30.14 1.31
N PHE F 159 -18.00 -29.75 2.42
CA PHE F 159 -17.81 -28.35 2.75
C PHE F 159 -16.35 -28.12 3.17
N LEU F 160 -15.66 -27.24 2.44
CA LEU F 160 -14.28 -26.84 2.74
C LEU F 160 -14.31 -25.39 3.23
N ASP F 161 -14.17 -25.21 4.54
CA ASP F 161 -14.08 -23.89 5.15
C ASP F 161 -12.63 -23.40 5.03
N CYS F 162 -12.42 -22.34 4.24
CA CYS F 162 -11.07 -21.85 3.96
C CYS F 162 -11.00 -20.33 4.02
N THR F 163 -9.87 -19.83 4.51
CA THR F 163 -9.46 -18.46 4.19
C THR F 163 -9.20 -18.35 2.69
N ASP F 164 -9.62 -17.23 2.10
CA ASP F 164 -9.17 -16.94 0.75
C ASP F 164 -7.65 -16.78 0.76
N PRO F 165 -6.90 -17.59 0.02
CA PRO F 165 -5.43 -17.53 0.09
C PRO F 165 -4.81 -16.21 -0.33
N ALA F 166 -5.54 -15.34 -1.04
CA ALA F 166 -5.04 -13.99 -1.29
C ALA F 166 -4.70 -13.25 0.01
N GLU F 167 -5.40 -13.60 1.10
CA GLU F 167 -5.12 -13.00 2.40
C GLU F 167 -3.72 -13.34 2.88
N PHE F 168 -3.22 -14.52 2.57
CA PHE F 168 -1.89 -14.91 3.03
C PHE F 168 -0.77 -14.14 2.33
N GLN F 169 -1.09 -13.41 1.26
CA GLN F 169 -0.07 -12.82 0.40
C GLN F 169 0.02 -11.31 0.56
N ARG F 170 -0.74 -10.71 1.46
CA ARG F 170 -0.87 -9.25 1.54
C ARG F 170 0.42 -8.55 1.95
N ALA F 171 1.35 -9.26 2.60
CA ALA F 171 2.55 -8.60 3.10
C ALA F 171 3.80 -9.11 2.40
N GLY F 172 3.66 -9.66 1.19
CA GLY F 172 4.79 -10.31 0.56
C GLY F 172 5.25 -11.56 1.27
N GLY F 173 4.48 -12.07 2.23
CA GLY F 173 4.91 -13.18 3.05
C GLY F 173 5.82 -12.83 4.22
N ASP F 174 6.10 -11.54 4.44
CA ASP F 174 6.94 -11.13 5.56
C ASP F 174 6.24 -11.39 6.89
N ALA F 175 7.04 -11.66 7.92
CA ALA F 175 6.50 -11.94 9.24
C ALA F 175 5.60 -10.79 9.71
N ARG F 176 4.38 -11.14 10.09
CA ARG F 176 3.43 -10.23 10.72
C ARG F 176 2.90 -10.90 11.97
N SER F 177 2.54 -10.09 12.98
CA SER F 177 2.07 -10.60 14.26
C SER F 177 0.81 -9.86 14.66
N VAL F 178 -0.19 -10.60 15.13
CA VAL F 178 -1.36 -10.01 15.76
C VAL F 178 -1.59 -10.69 17.11
N THR F 179 -2.07 -9.92 18.09
CA THR F 179 -2.27 -10.42 19.44
C THR F 179 -3.74 -10.37 19.84
N TYR F 180 -4.28 -11.50 20.32
CA TYR F 180 -5.70 -11.59 20.62
C TYR F 180 -5.92 -11.95 22.09
N PRO F 181 -6.91 -11.35 22.76
CA PRO F 181 -7.27 -11.83 24.09
C PRO F 181 -7.92 -13.20 23.99
N LEU F 182 -7.73 -14.00 25.03
CA LEU F 182 -8.40 -15.31 25.15
C LEU F 182 -9.07 -15.36 26.53
N GLY F 183 -10.12 -14.57 26.71
CA GLY F 183 -10.64 -14.33 28.03
C GLY F 183 -9.91 -13.19 28.72
N ARG F 184 -10.13 -13.08 30.02
CA ARG F 184 -9.48 -12.00 30.76
C ARG F 184 -8.11 -12.41 31.30
N ASP F 185 -7.74 -13.68 31.19
CA ASP F 185 -6.54 -14.20 31.81
C ASP F 185 -5.54 -14.83 30.85
N ARG F 186 -5.84 -14.89 29.55
CA ARG F 186 -5.00 -15.55 28.56
C ARG F 186 -4.95 -14.70 27.29
N MET F 187 -3.90 -14.88 26.50
CA MET F 187 -3.77 -14.18 25.23
C MET F 187 -2.96 -15.06 24.27
N VAL F 188 -3.11 -14.79 22.98
CA VAL F 188 -2.31 -15.49 21.99
C VAL F 188 -1.75 -14.49 21.00
N THR F 189 -0.45 -14.58 20.73
CA THR F 189 0.19 -13.86 19.65
C THR F 189 0.41 -14.84 18.50
N VAL F 190 -0.11 -14.49 17.32
CA VAL F 190 0.03 -15.28 16.11
C VAL F 190 0.97 -14.55 15.17
N THR F 191 2.06 -15.21 14.81
CA THR F 191 3.03 -14.67 13.86
C THR F 191 3.01 -15.54 12.63
N GLN F 192 2.77 -14.93 11.47
CA GLN F 192 2.65 -15.68 10.23
C GLN F 192 3.73 -15.27 9.23
N THR F 193 4.28 -16.25 8.53
CA THR F 193 5.13 -16.03 7.38
C THR F 193 4.61 -16.91 6.25
N ALA F 194 4.84 -16.47 5.02
CA ALA F 194 4.36 -17.24 3.88
C ALA F 194 5.39 -17.20 2.76
N ASP F 195 5.33 -18.22 1.90
CA ASP F 195 6.08 -18.26 0.65
C ASP F 195 5.07 -18.49 -0.47
N ARG F 196 4.87 -17.46 -1.28
CA ARG F 196 3.85 -17.48 -2.32
C ARG F 196 4.17 -18.48 -3.42
N ALA F 197 5.45 -18.78 -3.63
CA ALA F 197 5.80 -19.69 -4.71
C ALA F 197 5.49 -21.14 -4.34
N GLY F 198 5.84 -21.53 -3.13
CA GLY F 198 5.45 -22.82 -2.60
C GLY F 198 4.05 -22.88 -2.07
N GLN F 199 3.34 -21.75 -2.04
CA GLN F 199 2.00 -21.62 -1.45
C GLN F 199 2.00 -22.16 -0.02
N GLN F 200 3.08 -21.86 0.71
CA GLN F 200 3.27 -22.24 2.10
C GLN F 200 2.87 -21.09 3.02
N ILE F 201 2.19 -21.43 4.11
CA ILE F 201 1.88 -20.46 5.17
C ILE F 201 2.18 -21.11 6.53
N LEU F 202 2.98 -20.42 7.33
CA LEU F 202 3.40 -20.91 8.64
C LEU F 202 2.82 -19.98 9.71
N SER F 203 2.13 -20.57 10.70
CA SER F 203 1.57 -19.82 11.82
C SER F 203 2.25 -20.30 13.09
N ILE F 204 2.82 -19.36 13.84
CA ILE F 204 3.40 -19.65 15.16
C ILE F 204 2.45 -19.06 16.20
N PHE F 205 2.09 -19.87 17.20
CA PHE F 205 1.15 -19.46 18.23
C PHE F 205 1.90 -19.40 19.56
N LEU F 206 1.85 -18.25 20.21
CA LEU F 206 2.49 -18.06 21.51
C LEU F 206 1.38 -17.69 22.48
N VAL F 207 0.99 -18.65 23.31
CA VAL F 207 -0.16 -18.52 24.21
C VAL F 207 0.34 -18.21 25.62
N GLN F 208 -0.20 -17.16 26.22
CA GLN F 208 0.32 -16.67 27.50
C GLN F 208 -0.77 -16.51 28.54
N GLY F 209 -0.39 -16.79 29.79
CA GLY F 209 -1.13 -16.31 30.94
C GLY F 209 -0.18 -15.52 31.81
N ALA F 210 -0.64 -15.09 32.99
CA ALA F 210 0.21 -14.35 33.92
C ALA F 210 1.55 -15.04 34.16
N THR F 211 1.55 -16.37 34.28
CA THR F 211 2.80 -17.06 34.59
C THR F 211 3.03 -18.28 33.70
N THR F 212 2.40 -18.32 32.52
CA THR F 212 2.60 -19.42 31.60
C THR F 212 2.91 -18.89 30.19
N LEU F 213 3.70 -19.68 29.46
CA LEU F 213 3.99 -19.47 28.05
C LEU F 213 4.01 -20.84 27.38
N THR F 214 3.15 -21.04 26.36
CA THR F 214 3.14 -22.25 25.55
C THR F 214 3.22 -21.86 24.08
N ALA F 215 4.14 -22.47 23.35
CA ALA F 215 4.36 -22.16 21.94
C ALA F 215 4.10 -23.39 21.10
N PHE F 216 3.43 -23.20 19.96
CA PHE F 216 3.26 -24.26 18.98
C PHE F 216 3.09 -23.62 17.61
N HIS F 217 3.18 -24.44 16.57
CA HIS F 217 3.09 -23.92 15.21
C HIS F 217 2.35 -24.90 14.33
N GLU F 218 1.89 -24.39 13.19
CA GLU F 218 1.25 -25.17 12.16
C GLU F 218 1.63 -24.58 10.82
N GLN F 219 2.00 -25.43 9.85
CA GLN F 219 2.32 -25.00 8.50
C GLN F 219 1.39 -25.68 7.52
N ALA F 220 0.87 -24.92 6.57
CA ALA F 220 -0.09 -25.43 5.60
C ALA F 220 0.31 -25.00 4.19
N THR F 221 -0.21 -25.75 3.22
CA THR F 221 -0.05 -25.46 1.80
C THR F 221 -1.40 -25.07 1.24
N TRP F 222 -1.53 -23.83 0.77
CA TRP F 222 -2.85 -23.44 0.32
C TRP F 222 -3.07 -23.86 -1.12
N ALA F 223 -4.33 -23.83 -1.54
CA ALA F 223 -4.73 -23.98 -2.92
C ALA F 223 -5.81 -22.96 -3.23
N THR F 224 -5.81 -22.42 -4.45
CA THR F 224 -6.84 -21.48 -4.84
C THR F 224 -8.11 -22.22 -5.25
N LEU F 225 -9.19 -21.45 -5.41
CA LEU F 225 -10.43 -22.02 -5.94
C LEU F 225 -10.20 -22.70 -7.29
N ALA F 226 -9.42 -22.07 -8.18
CA ALA F 226 -9.18 -22.67 -9.49
C ALA F 226 -8.45 -24.00 -9.34
N GLU F 227 -7.47 -24.06 -8.44
CA GLU F 227 -6.81 -25.32 -8.15
C GLU F 227 -7.80 -26.34 -7.63
N ILE F 228 -8.72 -25.91 -6.77
CA ILE F 228 -9.66 -26.84 -6.16
C ILE F 228 -10.62 -27.38 -7.21
N ARG F 229 -11.02 -26.54 -8.18
CA ARG F 229 -11.88 -27.03 -9.25
C ARG F 229 -11.25 -28.21 -9.97
N LEU F 230 -9.95 -28.13 -10.27
CA LEU F 230 -9.27 -29.20 -10.97
C LEU F 230 -9.13 -30.43 -10.10
N MET F 231 -8.63 -30.24 -8.87
CA MET F 231 -8.52 -31.33 -7.90
C MET F 231 -9.85 -32.05 -7.72
N ALA F 232 -10.95 -31.30 -7.61
CA ALA F 232 -12.26 -31.92 -7.46
C ALA F 232 -12.54 -32.85 -8.64
N ARG F 233 -12.34 -32.35 -9.87
CA ARG F 233 -12.60 -33.13 -11.09
C ARG F 233 -11.76 -34.42 -11.12
N ILE F 234 -10.46 -34.31 -10.86
CA ILE F 234 -9.62 -35.50 -10.83
C ILE F 234 -10.18 -36.51 -9.84
N ALA F 235 -10.68 -36.04 -8.70
CA ALA F 235 -11.09 -36.91 -7.61
C ALA F 235 -12.50 -37.47 -7.77
N GLY F 236 -13.31 -36.92 -8.67
CA GLY F 236 -14.66 -37.39 -8.84
C GLY F 236 -15.72 -36.53 -8.20
N LEU F 237 -15.40 -35.30 -7.84
CA LEU F 237 -16.36 -34.36 -7.29
C LEU F 237 -16.49 -33.15 -8.21
N GLU F 238 -17.36 -32.24 -7.81
CA GLU F 238 -17.60 -31.04 -8.58
C GLU F 238 -17.94 -29.91 -7.59
N VAL F 239 -17.27 -28.78 -7.75
CA VAL F 239 -17.64 -27.57 -7.02
C VAL F 239 -19.00 -27.10 -7.53
N THR F 240 -20.00 -27.12 -6.66
CA THR F 240 -21.34 -26.66 -7.03
C THR F 240 -21.70 -25.31 -6.43
N GLY F 241 -20.90 -24.80 -5.49
CA GLY F 241 -21.14 -23.46 -4.97
C GLY F 241 -19.96 -22.96 -4.16
N VAL F 242 -19.71 -21.65 -4.19
CA VAL F 242 -18.69 -21.02 -3.37
C VAL F 242 -19.30 -19.80 -2.72
N ASP F 243 -19.10 -19.66 -1.42
CA ASP F 243 -19.58 -18.49 -0.69
C ASP F 243 -18.37 -17.67 -0.22
N GLY F 244 -18.61 -16.38 -0.03
CA GLY F 244 -17.55 -15.46 0.33
C GLY F 244 -17.47 -15.16 1.81
N SER F 245 -18.50 -15.55 2.56
CA SER F 245 -18.54 -15.37 4.00
C SER F 245 -19.54 -16.37 4.57
N TYR F 246 -19.49 -16.55 5.89
CA TYR F 246 -20.43 -17.45 6.54
C TYR F 246 -21.87 -17.03 6.32
N ALA F 247 -22.11 -15.75 6.03
CA ALA F 247 -23.45 -15.23 5.80
C ALA F 247 -24.01 -15.62 4.43
N GLY F 248 -23.20 -16.17 3.53
CA GLY F 248 -23.69 -16.70 2.29
C GLY F 248 -23.58 -15.80 1.08
N GLU F 249 -22.89 -14.66 1.19
CA GLU F 249 -22.61 -13.84 0.01
C GLU F 249 -21.88 -14.68 -1.04
N PRO F 250 -22.19 -14.49 -2.33
CA PRO F 250 -21.43 -15.22 -3.35
C PRO F 250 -19.96 -14.83 -3.29
N TYR F 251 -19.10 -15.77 -3.70
CA TYR F 251 -17.66 -15.54 -3.71
C TYR F 251 -17.30 -14.59 -4.86
N THR F 252 -16.66 -13.48 -4.53
CA THR F 252 -16.24 -12.49 -5.53
C THR F 252 -14.79 -12.09 -5.27
N ALA F 253 -14.26 -11.24 -6.15
CA ALA F 253 -12.90 -10.75 -5.97
C ALA F 253 -12.71 -10.02 -4.64
N ARG F 254 -13.79 -9.54 -4.01
CA ARG F 254 -13.68 -8.85 -2.74
C ARG F 254 -13.78 -9.79 -1.54
N SER F 255 -14.16 -11.06 -1.76
CA SER F 255 -14.31 -12.00 -0.66
C SER F 255 -12.96 -12.26 0.02
N ARG F 256 -13.01 -12.38 1.35
CA ARG F 256 -11.83 -12.71 2.14
C ARG F 256 -11.86 -14.14 2.65
N GLU F 257 -12.96 -14.85 2.43
CA GLU F 257 -13.08 -16.26 2.74
C GLU F 257 -13.53 -17.01 1.49
N MET F 258 -13.21 -18.31 1.46
CA MET F 258 -13.42 -19.14 0.28
C MET F 258 -14.07 -20.43 0.78
N LEU F 259 -15.41 -20.47 0.73
CA LEU F 259 -16.20 -21.52 1.36
C LEU F 259 -16.77 -22.38 0.23
N VAL F 260 -16.16 -23.53 0.02
CA VAL F 260 -16.40 -24.35 -1.16
C VAL F 260 -17.40 -25.46 -0.82
N VAL F 261 -18.43 -25.58 -1.66
CA VAL F 261 -19.37 -26.71 -1.61
C VAL F 261 -19.04 -27.65 -2.76
N LEU F 262 -18.94 -28.95 -2.46
CA LEU F 262 -18.67 -29.96 -3.48
C LEU F 262 -19.71 -31.07 -3.42
N GLU F 263 -19.99 -31.65 -4.59
CA GLU F 263 -20.92 -32.77 -4.72
C GLU F 263 -20.30 -33.81 -5.65
N ARG F 264 -20.77 -35.04 -5.53
CA ARG F 264 -20.34 -36.07 -6.47
C ARG F 264 -20.78 -35.68 -7.88
N GLN F 265 -19.92 -35.95 -8.87
CA GLN F 265 -20.33 -35.67 -10.26
C GLN F 265 -21.10 -36.85 -10.83
N SAH G . -27.40 13.86 -14.54
CA SAH G . -26.14 14.05 -15.30
CB SAH G . -25.06 14.51 -14.32
CG SAH G . -24.40 15.77 -14.72
SD SAH G . -22.87 16.03 -13.85
C SAH G . -25.69 12.71 -15.90
O SAH G . -24.72 12.74 -16.61
OXT SAH G . -26.29 11.72 -15.59
C5' SAH G . -23.27 17.35 -12.68
C4' SAH G . -24.25 18.37 -13.21
O4' SAH G . -24.81 19.16 -12.15
C3' SAH G . -23.69 19.37 -14.21
O3' SAH G . -24.38 19.25 -15.45
C2' SAH G . -23.97 20.72 -13.54
O2' SAH G . -24.12 21.78 -14.44
C1' SAH G . -25.23 20.32 -12.80
N9 SAH G . -25.82 21.30 -11.90
C8 SAH G . -27.11 21.77 -11.92
N7 SAH G . -27.38 22.66 -10.99
C5 SAH G . -26.17 22.77 -10.33
C6 SAH G . -25.76 23.55 -9.25
N6 SAH G . -26.53 24.39 -8.58
N1 SAH G . -24.47 23.43 -8.86
C2 SAH G . -23.68 22.59 -9.52
N3 SAH G . -23.94 21.82 -10.54
C4 SAH G . -25.21 21.95 -10.90
N SAH H . 3.34 -14.56 -30.58
CA SAH H . 2.98 -13.23 -31.11
CB SAH H . 1.53 -12.84 -30.83
CG SAH H . 1.11 -12.96 -29.38
SD SAH H . -0.54 -12.30 -29.10
C SAH H . 3.92 -12.17 -30.54
O SAH H . 4.98 -12.57 -30.12
OXT SAH H . 3.54 -11.01 -30.56
C5' SAH H . -1.60 -13.76 -29.08
C4' SAH H . -2.05 -14.45 -30.35
O4' SAH H . -2.76 -15.67 -30.06
C3' SAH H . -2.95 -13.65 -31.28
O3' SAH H . -2.32 -13.60 -32.53
C2' SAH H . -4.24 -14.46 -31.36
O2' SAH H . -4.92 -14.40 -32.58
C1' SAH H . -3.73 -15.86 -31.05
N9 SAH H . -4.74 -16.80 -30.57
C8 SAH H . -5.61 -16.63 -29.54
N7 SAH H . -6.37 -17.67 -29.31
C5 SAH H . -5.96 -18.59 -30.25
C6 SAH H . -6.37 -19.91 -30.52
N6 SAH H . -7.31 -20.57 -29.87
N1 SAH H . -5.72 -20.55 -31.52
C2 SAH H . -4.78 -19.91 -32.20
N3 SAH H . -4.32 -18.69 -32.02
C4 SAH H . -4.95 -18.07 -31.02
N SAH I . 15.77 26.15 -14.90
CA SAH I . 14.90 25.84 -16.05
CB SAH I . 15.24 24.52 -16.73
CG SAH I . 15.36 23.31 -15.81
SD SAH I . 15.52 21.77 -16.75
C SAH I . 13.43 25.88 -15.65
O SAH I . 12.65 25.33 -16.41
OXT SAH I . 13.13 26.46 -14.63
C5' SAH I . 17.26 21.36 -16.69
C4' SAH I . 18.19 22.15 -17.57
O4' SAH I . 19.55 21.87 -17.20
C3' SAH I . 18.09 21.86 -19.07
O3' SAH I . 17.80 23.06 -19.75
C2' SAH I . 19.46 21.27 -19.42
O2' SAH I . 19.95 21.55 -20.70
C1' SAH I . 20.35 21.86 -18.34
N9 SAH I . 21.55 21.09 -18.08
C8 SAH I . 21.66 19.75 -17.91
N7 SAH I . 22.88 19.36 -17.66
C5 SAH I . 23.61 20.52 -17.68
C6 SAH I . 24.97 20.79 -17.50
N6 SAH I . 25.87 19.87 -17.25
N1 SAH I . 25.37 22.08 -17.59
C2 SAH I . 24.47 23.01 -17.88
N3 SAH I . 23.17 22.88 -18.06
C4 SAH I . 22.80 21.59 -17.95
N SAH J . -8.78 12.23 30.68
CA SAH J . -8.20 10.97 31.20
CB SAH J . -9.03 9.73 30.86
CG SAH J . -9.34 9.49 29.39
SD SAH J . -10.17 7.87 29.14
C SAH J . -6.74 10.82 30.75
O SAH J . -6.25 9.72 30.86
OXT SAH J . -6.17 11.80 30.36
C5' SAH J . -11.92 8.21 28.96
C4' SAH J . -12.75 8.36 30.20
O4' SAH J . -14.05 8.83 29.84
C3' SAH J . -12.97 7.12 31.06
O3' SAH J . -12.45 7.40 32.35
C2' SAH J . -14.48 6.91 31.07
O2' SAH J . -14.99 6.54 32.32
C1' SAH J . -14.96 8.31 30.78
N9 SAH J . -16.30 8.41 30.23
C8 SAH J . -16.85 7.76 29.17
N7 SAH J . -18.06 8.10 28.91
C5 SAH J . -18.35 9.06 29.86
C6 SAH J . -19.49 9.82 30.13
N6 SAH J . -20.61 9.74 29.45
N1 SAH J . -19.42 10.68 31.17
C2 SAH J . -18.30 10.74 31.88
N3 SAH J . -17.17 10.08 31.72
C4 SAH J . -17.26 9.25 30.68
N SAH K . 28.66 -8.52 16.93
CA SAH K . 27.67 -8.89 17.97
CB SAH K . 26.99 -7.69 18.64
CG SAH K . 26.31 -6.70 17.72
SD SAH K . 25.24 -5.51 18.61
C SAH K . 26.68 -9.92 17.42
O SAH K . 25.71 -10.19 18.12
OXT SAH K . 26.93 -10.43 16.33
C5' SAH K . 26.12 -3.95 18.65
C4' SAH K . 27.29 -3.87 19.58
O4' SAH K . 28.13 -2.76 19.22
C3' SAH K . 26.93 -3.69 21.05
O3' SAH K . 27.52 -4.71 21.81
C2' SAH K . 27.49 -2.31 21.40
O2' SAH K . 27.90 -2.14 22.73
C1' SAH K . 28.62 -2.17 20.39
N9 SAH K . 29.01 -0.79 20.15
C8 SAH K . 28.18 0.25 19.85
N7 SAH K . 28.81 1.38 19.71
C5 SAH K . 30.14 1.07 19.92
C6 SAH K . 31.30 1.84 19.89
N6 SAH K . 31.32 3.14 19.63
N1 SAH K . 32.47 1.21 20.13
C2 SAH K . 32.45 -0.10 20.38
N3 SAH K . 31.41 -0.92 20.45
C4 SAH K . 30.28 -0.27 20.20
N SAH L . -11.74 -29.18 13.30
CA SAH L . -11.01 -28.77 14.50
CB SAH L . -9.49 -28.92 14.34
CG SAH L . -8.87 -28.24 13.12
SD SAH L . -7.07 -28.16 13.26
C SAH L . -11.38 -27.34 14.90
O SAH L . -10.57 -26.72 15.60
OXT SAH L . -12.48 -26.93 14.55
C5' SAH L . -6.42 -29.28 12.03
C4' SAH L . -6.49 -30.69 12.52
O4' SAH L . -6.34 -31.63 11.44
C3' SAH L . -5.42 -31.11 13.54
O3' SAH L . -6.09 -31.59 14.69
C2' SAH L . -4.68 -32.25 12.84
O2' SAH L . -4.09 -33.16 13.73
C1' SAH L . -5.85 -32.78 12.06
N9 SAH L . -5.66 -33.88 11.13
C8 SAH L . -6.40 -35.04 11.10
N7 SAH L . -6.05 -35.86 10.16
C5 SAH L . -5.02 -35.22 9.53
C6 SAH L . -4.21 -35.57 8.43
N6 SAH L . -4.34 -36.69 7.74
N1 SAH L . -3.25 -34.69 8.07
C2 SAH L . -3.14 -33.55 8.75
N3 SAH L . -3.85 -33.10 9.76
C4 SAH L . -4.77 -33.99 10.11
#